data_9E61
#
_entry.id   9E61
#
loop_
_entity.id
_entity.type
_entity.pdbx_description
1 polymer 'Dolichyl-phosphate-mannose--protein mannosyltransferase 4'
2 non-polymer 1-PALMITOYL-2-LINOLEOYL-SN-GLYCERO-3-PHOSPHOCHOLINE
#
_entity_poly.entity_id   1
_entity_poly.type   'polypeptide(L)'
_entity_poly.pdbx_seq_one_letter_code
;MSVPKKRNHGKLPPSTKDVDDPSLKYTKAAPKCEQVAEHWLLQPLPEPESRYSFWVTIVTLLAFAARFYKIWYPKEVVFD
EVHFGKFASYYLERSYFFDVHPPFAKMMIAFIGWLCGYDGSFKFDEIGYSYETHPAPYIAYRSFNAILGTLTVPIMFNTL
KELNFRAITCAFASLLVAIDTAHVTETRLILLDAILIISIAATMYCYVRFYKCQLRQPFTWSWYIWLHATGLSLSFVIST
KYVGVMTYSAIGFAAVVNLWQLLDIKAGLSLRQFMRHFSKRLNGLVLIPFVIYLFWFWVHFTVLNTSGPGDAFMSAEFQE
TLKDSPLSVDSKTVNYFDIITIKHQDTDAFLHSHLARYPQRYEDGRISSAGQQVTGYTHPDFNNQWEVLPPHGSDVGKGQ
AVLLNQHIRLRHVATDTYLLAHDVASPFYPTNEEITTVTLEEGDGELYPETLFAFQPLKKSDEGHVLKSKTVSFRLFHVD
TSVALWTHNDELLPDWGFQQQEINGNKKVIDPSNNWVVDEIVNLDEVRKVYIPKVVKPLPFLKKWIETQKSMFEHNNKLS
SEHPFASEPYSWPGSLSGVSFWTNGDEKKQIYFIGNIIGWWFQVISLAVFVGIIVADLITRHRGYYALNKMTREKLYGPL
MFFFVSWCCHYFPFFLMARQKFLHHYLPAHLIACLFSGALWEVIFSDCKSLDLEKDEDISGASYERNPKVYVKPYTVFLV
CVSCAVAWFFVYFSPLVYGDVSLSPSEVVSREWFDIELNFSK
;
_entity_poly.pdbx_strand_id   A,B
#
# COMPACT_ATOMS: atom_id res chain seq x y z
N ALA A 37 -19.83 4.57 35.44
CA ALA A 37 -20.16 3.32 36.13
C ALA A 37 -19.78 3.29 37.62
N GLU A 38 -19.80 4.45 38.29
CA GLU A 38 -19.42 4.58 39.69
C GLU A 38 -20.27 3.68 40.60
N HIS A 39 -21.60 3.68 40.46
CA HIS A 39 -22.45 2.90 41.34
C HIS A 39 -22.31 1.40 41.09
N TRP A 40 -22.18 0.96 39.84
CA TRP A 40 -21.98 -0.44 39.47
C TRP A 40 -20.64 -0.99 39.98
N LEU A 41 -19.54 -0.27 39.75
CA LEU A 41 -18.19 -0.76 40.07
C LEU A 41 -17.86 -0.72 41.58
N LEU A 42 -18.61 0.05 42.35
CA LEU A 42 -18.48 0.11 43.81
C LEU A 42 -19.35 -0.92 44.56
N GLN A 43 -20.19 -1.69 43.86
CA GLN A 43 -20.93 -2.80 44.46
C GLN A 43 -20.00 -3.90 44.99
N PRO A 44 -20.43 -4.66 46.02
CA PRO A 44 -19.78 -5.91 46.38
C PRO A 44 -19.87 -6.92 45.22
N LEU A 45 -19.01 -7.93 45.23
CA LEU A 45 -19.06 -9.00 44.24
C LEU A 45 -20.44 -9.68 44.25
N PRO A 46 -21.02 -10.01 43.08
CA PRO A 46 -22.35 -10.62 43.00
C PRO A 46 -22.41 -12.06 43.53
N GLU A 47 -21.26 -12.69 43.77
CA GLU A 47 -21.12 -14.07 44.25
C GLU A 47 -19.98 -14.20 45.27
N PRO A 48 -20.00 -15.22 46.15
CA PRO A 48 -18.88 -15.51 47.05
C PRO A 48 -17.57 -15.78 46.32
N GLU A 49 -16.44 -15.41 46.92
CA GLU A 49 -15.11 -15.59 46.33
C GLU A 49 -14.79 -17.03 45.96
N SER A 50 -15.30 -18.02 46.72
CA SER A 50 -15.11 -19.44 46.44
C SER A 50 -15.61 -19.86 45.05
N ARG A 51 -16.70 -19.24 44.55
CA ARG A 51 -17.20 -19.50 43.19
C ARG A 51 -16.25 -18.96 42.13
N TYR A 52 -15.69 -17.77 42.35
CA TYR A 52 -14.67 -17.22 41.45
C TYR A 52 -13.41 -18.09 41.44
N SER A 53 -12.92 -18.49 42.62
CA SER A 53 -11.75 -19.37 42.75
C SER A 53 -11.96 -20.73 42.07
N PHE A 54 -13.16 -21.30 42.17
CA PHE A 54 -13.50 -22.54 41.46
C PHE A 54 -13.39 -22.36 39.94
N TRP A 55 -14.10 -21.38 39.37
CA TRP A 55 -14.15 -21.19 37.93
C TRP A 55 -12.82 -20.75 37.31
N VAL A 56 -12.06 -19.87 37.99
CA VAL A 56 -10.73 -19.45 37.51
C VAL A 56 -9.77 -20.64 37.46
N THR A 57 -9.84 -21.54 38.45
CA THR A 57 -9.01 -22.76 38.48
C THR A 57 -9.35 -23.67 37.30
N ILE A 58 -10.64 -23.94 37.08
CA ILE A 58 -11.08 -24.81 35.96
C ILE A 58 -10.62 -24.26 34.61
N VAL A 59 -10.88 -22.98 34.31
CA VAL A 59 -10.52 -22.41 33.00
C VAL A 59 -9.01 -22.28 32.81
N THR A 60 -8.24 -22.05 33.89
CA THR A 60 -6.77 -22.04 33.84
C THR A 60 -6.22 -23.44 33.58
N LEU A 61 -6.79 -24.49 34.18
CA LEU A 61 -6.40 -25.88 33.91
C LEU A 61 -6.70 -26.30 32.46
N LEU A 62 -7.84 -25.87 31.91
CA LEU A 62 -8.15 -26.09 30.49
C LEU A 62 -7.15 -25.37 29.58
N ALA A 63 -6.81 -24.12 29.89
CA ALA A 63 -5.83 -23.35 29.13
C ALA A 63 -4.43 -23.98 29.16
N PHE A 64 -4.03 -24.48 30.34
CA PHE A 64 -2.77 -25.21 30.54
C PHE A 64 -2.75 -26.49 29.69
N ALA A 65 -3.80 -27.30 29.77
CA ALA A 65 -3.91 -28.54 29.00
C ALA A 65 -3.85 -28.28 27.48
N ALA A 66 -4.56 -27.26 26.98
CA ALA A 66 -4.57 -26.91 25.56
C ALA A 66 -3.19 -26.43 25.04
N ARG A 67 -2.39 -25.74 25.85
CA ARG A 67 -1.09 -25.21 25.41
C ARG A 67 0.05 -26.21 25.57
N PHE A 68 0.04 -26.99 26.65
CA PHE A 68 1.09 -27.97 26.94
C PHE A 68 0.88 -29.33 26.27
N TYR A 69 -0.28 -29.58 25.66
CA TYR A 69 -0.50 -30.79 24.88
C TYR A 69 0.55 -30.92 23.77
N LYS A 70 1.32 -32.02 23.82
CA LYS A 70 2.41 -32.34 22.88
C LYS A 70 3.34 -31.18 22.56
N ILE A 71 3.75 -30.41 23.57
CA ILE A 71 4.58 -29.20 23.37
C ILE A 71 5.96 -29.48 22.72
N TRP A 72 6.44 -30.72 22.84
CA TRP A 72 7.68 -31.18 22.18
C TRP A 72 7.53 -31.42 20.67
N TYR A 73 6.31 -31.42 20.15
CA TYR A 73 6.01 -31.70 18.75
C TYR A 73 5.56 -30.43 18.00
N PRO A 74 5.97 -30.22 16.74
CA PRO A 74 6.97 -30.99 15.99
C PRO A 74 8.39 -30.74 16.52
N LYS A 75 9.31 -31.68 16.33
CA LYS A 75 10.73 -31.53 16.71
C LYS A 75 11.53 -30.77 15.65
N GLU A 76 10.87 -29.79 15.03
CA GLU A 76 11.40 -29.01 13.94
C GLU A 76 11.05 -27.53 14.12
N VAL A 77 11.82 -26.67 13.46
CA VAL A 77 11.56 -25.24 13.39
C VAL A 77 10.25 -24.98 12.64
N VAL A 78 9.36 -24.19 13.25
CA VAL A 78 8.02 -23.88 12.72
C VAL A 78 7.90 -22.38 12.43
N PHE A 79 7.38 -21.99 11.26
CA PHE A 79 7.02 -20.59 10.95
C PHE A 79 8.11 -19.58 11.37
N ASP A 80 7.73 -18.50 12.05
CA ASP A 80 8.60 -17.44 12.55
C ASP A 80 9.55 -17.85 13.70
N GLU A 81 9.57 -19.13 14.13
CA GLU A 81 10.67 -19.64 14.97
C GLU A 81 12.04 -19.43 14.26
N VAL A 82 12.05 -19.42 12.93
CA VAL A 82 13.24 -19.08 12.11
C VAL A 82 13.82 -17.70 12.41
N HIS A 83 12.98 -16.76 12.86
CA HIS A 83 13.40 -15.40 13.19
C HIS A 83 13.69 -15.28 14.68
N PHE A 84 12.75 -15.66 15.54
CA PHE A 84 12.87 -15.41 16.98
C PHE A 84 13.83 -16.38 17.68
N GLY A 85 13.94 -17.62 17.21
CA GLY A 85 14.97 -18.55 17.64
C GLY A 85 16.36 -18.04 17.24
N LYS A 86 16.52 -17.58 15.99
CA LYS A 86 17.76 -16.97 15.48
C LYS A 86 18.19 -15.75 16.29
N PHE A 87 17.24 -14.85 16.60
CA PHE A 87 17.52 -13.69 17.45
C PHE A 87 17.94 -14.09 18.88
N ALA A 88 17.34 -15.14 19.44
CA ALA A 88 17.75 -15.68 20.74
C ALA A 88 19.21 -16.15 20.70
N SER A 89 19.60 -16.87 19.65
CA SER A 89 20.98 -17.29 19.41
C SER A 89 21.94 -16.10 19.30
N TYR A 90 21.62 -15.05 18.54
CA TYR A 90 22.48 -13.86 18.44
C TYR A 90 22.66 -13.11 19.76
N TYR A 91 21.64 -13.08 20.64
CA TYR A 91 21.81 -12.51 21.97
C TYR A 91 22.81 -13.29 22.83
N LEU A 92 22.78 -14.62 22.75
CA LEU A 92 23.67 -15.49 23.52
C LEU A 92 25.13 -15.38 23.02
N GLU A 93 25.31 -15.25 21.71
CA GLU A 93 26.62 -15.00 21.08
C GLU A 93 27.09 -13.55 21.19
N ARG A 94 26.22 -12.64 21.62
CA ARG A 94 26.47 -11.19 21.70
C ARG A 94 26.68 -10.52 20.33
N SER A 95 26.20 -11.17 19.27
CA SER A 95 26.31 -10.72 17.87
C SER A 95 25.22 -9.70 17.53
N TYR A 96 25.62 -8.54 17.02
CA TYR A 96 24.67 -7.48 16.68
C TYR A 96 23.76 -7.89 15.51
N PHE A 97 22.46 -7.76 15.72
CA PHE A 97 21.44 -7.99 14.70
C PHE A 97 20.45 -6.83 14.67
N PHE A 98 19.85 -6.61 13.51
CA PHE A 98 18.81 -5.62 13.31
C PHE A 98 17.44 -6.31 13.20
N ASP A 99 16.42 -5.68 13.75
CA ASP A 99 15.03 -6.10 13.60
C ASP A 99 14.12 -4.87 13.64
N VAL A 100 12.96 -4.97 13.00
CA VAL A 100 11.96 -3.90 12.90
C VAL A 100 11.12 -3.73 14.17
N HIS A 101 11.21 -4.66 15.12
CA HIS A 101 10.51 -4.61 16.41
C HIS A 101 11.44 -4.34 17.59
N PRO A 102 10.92 -3.70 18.66
CA PRO A 102 11.73 -3.41 19.85
C PRO A 102 12.22 -4.69 20.57
N PRO A 103 13.25 -4.58 21.43
CA PRO A 103 14.05 -5.73 21.81
C PRO A 103 13.48 -6.60 22.94
N PHE A 104 12.50 -6.12 23.72
CA PHE A 104 12.12 -6.75 25.00
C PHE A 104 11.70 -8.21 24.86
N ALA A 105 10.76 -8.51 23.97
CA ALA A 105 10.24 -9.87 23.83
C ALA A 105 11.32 -10.87 23.34
N LYS A 106 12.17 -10.44 22.39
CA LYS A 106 13.31 -11.25 21.93
C LYS A 106 14.33 -11.50 23.04
N MET A 107 14.59 -10.49 23.89
CA MET A 107 15.46 -10.67 25.07
C MET A 107 14.84 -11.63 26.10
N MET A 108 13.51 -11.63 26.27
CA MET A 108 12.86 -12.62 27.15
C MET A 108 13.05 -14.04 26.62
N ILE A 109 12.89 -14.26 25.31
CA ILE A 109 13.16 -15.56 24.70
C ILE A 109 14.62 -15.93 24.91
N ALA A 110 15.58 -15.06 24.55
CA ALA A 110 17.01 -15.29 24.77
C ALA A 110 17.36 -15.60 26.24
N PHE A 111 16.69 -14.94 27.19
CA PHE A 111 16.87 -15.17 28.62
C PHE A 111 16.52 -16.60 29.03
N ILE A 112 15.51 -17.21 28.45
CA ILE A 112 15.20 -18.63 28.69
C ILE A 112 16.33 -19.54 28.18
N GLY A 113 16.90 -19.21 27.02
CA GLY A 113 18.04 -19.94 26.46
C GLY A 113 19.25 -19.85 27.37
N TRP A 114 19.52 -18.64 27.87
CA TRP A 114 20.57 -18.38 28.84
C TRP A 114 20.38 -19.17 30.14
N LEU A 115 19.16 -19.26 30.67
CA LEU A 115 18.85 -20.09 31.84
C LEU A 115 19.07 -21.59 31.59
N CYS A 116 18.89 -22.06 30.35
CA CYS A 116 19.16 -23.43 29.93
C CYS A 116 20.65 -23.70 29.64
N GLY A 117 21.52 -22.70 29.72
CA GLY A 117 22.94 -22.84 29.35
C GLY A 117 23.18 -23.02 27.85
N TYR A 118 22.22 -22.59 27.02
CA TYR A 118 22.36 -22.63 25.56
C TYR A 118 23.33 -21.55 25.08
N ASP A 119 24.19 -21.89 24.13
CA ASP A 119 25.28 -21.06 23.63
C ASP A 119 24.93 -20.23 22.38
N GLY A 120 23.82 -20.55 21.71
CA GLY A 120 23.41 -19.89 20.47
C GLY A 120 23.94 -20.53 19.19
N SER A 121 24.53 -21.73 19.26
CA SER A 121 25.08 -22.45 18.10
C SER A 121 24.06 -22.69 16.98
N PHE A 122 22.83 -23.11 17.31
CA PHE A 122 21.77 -23.38 16.33
C PHE A 122 21.11 -22.08 15.82
N LYS A 123 20.99 -21.93 14.49
CA LYS A 123 20.54 -20.67 13.85
C LYS A 123 19.09 -20.63 13.41
N PHE A 124 18.34 -21.73 13.46
CA PHE A 124 16.93 -21.74 13.02
C PHE A 124 16.79 -21.22 11.58
N ASP A 125 17.64 -21.65 10.64
CA ASP A 125 17.71 -20.99 9.33
C ASP A 125 16.46 -21.19 8.46
N GLU A 126 15.85 -22.37 8.51
CA GLU A 126 14.69 -22.72 7.69
C GLU A 126 13.62 -23.46 8.50
N ILE A 127 12.38 -23.39 8.00
CA ILE A 127 11.26 -24.21 8.51
C ILE A 127 11.55 -25.67 8.19
N GLY A 128 11.29 -26.57 9.14
CA GLY A 128 11.54 -28.00 9.00
C GLY A 128 12.91 -28.47 9.49
N TYR A 129 13.81 -27.57 9.88
CA TYR A 129 15.09 -27.95 10.49
C TYR A 129 14.87 -28.73 11.79
N SER A 130 15.51 -29.90 11.90
CA SER A 130 15.40 -30.76 13.07
C SER A 130 16.12 -30.16 14.27
N TYR A 131 15.46 -30.19 15.44
CA TYR A 131 16.07 -29.88 16.73
C TYR A 131 16.93 -31.02 17.28
N GLU A 132 16.98 -32.19 16.62
CA GLU A 132 17.76 -33.35 17.07
C GLU A 132 19.23 -33.27 16.67
N THR A 133 19.54 -32.71 15.50
CA THR A 133 20.93 -32.61 14.98
C THR A 133 21.73 -31.53 15.69
N HIS A 134 21.07 -30.43 16.08
CA HIS A 134 21.67 -29.31 16.81
C HIS A 134 20.73 -28.86 17.95
N PRO A 135 20.95 -29.34 19.19
CA PRO A 135 19.96 -29.20 20.25
C PRO A 135 19.86 -27.76 20.78
N ALA A 136 18.93 -26.98 20.22
CA ALA A 136 18.41 -25.78 20.85
C ALA A 136 17.39 -26.16 21.96
N PRO A 137 17.25 -25.39 23.05
CA PRO A 137 16.30 -25.67 24.13
C PRO A 137 14.85 -25.30 23.73
N TYR A 138 14.38 -25.78 22.58
CA TYR A 138 13.11 -25.42 21.98
C TYR A 138 11.90 -25.76 22.87
N ILE A 139 11.96 -26.87 23.61
CA ILE A 139 10.91 -27.22 24.59
C ILE A 139 10.82 -26.16 25.69
N ALA A 140 11.96 -25.63 26.16
CA ALA A 140 11.96 -24.58 27.18
C ALA A 140 11.40 -23.27 26.63
N TYR A 141 11.77 -22.88 25.41
CA TYR A 141 11.20 -21.70 24.74
C TYR A 141 9.69 -21.82 24.52
N ARG A 142 9.23 -22.95 23.96
CA ARG A 142 7.80 -23.22 23.76
C ARG A 142 7.05 -23.26 25.09
N SER A 143 7.62 -23.87 26.12
CA SER A 143 7.05 -23.92 27.47
C SER A 143 6.92 -22.52 28.09
N PHE A 144 7.91 -21.65 27.92
CA PHE A 144 7.83 -20.27 28.37
C PHE A 144 6.62 -19.55 27.76
N ASN A 145 6.44 -19.65 26.43
CA ASN A 145 5.28 -19.07 25.76
C ASN A 145 3.96 -19.71 26.21
N ALA A 146 3.94 -21.04 26.40
CA ALA A 146 2.76 -21.75 26.89
C ALA A 146 2.36 -21.31 28.30
N ILE A 147 3.32 -21.01 29.17
CA ILE A 147 3.08 -20.43 30.51
C ILE A 147 2.43 -19.06 30.35
N LEU A 148 2.98 -18.16 29.52
CA LEU A 148 2.43 -16.82 29.33
C LEU A 148 1.01 -16.85 28.73
N GLY A 149 0.79 -17.70 27.72
CA GLY A 149 -0.54 -17.92 27.15
C GLY A 149 -1.53 -18.46 28.18
N THR A 150 -1.10 -19.37 29.05
CA THR A 150 -1.93 -19.90 30.14
C THR A 150 -2.25 -18.83 31.17
N LEU A 151 -1.27 -18.01 31.58
CA LEU A 151 -1.44 -16.94 32.58
C LEU A 151 -2.28 -15.77 32.07
N THR A 152 -2.40 -15.59 30.75
CA THR A 152 -3.34 -14.62 30.15
C THR A 152 -4.78 -14.90 30.60
N VAL A 153 -5.19 -16.17 30.61
CA VAL A 153 -6.57 -16.59 30.93
C VAL A 153 -7.06 -16.14 32.32
N PRO A 154 -6.34 -16.38 33.44
CA PRO A 154 -6.76 -15.89 34.74
C PRO A 154 -6.70 -14.35 34.86
N ILE A 155 -5.85 -13.65 34.10
CA ILE A 155 -5.84 -12.17 34.07
C ILE A 155 -7.13 -11.65 33.44
N MET A 156 -7.56 -12.28 32.34
CA MET A 156 -8.83 -11.96 31.67
C MET A 156 -10.03 -12.22 32.60
N PHE A 157 -10.03 -13.37 33.27
CA PHE A 157 -11.05 -13.72 34.26
C PHE A 157 -11.15 -12.66 35.36
N ASN A 158 -10.00 -12.30 35.94
CA ASN A 158 -9.95 -11.33 37.04
C ASN A 158 -10.30 -9.91 36.59
N THR A 159 -10.08 -9.57 35.32
CA THR A 159 -10.52 -8.28 34.74
C THR A 159 -12.04 -8.14 34.83
N LEU A 160 -12.80 -9.16 34.40
CA LEU A 160 -14.26 -9.15 34.52
C LEU A 160 -14.76 -9.26 35.96
N LYS A 161 -14.08 -10.04 36.81
CA LYS A 161 -14.38 -10.11 38.24
C LYS A 161 -14.29 -8.71 38.87
N GLU A 162 -13.24 -7.96 38.54
CA GLU A 162 -13.08 -6.60 39.07
C GLU A 162 -14.09 -5.62 38.46
N LEU A 163 -14.60 -5.87 37.27
CA LEU A 163 -15.74 -5.13 36.70
C LEU A 163 -17.11 -5.60 37.23
N ASN A 164 -17.13 -6.36 38.33
CA ASN A 164 -18.31 -6.84 39.06
C ASN A 164 -19.22 -7.81 38.29
N PHE A 165 -18.71 -8.48 37.25
CA PHE A 165 -19.46 -9.55 36.57
C PHE A 165 -19.45 -10.87 37.36
N ARG A 166 -20.43 -11.74 37.09
CA ARG A 166 -20.57 -13.04 37.77
C ARG A 166 -19.43 -13.99 37.42
N ALA A 167 -19.19 -14.98 38.29
CA ALA A 167 -18.09 -15.92 38.11
C ALA A 167 -18.20 -16.74 36.81
N ILE A 168 -19.43 -17.14 36.44
CA ILE A 168 -19.69 -17.88 35.19
C ILE A 168 -19.39 -17.03 33.94
N THR A 169 -19.66 -15.72 34.00
CA THR A 169 -19.38 -14.74 32.95
C THR A 169 -17.88 -14.58 32.75
N CYS A 170 -17.15 -14.45 33.87
CA CYS A 170 -15.69 -14.41 33.88
C CYS A 170 -15.09 -15.70 33.29
N ALA A 171 -15.65 -16.86 33.67
CA ALA A 171 -15.22 -18.17 33.17
C ALA A 171 -15.41 -18.28 31.66
N PHE A 172 -16.60 -17.91 31.16
CA PHE A 172 -16.95 -17.99 29.75
C PHE A 172 -16.07 -17.10 28.87
N ALA A 173 -15.92 -15.82 29.21
CA ALA A 173 -15.06 -14.91 28.46
C ALA A 173 -13.60 -15.41 28.40
N SER A 174 -13.11 -15.98 29.51
CA SER A 174 -11.75 -16.53 29.58
C SER A 174 -11.62 -17.84 28.83
N LEU A 175 -12.69 -18.66 28.80
CA LEU A 175 -12.76 -19.90 28.03
C LEU A 175 -12.64 -19.61 26.52
N LEU A 176 -13.30 -18.56 26.02
CA LEU A 176 -13.18 -18.13 24.62
C LEU A 176 -11.73 -17.85 24.20
N VAL A 177 -10.83 -17.51 25.13
CA VAL A 177 -9.38 -17.36 24.86
C VAL A 177 -8.60 -18.64 25.18
N ALA A 178 -9.04 -19.40 26.20
CA ALA A 178 -8.37 -20.62 26.64
C ALA A 178 -8.34 -21.69 25.54
N ILE A 179 -9.43 -21.82 24.78
CA ILE A 179 -9.65 -22.81 23.71
C ILE A 179 -9.91 -22.17 22.33
N ASP A 180 -9.38 -20.96 22.09
CA ASP A 180 -9.32 -20.42 20.74
C ASP A 180 -8.12 -21.01 20.00
N THR A 181 -8.35 -21.49 18.77
CA THR A 181 -7.33 -22.19 17.99
C THR A 181 -6.15 -21.29 17.64
N ALA A 182 -6.38 -20.01 17.33
CA ALA A 182 -5.32 -19.06 16.99
C ALA A 182 -4.46 -18.70 18.22
N HIS A 183 -5.11 -18.33 19.33
CA HIS A 183 -4.42 -18.07 20.60
C HIS A 183 -3.64 -19.27 21.10
N VAL A 184 -4.19 -20.49 20.96
CA VAL A 184 -3.47 -21.70 21.30
C VAL A 184 -2.27 -21.86 20.39
N THR A 185 -2.42 -21.96 19.06
CA THR A 185 -1.29 -22.16 18.12
C THR A 185 -0.14 -21.18 18.35
N GLU A 186 -0.42 -19.87 18.44
CA GLU A 186 0.61 -18.83 18.63
C GLU A 186 1.34 -18.96 19.97
N THR A 187 0.62 -19.26 21.05
CA THR A 187 1.20 -19.26 22.40
C THR A 187 1.91 -20.55 22.79
N ARG A 188 2.05 -21.53 21.89
CA ARG A 188 2.86 -22.76 22.11
C ARG A 188 4.13 -22.81 21.26
N LEU A 189 4.29 -21.90 20.31
CA LEU A 189 5.46 -21.81 19.43
C LEU A 189 6.37 -20.67 19.88
N ILE A 190 7.62 -20.60 19.40
CA ILE A 190 8.60 -19.57 19.80
C ILE A 190 8.33 -18.24 19.08
N LEU A 191 7.24 -17.57 19.48
CA LEU A 191 6.73 -16.33 18.89
C LEU A 191 6.68 -15.18 19.92
N LEU A 192 6.62 -13.93 19.46
CA LEU A 192 6.55 -12.76 20.36
C LEU A 192 5.15 -12.54 20.94
N ASP A 193 4.13 -13.14 20.34
CA ASP A 193 2.72 -12.82 20.57
C ASP A 193 2.24 -13.28 21.96
N ALA A 194 2.82 -14.34 22.53
CA ALA A 194 2.54 -14.72 23.91
C ALA A 194 2.89 -13.61 24.92
N ILE A 195 4.04 -12.95 24.72
CA ILE A 195 4.50 -11.83 25.55
C ILE A 195 3.67 -10.58 25.30
N LEU A 196 3.26 -10.33 24.05
CA LEU A 196 2.39 -9.22 23.70
C LEU A 196 1.01 -9.36 24.36
N ILE A 197 0.34 -10.49 24.16
CA ILE A 197 -1.03 -10.74 24.59
C ILE A 197 -1.16 -10.72 26.11
N ILE A 198 -0.23 -11.34 26.84
CA ILE A 198 -0.24 -11.28 28.32
C ILE A 198 -0.02 -9.84 28.81
N SER A 199 0.83 -9.05 28.15
CA SER A 199 1.09 -7.66 28.51
C SER A 199 -0.14 -6.77 28.25
N ILE A 200 -0.91 -7.05 27.19
CA ILE A 200 -2.18 -6.37 26.91
C ILE A 200 -3.23 -6.75 27.96
N ALA A 201 -3.38 -8.03 28.27
CA ALA A 201 -4.29 -8.50 29.32
C ALA A 201 -3.95 -7.86 30.68
N ALA A 202 -2.66 -7.85 31.05
CA ALA A 202 -2.18 -7.22 32.27
C ALA A 202 -2.46 -5.71 32.29
N THR A 203 -2.30 -5.03 31.15
CA THR A 203 -2.61 -3.60 31.01
C THR A 203 -4.09 -3.33 31.30
N MET A 204 -5.00 -4.10 30.69
CA MET A 204 -6.45 -3.95 30.90
C MET A 204 -6.81 -4.20 32.37
N TYR A 205 -6.31 -5.28 32.95
CA TYR A 205 -6.52 -5.61 34.36
C TYR A 205 -6.01 -4.51 35.30
N CYS A 206 -4.75 -4.09 35.15
CA CYS A 206 -4.14 -3.06 35.99
C CYS A 206 -4.90 -1.73 35.88
N TYR A 207 -5.35 -1.34 34.68
CA TYR A 207 -6.14 -0.13 34.49
C TYR A 207 -7.50 -0.21 35.18
N VAL A 208 -8.21 -1.35 35.09
CA VAL A 208 -9.47 -1.57 35.82
C VAL A 208 -9.25 -1.44 37.34
N ARG A 209 -8.18 -2.05 37.87
CA ARG A 209 -7.81 -1.94 39.29
C ARG A 209 -7.51 -0.50 39.70
N PHE A 210 -6.74 0.21 38.88
CA PHE A 210 -6.45 1.64 39.05
C PHE A 210 -7.75 2.46 39.09
N TYR A 211 -8.66 2.22 38.13
CA TYR A 211 -9.91 2.95 38.03
C TYR A 211 -10.81 2.70 39.25
N LYS A 212 -10.91 1.48 39.76
CA LYS A 212 -11.63 1.21 41.03
C LYS A 212 -11.02 1.93 42.23
N CYS A 213 -9.68 1.98 42.31
CA CYS A 213 -9.01 2.76 43.35
C CYS A 213 -9.29 4.26 43.20
N GLN A 214 -9.33 4.76 41.96
CA GLN A 214 -9.70 6.15 41.64
C GLN A 214 -11.13 6.48 42.10
N LEU A 215 -12.09 5.58 41.88
CA LEU A 215 -13.48 5.77 42.31
C LEU A 215 -13.63 5.76 43.84
N ARG A 216 -12.91 4.85 44.53
CA ARG A 216 -12.98 4.75 46.00
C ARG A 216 -12.27 5.90 46.71
N GLN A 217 -10.98 6.05 46.45
CA GLN A 217 -10.15 7.04 47.11
C GLN A 217 -8.86 7.29 46.29
N PRO A 218 -8.78 8.44 45.58
CA PRO A 218 -7.59 8.78 44.82
C PRO A 218 -6.39 9.08 45.72
N PHE A 219 -5.18 8.95 45.17
CA PHE A 219 -3.91 9.22 45.85
C PHE A 219 -3.60 8.34 47.07
N THR A 220 -4.28 7.20 47.22
CA THR A 220 -3.88 6.14 48.15
C THR A 220 -2.64 5.40 47.64
N TRP A 221 -1.97 4.65 48.51
CA TRP A 221 -0.84 3.82 48.11
C TRP A 221 -1.22 2.81 47.02
N SER A 222 -2.40 2.17 47.16
CA SER A 222 -2.94 1.27 46.14
C SER A 222 -3.19 1.98 44.81
N TRP A 223 -3.66 3.23 44.83
CA TRP A 223 -3.84 4.03 43.61
C TRP A 223 -2.52 4.21 42.86
N TYR A 224 -1.43 4.51 43.57
CA TYR A 224 -0.09 4.64 42.96
C TYR A 224 0.41 3.30 42.42
N ILE A 225 0.28 2.21 43.19
CA ILE A 225 0.69 0.87 42.74
C ILE A 225 0.02 0.53 41.41
N TRP A 226 -1.31 0.65 41.33
CA TRP A 226 -2.03 0.27 40.12
C TRP A 226 -1.77 1.20 38.94
N LEU A 227 -1.58 2.50 39.19
CA LEU A 227 -1.18 3.45 38.14
C LEU A 227 0.17 3.06 37.50
N HIS A 228 1.18 2.80 38.34
CA HIS A 228 2.51 2.43 37.86
C HIS A 228 2.53 1.01 37.29
N ALA A 229 1.70 0.09 37.80
CA ALA A 229 1.52 -1.24 37.19
C ALA A 229 0.89 -1.16 35.80
N THR A 230 -0.10 -0.27 35.59
CA THR A 230 -0.64 0.01 34.24
C THR A 230 0.45 0.53 33.32
N GLY A 231 1.24 1.50 33.78
CA GLY A 231 2.37 2.04 33.01
C GLY A 231 3.42 0.99 32.65
N LEU A 232 3.81 0.15 33.62
CA LEU A 232 4.76 -0.93 33.42
C LEU A 232 4.27 -1.92 32.34
N SER A 233 3.01 -2.36 32.45
CA SER A 233 2.40 -3.25 31.47
C SER A 233 2.31 -2.61 30.08
N LEU A 234 1.93 -1.32 30.00
CA LEU A 234 1.94 -0.55 28.74
C LEU A 234 3.35 -0.49 28.13
N SER A 235 4.38 -0.32 28.96
CA SER A 235 5.77 -0.35 28.49
C SER A 235 6.12 -1.70 27.86
N PHE A 236 5.73 -2.82 28.47
CA PHE A 236 5.99 -4.15 27.91
C PHE A 236 5.26 -4.39 26.59
N VAL A 237 4.06 -3.85 26.44
CA VAL A 237 3.29 -3.92 25.18
C VAL A 237 4.05 -3.23 24.04
N ILE A 238 4.43 -1.96 24.19
CA ILE A 238 5.15 -1.23 23.13
C ILE A 238 6.60 -1.71 22.95
N SER A 239 7.22 -2.26 23.99
CA SER A 239 8.57 -2.84 23.89
C SER A 239 8.57 -4.22 23.23
N THR A 240 7.40 -4.84 23.01
CA THR A 240 7.26 -6.10 22.28
C THR A 240 7.02 -5.85 20.79
N LYS A 241 5.99 -5.07 20.43
CA LYS A 241 5.65 -4.71 19.05
C LYS A 241 5.06 -3.30 19.00
N TYR A 242 5.31 -2.55 17.92
CA TYR A 242 4.77 -1.18 17.75
C TYR A 242 3.25 -1.11 17.65
N VAL A 243 2.59 -2.21 17.28
CA VAL A 243 1.11 -2.34 17.37
C VAL A 243 0.60 -2.06 18.80
N GLY A 244 1.46 -2.17 19.81
CA GLY A 244 1.18 -1.77 21.17
C GLY A 244 0.74 -0.31 21.36
N VAL A 245 0.97 0.57 20.39
CA VAL A 245 0.40 1.93 20.37
C VAL A 245 -1.13 1.93 20.43
N MET A 246 -1.78 0.87 19.93
CA MET A 246 -3.23 0.70 19.99
C MET A 246 -3.71 0.51 21.43
N THR A 247 -2.92 -0.19 22.25
CA THR A 247 -3.19 -0.35 23.68
C THR A 247 -2.98 0.95 24.45
N TYR A 248 -1.93 1.72 24.12
CA TYR A 248 -1.78 3.09 24.63
C TYR A 248 -2.95 3.98 24.26
N SER A 249 -3.48 3.86 23.03
CA SER A 249 -4.62 4.64 22.58
C SER A 249 -5.90 4.28 23.35
N ALA A 250 -6.15 2.99 23.55
CA ALA A 250 -7.30 2.50 24.32
C ALA A 250 -7.29 2.98 25.78
N ILE A 251 -6.16 2.79 26.48
CA ILE A 251 -6.01 3.25 27.88
C ILE A 251 -5.95 4.77 27.97
N GLY A 252 -5.29 5.42 27.00
CA GLY A 252 -5.19 6.88 26.91
C GLY A 252 -6.56 7.53 26.75
N PHE A 253 -7.41 6.98 25.87
CA PHE A 253 -8.78 7.44 25.71
C PHE A 253 -9.57 7.34 27.03
N ALA A 254 -9.53 6.18 27.68
CA ALA A 254 -10.22 5.99 28.96
C ALA A 254 -9.69 6.93 30.07
N ALA A 255 -8.37 7.15 30.11
CA ALA A 255 -7.74 8.05 31.06
C ALA A 255 -8.12 9.52 30.81
N VAL A 256 -8.23 9.94 29.54
CA VAL A 256 -8.67 11.28 29.14
C VAL A 256 -10.14 11.48 29.46
N VAL A 257 -11.01 10.50 29.19
CA VAL A 257 -12.44 10.56 29.58
C VAL A 257 -12.57 10.75 31.08
N ASN A 258 -11.80 10.01 31.87
CA ASN A 258 -11.86 10.18 33.32
C ASN A 258 -11.26 11.53 33.78
N LEU A 259 -10.16 12.01 33.17
CA LEU A 259 -9.65 13.36 33.45
C LEU A 259 -10.67 14.45 33.09
N TRP A 260 -11.44 14.23 32.02
CA TRP A 260 -12.51 15.20 31.67
C TRP A 260 -13.52 15.27 32.82
N GLN A 261 -14.01 14.11 33.27
CA GLN A 261 -14.96 14.09 34.40
C GLN A 261 -14.40 14.79 35.65
N LEU A 262 -13.10 14.65 35.93
CA LEU A 262 -12.45 15.31 37.07
C LEU A 262 -12.24 16.81 36.87
N LEU A 263 -12.25 17.29 35.62
CA LEU A 263 -12.16 18.72 35.28
C LEU A 263 -13.50 19.44 35.46
N ASP A 264 -14.63 18.72 35.43
CA ASP A 264 -15.95 19.29 35.64
C ASP A 264 -16.05 19.94 37.03
N ILE A 265 -16.59 21.16 37.09
CA ILE A 265 -16.86 21.90 38.33
C ILE A 265 -17.71 21.06 39.30
N LYS A 266 -18.62 20.22 38.78
CA LYS A 266 -19.45 19.30 39.56
C LYS A 266 -18.66 18.19 40.26
N ALA A 267 -17.41 17.91 39.84
CA ALA A 267 -16.53 16.97 40.55
C ALA A 267 -16.05 17.53 41.90
N GLY A 268 -16.17 18.84 42.12
CA GLY A 268 -15.81 19.49 43.38
C GLY A 268 -14.30 19.61 43.61
N LEU A 269 -13.48 19.45 42.57
CA LEU A 269 -12.03 19.57 42.63
C LEU A 269 -11.59 21.01 42.33
N SER A 270 -10.63 21.50 43.11
CA SER A 270 -9.87 22.71 42.76
C SER A 270 -8.94 22.44 41.57
N LEU A 271 -8.55 23.50 40.85
CA LEU A 271 -7.63 23.35 39.72
C LEU A 271 -6.28 22.74 40.15
N ARG A 272 -5.82 23.02 41.38
CA ARG A 272 -4.60 22.42 41.94
C ARG A 272 -4.73 20.91 42.13
N GLN A 273 -5.89 20.43 42.61
CA GLN A 273 -6.15 19.00 42.77
C GLN A 273 -6.25 18.29 41.42
N PHE A 274 -6.92 18.92 40.45
CA PHE A 274 -6.95 18.43 39.06
C PHE A 274 -5.54 18.33 38.47
N MET A 275 -4.72 19.36 38.60
CA MET A 275 -3.34 19.34 38.10
C MET A 275 -2.50 18.26 38.78
N ARG A 276 -2.74 17.98 40.06
CA ARG A 276 -2.13 16.82 40.75
C ARG A 276 -2.52 15.49 40.11
N HIS A 277 -3.79 15.29 39.75
CA HIS A 277 -4.22 14.10 39.01
C HIS A 277 -3.52 14.00 37.65
N PHE A 278 -3.53 15.09 36.88
CA PHE A 278 -2.92 15.17 35.57
C PHE A 278 -1.41 14.82 35.61
N SER A 279 -0.63 15.52 36.44
CA SER A 279 0.82 15.30 36.52
C SER A 279 1.19 13.89 36.98
N LYS A 280 0.43 13.30 37.92
CA LYS A 280 0.70 11.93 38.38
C LYS A 280 0.38 10.90 37.31
N ARG A 281 -0.74 11.06 36.57
CA ARG A 281 -1.08 10.16 35.46
C ARG A 281 -0.11 10.29 34.29
N LEU A 282 0.30 11.51 33.93
CA LEU A 282 1.34 11.76 32.92
C LEU A 282 2.65 11.02 33.29
N ASN A 283 3.06 11.11 34.55
CA ASN A 283 4.25 10.42 35.02
C ASN A 283 4.10 8.88 34.97
N GLY A 284 2.99 8.35 35.48
CA GLY A 284 2.76 6.90 35.56
C GLY A 284 2.44 6.23 34.23
N LEU A 285 1.78 6.91 33.29
CA LEU A 285 1.30 6.35 32.02
C LEU A 285 2.15 6.74 30.81
N VAL A 286 3.05 7.73 30.92
CA VAL A 286 3.88 8.20 29.79
C VAL A 286 5.36 8.22 30.13
N LEU A 287 5.77 8.98 31.16
CA LEU A 287 7.19 9.22 31.43
C LEU A 287 7.93 7.96 31.91
N ILE A 288 7.41 7.27 32.93
CA ILE A 288 8.02 6.04 33.45
C ILE A 288 8.02 4.92 32.40
N PRO A 289 6.91 4.64 31.70
CA PRO A 289 6.91 3.64 30.63
C PRO A 289 7.93 3.96 29.53
N PHE A 290 8.10 5.23 29.17
CA PHE A 290 9.12 5.63 28.20
C PHE A 290 10.55 5.35 28.69
N VAL A 291 10.84 5.58 29.97
CA VAL A 291 12.15 5.24 30.56
C VAL A 291 12.40 3.73 30.52
N ILE A 292 11.38 2.92 30.83
CA ILE A 292 11.48 1.45 30.79
C ILE A 292 11.67 0.95 29.34
N TYR A 293 10.98 1.58 28.38
CA TYR A 293 11.20 1.32 26.96
C TYR A 293 12.67 1.60 26.54
N LEU A 294 13.24 2.74 26.94
CA LEU A 294 14.65 3.05 26.69
C LEU A 294 15.60 2.08 27.39
N PHE A 295 15.26 1.64 28.60
CA PHE A 295 16.05 0.66 29.35
C PHE A 295 16.26 -0.64 28.56
N TRP A 296 15.24 -1.15 27.86
CA TRP A 296 15.39 -2.35 27.05
C TRP A 296 16.34 -2.17 25.86
N PHE A 297 16.38 -0.98 25.25
CA PHE A 297 17.39 -0.68 24.24
C PHE A 297 18.80 -0.55 24.82
N TRP A 298 18.91 0.01 26.02
CA TRP A 298 20.20 0.07 26.72
C TRP A 298 20.74 -1.33 27.02
N VAL A 299 19.89 -2.26 27.49
CA VAL A 299 20.26 -3.67 27.67
C VAL A 299 20.64 -4.29 26.32
N HIS A 300 19.82 -4.10 25.29
CA HIS A 300 20.07 -4.63 23.94
C HIS A 300 21.46 -4.25 23.41
N PHE A 301 21.84 -2.97 23.46
CA PHE A 301 23.15 -2.51 23.02
C PHE A 301 24.31 -2.93 23.93
N THR A 302 24.04 -3.21 25.20
CA THR A 302 25.06 -3.67 26.15
C THR A 302 25.35 -5.17 25.98
N VAL A 303 24.31 -5.95 25.67
CA VAL A 303 24.44 -7.38 25.38
C VAL A 303 25.10 -7.58 24.01
N LEU A 304 24.57 -6.92 22.96
CA LEU A 304 25.07 -7.01 21.59
C LEU A 304 26.23 -6.04 21.35
N ASN A 305 27.43 -6.47 21.70
CA ASN A 305 28.65 -5.65 21.63
C ASN A 305 29.66 -6.14 20.58
N THR A 306 29.28 -7.14 19.79
CA THR A 306 30.10 -7.74 18.74
C THR A 306 29.45 -7.53 17.37
N SER A 307 30.26 -7.35 16.34
CA SER A 307 29.83 -7.20 14.95
C SER A 307 29.03 -8.43 14.50
N GLY A 308 27.99 -8.21 13.70
CA GLY A 308 27.06 -9.27 13.31
C GLY A 308 26.19 -8.92 12.10
N PRO A 309 25.16 -9.73 11.77
CA PRO A 309 24.34 -9.54 10.56
C PRO A 309 23.56 -8.21 10.54
N GLY A 310 23.42 -7.54 11.69
CA GLY A 310 22.77 -6.24 11.80
C GLY A 310 23.60 -5.06 11.32
N ASP A 311 24.91 -5.25 11.10
CA ASP A 311 25.84 -4.16 10.80
C ASP A 311 25.47 -3.42 9.52
N ALA A 312 25.00 -4.15 8.50
CA ALA A 312 24.59 -3.60 7.21
C ALA A 312 23.46 -2.56 7.28
N PHE A 313 22.70 -2.52 8.38
CA PHE A 313 21.59 -1.60 8.58
C PHE A 313 21.98 -0.30 9.32
N MET A 314 23.22 -0.24 9.82
CA MET A 314 23.70 0.84 10.67
C MET A 314 24.84 1.60 10.02
N SER A 315 25.08 2.82 10.49
CA SER A 315 26.18 3.65 10.04
C SER A 315 27.54 3.09 10.46
N ALA A 316 28.60 3.49 9.75
CA ALA A 316 29.97 3.15 10.13
C ALA A 316 30.31 3.62 11.57
N GLU A 317 29.79 4.78 12.00
CA GLU A 317 30.00 5.29 13.36
C GLU A 317 29.37 4.36 14.42
N PHE A 318 28.19 3.81 14.16
CA PHE A 318 27.58 2.79 15.02
C PHE A 318 28.42 1.51 15.03
N GLN A 319 28.85 1.04 13.86
CA GLN A 319 29.66 -0.17 13.72
C GLN A 319 31.00 -0.04 14.46
N GLU A 320 31.58 1.16 14.56
CA GLU A 320 32.80 1.42 15.35
C GLU A 320 32.61 1.16 16.86
N THR A 321 31.37 1.13 17.36
CA THR A 321 31.05 0.78 18.75
C THR A 321 31.07 -0.73 19.01
N LEU A 322 31.09 -1.54 17.95
CA LEU A 322 31.07 -2.99 18.02
C LEU A 322 32.49 -3.54 17.94
N LYS A 323 32.78 -4.52 18.79
CA LYS A 323 33.99 -5.34 18.72
C LYS A 323 33.96 -6.17 17.44
N ASP A 324 35.13 -6.52 16.95
CA ASP A 324 35.26 -7.53 15.90
C ASP A 324 34.70 -8.86 16.43
N SER A 325 34.07 -9.64 15.56
CA SER A 325 33.64 -10.98 15.94
C SER A 325 34.86 -11.85 16.26
N PRO A 326 34.78 -12.79 17.23
CA PRO A 326 35.86 -13.72 17.50
C PRO A 326 36.34 -14.45 16.24
N LEU A 327 35.40 -14.81 15.37
CA LEU A 327 35.69 -15.41 14.06
C LEU A 327 36.45 -14.45 13.13
N SER A 328 36.11 -13.16 13.11
CA SER A 328 36.79 -12.17 12.27
C SER A 328 38.22 -11.84 12.73
N VAL A 329 38.48 -11.94 14.04
CA VAL A 329 39.82 -11.75 14.62
C VAL A 329 40.82 -12.78 14.08
N ASP A 330 40.31 -13.95 13.73
CA ASP A 330 41.20 -14.95 13.05
C ASP A 330 41.01 -14.90 11.52
N SER A 331 40.77 -13.71 10.93
CA SER A 331 40.60 -13.59 9.45
C SER A 331 41.64 -12.64 8.86
N LYS A 332 42.03 -12.81 7.58
CA LYS A 332 43.12 -12.01 7.03
C LYS A 332 42.87 -11.82 5.54
N THR A 333 43.14 -10.62 5.05
CA THR A 333 43.13 -10.36 3.60
C THR A 333 44.10 -11.31 2.91
N VAL A 334 43.66 -11.96 1.83
CA VAL A 334 44.51 -12.79 0.97
C VAL A 334 45.15 -11.88 -0.08
N ASN A 335 46.46 -11.91 -0.17
CA ASN A 335 47.25 -11.16 -1.13
C ASN A 335 47.81 -12.09 -2.21
N TYR A 336 48.16 -11.53 -3.36
CA TYR A 336 48.97 -12.27 -4.33
C TYR A 336 50.32 -12.67 -3.71
N PHE A 337 50.79 -13.86 -4.08
CA PHE A 337 51.95 -14.57 -3.52
C PHE A 337 51.80 -15.05 -2.07
N ASP A 338 50.58 -14.98 -1.51
CA ASP A 338 50.27 -15.71 -0.28
C ASP A 338 50.14 -17.21 -0.58
N ILE A 339 50.64 -18.04 0.34
CA ILE A 339 50.46 -19.49 0.36
C ILE A 339 49.27 -19.79 1.24
N ILE A 340 48.24 -20.40 0.65
CA ILE A 340 46.95 -20.63 1.28
C ILE A 340 46.58 -22.11 1.29
N THR A 341 45.72 -22.47 2.25
CA THR A 341 44.97 -23.72 2.22
C THR A 341 43.51 -23.41 1.86
N ILE A 342 42.94 -24.21 0.96
CA ILE A 342 41.57 -24.01 0.47
C ILE A 342 40.75 -25.20 0.96
N LYS A 343 39.68 -24.93 1.71
CA LYS A 343 38.85 -25.93 2.39
C LYS A 343 37.43 -25.92 1.86
N HIS A 344 36.90 -27.11 1.60
CA HIS A 344 35.54 -27.33 1.16
C HIS A 344 34.56 -27.14 2.32
N GLN A 345 33.43 -26.46 2.09
CA GLN A 345 32.51 -26.13 3.18
C GLN A 345 31.70 -27.32 3.68
N ASP A 346 31.28 -28.22 2.78
CA ASP A 346 30.37 -29.31 3.13
C ASP A 346 31.10 -30.56 3.64
N THR A 347 32.31 -30.84 3.14
CA THR A 347 33.06 -32.06 3.48
C THR A 347 34.26 -31.83 4.38
N ASP A 348 34.55 -30.56 4.70
CA ASP A 348 35.74 -30.13 5.43
C ASP A 348 37.09 -30.53 4.81
N ALA A 349 37.10 -31.04 3.57
CA ALA A 349 38.31 -31.47 2.88
C ALA A 349 39.11 -30.31 2.31
N PHE A 350 40.43 -30.38 2.38
CA PHE A 350 41.34 -29.44 1.75
C PHE A 350 41.63 -29.83 0.31
N LEU A 351 41.74 -28.83 -0.57
CA LEU A 351 42.29 -29.00 -1.91
C LEU A 351 43.74 -29.49 -1.79
N HIS A 352 44.00 -30.68 -2.29
CA HIS A 352 45.24 -31.40 -2.04
C HIS A 352 45.82 -31.96 -3.35
N SER A 353 47.14 -32.04 -3.48
CA SER A 353 47.77 -32.72 -4.60
C SER A 353 49.08 -33.39 -4.20
N HIS A 354 49.48 -34.43 -4.93
CA HIS A 354 50.72 -35.17 -4.67
C HIS A 354 51.26 -35.77 -5.96
N LEU A 355 52.46 -36.31 -5.93
CA LEU A 355 53.15 -36.86 -7.11
C LEU A 355 52.47 -38.08 -7.77
N ALA A 356 51.47 -38.69 -7.15
CA ALA A 356 50.73 -39.79 -7.78
C ALA A 356 49.88 -39.27 -8.96
N ARG A 357 49.66 -40.14 -9.96
CA ARG A 357 49.01 -39.81 -11.22
C ARG A 357 47.71 -40.57 -11.40
N TYR A 358 46.76 -39.99 -12.12
CA TYR A 358 45.55 -40.70 -12.52
C TYR A 358 45.92 -41.95 -13.34
N PRO A 359 45.18 -43.06 -13.19
CA PRO A 359 45.42 -44.26 -13.99
C PRO A 359 45.05 -43.95 -15.45
N GLN A 360 45.81 -44.48 -16.42
CA GLN A 360 45.57 -44.19 -17.85
C GLN A 360 44.13 -44.48 -18.31
N ARG A 361 43.47 -45.45 -17.67
CA ARG A 361 42.05 -45.73 -17.85
C ARG A 361 41.38 -45.88 -16.48
N TYR A 362 40.20 -45.30 -16.33
CA TYR A 362 39.34 -45.57 -15.18
C TYR A 362 38.65 -46.93 -15.33
N GLU A 363 37.97 -47.38 -14.27
CA GLU A 363 37.35 -48.72 -14.22
C GLU A 363 36.26 -48.93 -15.27
N ASP A 364 35.59 -47.85 -15.70
CA ASP A 364 34.58 -47.87 -16.76
C ASP A 364 35.16 -47.80 -18.17
N GLY A 365 36.49 -47.75 -18.30
CA GLY A 365 37.23 -47.76 -19.55
C GLY A 365 37.45 -46.38 -20.19
N ARG A 366 36.94 -45.29 -19.60
CA ARG A 366 37.28 -43.92 -20.03
C ARG A 366 38.77 -43.64 -19.83
N ILE A 367 39.32 -42.82 -20.71
CA ILE A 367 40.75 -42.48 -20.73
C ILE A 367 40.92 -41.20 -19.91
N SER A 368 41.81 -41.25 -18.92
CA SER A 368 42.23 -40.08 -18.15
C SER A 368 43.37 -39.34 -18.85
N SER A 369 43.77 -38.19 -18.32
CA SER A 369 44.98 -37.50 -18.80
C SER A 369 46.28 -38.20 -18.41
N ALA A 370 46.24 -39.18 -17.49
CA ALA A 370 47.40 -39.68 -16.75
C ALA A 370 48.23 -38.55 -16.07
N GLY A 371 47.58 -37.42 -15.80
CA GLY A 371 48.13 -36.26 -15.11
C GLY A 371 48.28 -36.50 -13.60
N GLN A 372 48.83 -35.49 -12.92
CA GLN A 372 48.98 -35.51 -11.46
C GLN A 372 47.60 -35.47 -10.78
N GLN A 373 47.41 -36.23 -9.71
CA GLN A 373 46.13 -36.26 -9.00
C GLN A 373 45.91 -34.99 -8.19
N VAL A 374 44.70 -34.45 -8.25
CA VAL A 374 44.18 -33.45 -7.32
C VAL A 374 43.00 -34.08 -6.58
N THR A 375 43.05 -34.06 -5.26
CA THR A 375 42.15 -34.80 -4.38
C THR A 375 41.70 -33.92 -3.21
N GLY A 376 40.67 -34.37 -2.49
CA GLY A 376 40.22 -33.76 -1.25
C GLY A 376 40.76 -34.55 -0.06
N TYR A 377 41.55 -33.89 0.79
CA TYR A 377 42.16 -34.51 1.97
C TYR A 377 41.72 -33.81 3.26
N THR A 378 41.23 -34.56 4.24
CA THR A 378 40.62 -34.00 5.46
C THR A 378 41.62 -33.59 6.54
N HIS A 379 42.90 -33.92 6.38
CA HIS A 379 43.94 -33.59 7.35
C HIS A 379 44.87 -32.50 6.80
N PRO A 380 45.28 -31.53 7.63
CA PRO A 380 46.21 -30.49 7.20
C PRO A 380 47.62 -31.06 7.00
N ASP A 381 48.19 -30.84 5.82
CA ASP A 381 49.55 -31.22 5.47
C ASP A 381 50.22 -30.22 4.50
N PHE A 382 51.45 -30.51 4.08
CA PHE A 382 52.19 -29.65 3.14
C PHE A 382 51.63 -29.70 1.71
N ASN A 383 50.93 -30.77 1.36
CA ASN A 383 50.30 -30.97 0.05
C ASN A 383 48.94 -30.25 -0.07
N ASN A 384 48.48 -29.57 0.98
CA ASN A 384 47.32 -28.67 0.93
C ASN A 384 47.69 -27.23 0.56
N GLN A 385 48.98 -26.94 0.35
CA GLN A 385 49.48 -25.57 0.20
C GLN A 385 49.51 -25.14 -1.26
N TRP A 386 48.77 -24.07 -1.55
CA TRP A 386 48.68 -23.46 -2.87
C TRP A 386 49.10 -22.00 -2.80
N GLU A 387 50.01 -21.58 -3.67
CA GLU A 387 50.37 -20.18 -3.81
C GLU A 387 49.44 -19.49 -4.82
N VAL A 388 48.87 -18.35 -4.42
CA VAL A 388 48.01 -17.55 -5.30
C VAL A 388 48.86 -16.64 -6.16
N LEU A 389 48.87 -16.90 -7.46
CA LEU A 389 49.64 -16.13 -8.42
C LEU A 389 48.73 -15.31 -9.32
N PRO A 390 49.18 -14.12 -9.75
CA PRO A 390 48.40 -13.34 -10.68
C PRO A 390 48.57 -13.90 -12.11
N PRO A 391 47.66 -13.55 -13.05
CA PRO A 391 47.80 -13.93 -14.44
C PRO A 391 49.12 -13.42 -15.03
N HIS A 392 49.66 -14.13 -16.02
CA HIS A 392 50.89 -13.76 -16.70
C HIS A 392 50.77 -12.35 -17.31
N GLY A 393 51.79 -11.52 -17.12
CA GLY A 393 51.84 -10.14 -17.65
C GLY A 393 51.04 -9.10 -16.86
N SER A 394 50.49 -9.45 -15.69
CA SER A 394 49.85 -8.46 -14.81
C SER A 394 50.88 -7.65 -14.00
N ASP A 395 50.63 -6.36 -13.81
CA ASP A 395 51.47 -5.45 -13.01
C ASP A 395 51.27 -5.62 -11.49
N VAL A 396 50.60 -6.70 -11.07
CA VAL A 396 50.18 -6.91 -9.68
C VAL A 396 51.32 -7.53 -8.87
N GLY A 397 51.80 -6.78 -7.87
CA GLY A 397 52.94 -7.15 -7.04
C GLY A 397 52.58 -7.79 -5.68
N LYS A 398 53.61 -8.26 -4.98
CA LYS A 398 53.51 -8.82 -3.63
C LYS A 398 52.89 -7.82 -2.65
N GLY A 399 51.87 -8.28 -1.91
CA GLY A 399 51.16 -7.48 -0.90
C GLY A 399 49.87 -6.80 -1.39
N GLN A 400 49.56 -6.88 -2.69
CA GLN A 400 48.26 -6.45 -3.21
C GLN A 400 47.20 -7.51 -2.91
N ALA A 401 46.02 -7.05 -2.47
CA ALA A 401 44.89 -7.92 -2.15
C ALA A 401 44.31 -8.57 -3.42
N VAL A 402 43.96 -9.85 -3.32
CA VAL A 402 43.20 -10.56 -4.35
C VAL A 402 41.75 -10.13 -4.27
N LEU A 403 41.14 -9.76 -5.39
CA LEU A 403 39.72 -9.42 -5.45
C LEU A 403 38.92 -10.60 -6.00
N LEU A 404 37.68 -10.74 -5.51
CA LEU A 404 36.74 -11.75 -6.00
C LEU A 404 36.45 -11.55 -7.49
N ASN A 405 36.32 -12.67 -8.20
CA ASN A 405 36.11 -12.77 -9.65
C ASN A 405 37.27 -12.29 -10.53
N GLN A 406 38.45 -12.00 -9.97
CA GLN A 406 39.66 -11.78 -10.76
C GLN A 406 40.31 -13.11 -11.16
N HIS A 407 40.89 -13.13 -12.35
CA HIS A 407 41.65 -14.28 -12.80
C HIS A 407 42.91 -14.43 -11.93
N ILE A 408 43.21 -15.66 -11.57
CA ILE A 408 44.34 -16.09 -10.76
C ILE A 408 44.88 -17.40 -11.32
N ARG A 409 46.06 -17.79 -10.85
CA ARG A 409 46.61 -19.14 -11.02
C ARG A 409 46.95 -19.69 -9.64
N LEU A 410 46.81 -20.99 -9.46
CA LEU A 410 47.18 -21.66 -8.21
C LEU A 410 48.38 -22.56 -8.49
N ARG A 411 49.48 -22.34 -7.79
CA ARG A 411 50.67 -23.19 -7.87
C ARG A 411 50.72 -24.08 -6.65
N HIS A 412 50.76 -25.39 -6.86
CA HIS A 412 50.93 -26.34 -5.78
C HIS A 412 52.38 -26.26 -5.26
N VAL A 413 52.55 -25.93 -3.99
CA VAL A 413 53.88 -25.62 -3.42
C VAL A 413 54.79 -26.86 -3.39
N ALA A 414 54.23 -28.03 -3.11
CA ALA A 414 55.03 -29.24 -2.92
C ALA A 414 55.55 -29.85 -4.23
N THR A 415 54.79 -29.74 -5.33
CA THR A 415 55.17 -30.31 -6.63
C THR A 415 55.59 -29.27 -7.66
N ASP A 416 55.47 -27.99 -7.34
CA ASP A 416 55.81 -26.86 -8.22
C ASP A 416 55.10 -26.92 -9.58
N THR A 417 53.80 -27.20 -9.54
CA THR A 417 52.92 -27.35 -10.70
C THR A 417 51.72 -26.40 -10.60
N TYR A 418 51.19 -25.95 -11.74
CA TYR A 418 49.97 -25.14 -11.78
C TYR A 418 48.73 -26.04 -11.76
N LEU A 419 47.72 -25.66 -10.99
CA LEU A 419 46.38 -26.27 -11.08
C LEU A 419 45.84 -26.09 -12.51
N LEU A 420 45.20 -27.13 -13.03
CA LEU A 420 44.66 -27.18 -14.38
C LEU A 420 43.34 -27.93 -14.42
N ALA A 421 42.40 -27.45 -15.23
CA ALA A 421 41.19 -28.18 -15.61
C ALA A 421 41.08 -28.21 -17.14
N HIS A 422 40.57 -29.32 -17.67
CA HIS A 422 40.52 -29.59 -19.12
C HIS A 422 39.32 -30.45 -19.49
N ASP A 423 39.05 -30.58 -20.79
CA ASP A 423 37.98 -31.42 -21.33
C ASP A 423 38.32 -32.93 -21.28
N VAL A 424 38.62 -33.42 -20.07
CA VAL A 424 38.78 -34.84 -19.74
C VAL A 424 37.79 -35.14 -18.63
N ALA A 425 37.04 -36.22 -18.73
CA ALA A 425 36.02 -36.54 -17.75
C ALA A 425 36.62 -37.04 -16.42
N SER A 426 36.02 -36.67 -15.29
CA SER A 426 36.45 -37.08 -13.95
C SER A 426 36.23 -38.57 -13.64
N PRO A 427 36.98 -39.20 -12.72
CA PRO A 427 36.84 -40.61 -12.38
C PRO A 427 35.41 -41.11 -12.17
N PHE A 428 34.61 -40.47 -11.32
CA PHE A 428 33.26 -40.94 -10.97
C PHE A 428 32.14 -40.29 -11.78
N TYR A 429 32.33 -39.05 -12.25
CA TYR A 429 31.29 -38.29 -12.96
C TYR A 429 31.67 -38.03 -14.42
N PRO A 430 31.11 -38.78 -15.39
CA PRO A 430 31.43 -38.62 -16.82
C PRO A 430 31.15 -37.23 -17.40
N THR A 431 30.26 -36.46 -16.78
CA THR A 431 29.89 -35.11 -17.22
C THR A 431 30.78 -34.02 -16.62
N ASN A 432 31.52 -34.33 -15.56
CA ASN A 432 32.37 -33.38 -14.85
C ASN A 432 33.82 -33.55 -15.32
N GLU A 433 34.61 -32.50 -15.16
CA GLU A 433 35.99 -32.48 -15.64
C GLU A 433 36.97 -33.02 -14.59
N GLU A 434 38.00 -33.72 -15.03
CA GLU A 434 39.15 -34.09 -14.23
C GLU A 434 39.95 -32.83 -13.89
N ILE A 435 40.33 -32.70 -12.63
CA ILE A 435 41.20 -31.62 -12.16
C ILE A 435 42.59 -32.19 -11.95
N THR A 436 43.60 -31.58 -12.56
CA THR A 436 44.98 -32.05 -12.50
C THR A 436 45.94 -30.87 -12.28
N THR A 437 47.24 -31.12 -12.45
CA THR A 437 48.25 -30.07 -12.45
C THR A 437 49.22 -30.23 -13.61
N VAL A 438 49.79 -29.13 -14.07
CA VAL A 438 50.72 -29.05 -15.20
C VAL A 438 52.05 -28.44 -14.77
N THR A 439 53.14 -28.76 -15.47
CA THR A 439 54.45 -28.15 -15.21
C THR A 439 54.44 -26.64 -15.48
N LEU A 440 55.37 -25.89 -14.87
CA LEU A 440 55.44 -24.44 -15.06
C LEU A 440 55.66 -24.06 -16.54
N GLU A 441 56.51 -24.82 -17.24
CA GLU A 441 56.86 -24.57 -18.65
C GLU A 441 55.65 -24.75 -19.58
N GLU A 442 54.89 -25.82 -19.41
CA GLU A 442 53.70 -26.11 -20.20
C GLU A 442 52.55 -25.14 -19.86
N GLY A 443 52.37 -24.84 -18.57
CA GLY A 443 51.36 -23.91 -18.10
C GLY A 443 51.65 -22.44 -18.48
N ASP A 444 52.91 -22.06 -18.69
CA ASP A 444 53.28 -20.75 -19.23
C ASP A 444 53.30 -20.73 -20.77
N GLY A 445 53.10 -21.90 -21.40
CA GLY A 445 53.03 -22.11 -22.84
C GLY A 445 51.59 -22.22 -23.35
N GLU A 446 51.31 -23.30 -24.08
CA GLU A 446 50.03 -23.52 -24.78
C GLU A 446 48.86 -23.73 -23.81
N LEU A 447 49.11 -24.32 -22.64
CA LEU A 447 48.07 -24.66 -21.66
C LEU A 447 47.75 -23.50 -20.70
N TYR A 448 48.28 -22.30 -20.98
CA TYR A 448 48.04 -21.12 -20.14
C TYR A 448 46.55 -20.84 -19.85
N PRO A 449 45.63 -20.87 -20.84
CA PRO A 449 44.20 -20.64 -20.59
C PRO A 449 43.58 -21.62 -19.59
N GLU A 450 44.03 -22.89 -19.62
CA GLU A 450 43.54 -23.98 -18.77
C GLU A 450 44.06 -23.91 -17.31
N THR A 451 44.98 -22.97 -17.04
CA THR A 451 45.48 -22.71 -15.68
C THR A 451 44.80 -21.52 -15.01
N LEU A 452 43.86 -20.86 -15.69
CA LEU A 452 43.18 -19.67 -15.19
C LEU A 452 41.95 -20.04 -14.36
N PHE A 453 41.98 -19.64 -13.10
CA PHE A 453 40.87 -19.78 -12.17
C PHE A 453 40.41 -18.42 -11.68
N ALA A 454 39.25 -18.37 -11.04
CA ALA A 454 38.76 -17.21 -10.31
C ALA A 454 38.12 -17.66 -9.00
N PHE A 455 38.33 -16.87 -7.94
CA PHE A 455 37.53 -16.97 -6.73
C PHE A 455 36.18 -16.31 -6.99
N GLN A 456 35.25 -17.05 -7.57
CA GLN A 456 33.95 -16.54 -7.96
C GLN A 456 33.07 -16.34 -6.72
N PRO A 457 32.52 -15.14 -6.48
CA PRO A 457 31.68 -14.90 -5.31
C PRO A 457 30.37 -15.67 -5.40
N LEU A 458 29.80 -16.03 -4.24
CA LEU A 458 28.49 -16.68 -4.19
C LEU A 458 27.37 -15.76 -4.68
N LYS A 459 27.51 -14.46 -4.42
CA LYS A 459 26.59 -13.39 -4.85
C LYS A 459 27.29 -12.46 -5.82
N LYS A 460 26.61 -12.09 -6.90
CA LYS A 460 27.10 -11.10 -7.88
C LYS A 460 27.40 -9.72 -7.26
N SER A 461 26.71 -9.36 -6.16
CA SER A 461 26.96 -8.12 -5.43
C SER A 461 28.36 -8.04 -4.83
N ASP A 462 29.02 -9.20 -4.67
CA ASP A 462 30.29 -9.29 -3.96
C ASP A 462 31.50 -9.28 -4.92
N GLU A 463 31.26 -9.23 -6.23
CA GLU A 463 32.32 -9.10 -7.24
C GLU A 463 33.18 -7.86 -6.98
N GLY A 464 34.51 -8.03 -7.06
CA GLY A 464 35.47 -6.95 -6.80
C GLY A 464 35.76 -6.67 -5.32
N HIS A 465 35.08 -7.33 -4.37
CA HIS A 465 35.50 -7.25 -2.96
C HIS A 465 36.82 -7.99 -2.71
N VAL A 466 37.52 -7.54 -1.67
CA VAL A 466 38.76 -8.17 -1.19
C VAL A 466 38.48 -9.55 -0.63
N LEU A 467 39.19 -10.55 -1.12
CA LEU A 467 39.18 -11.91 -0.57
C LEU A 467 39.81 -11.92 0.83
N LYS A 468 39.13 -12.58 1.78
CA LYS A 468 39.61 -12.76 3.15
C LYS A 468 39.48 -14.22 3.57
N SER A 469 40.47 -14.73 4.29
CA SER A 469 40.39 -16.06 4.90
C SER A 469 39.20 -16.19 5.86
N LYS A 470 38.68 -17.41 5.98
CA LYS A 470 37.61 -17.88 6.89
C LYS A 470 36.22 -17.26 6.72
N THR A 471 36.13 -16.03 6.22
CA THR A 471 34.88 -15.26 6.15
C THR A 471 34.24 -15.20 4.77
N VAL A 472 35.04 -15.31 3.71
CA VAL A 472 34.57 -15.18 2.34
C VAL A 472 34.50 -16.57 1.71
N SER A 473 33.28 -17.07 1.54
CA SER A 473 33.02 -18.24 0.71
C SER A 473 33.05 -17.88 -0.77
N PHE A 474 33.55 -18.78 -1.61
CA PHE A 474 33.61 -18.62 -3.06
C PHE A 474 33.49 -19.98 -3.76
N ARG A 475 33.21 -19.94 -5.05
CA ARG A 475 33.39 -21.10 -5.94
C ARG A 475 34.74 -20.96 -6.62
N LEU A 476 35.54 -22.02 -6.63
CA LEU A 476 36.80 -22.02 -7.36
C LEU A 476 36.49 -22.34 -8.84
N PHE A 477 36.31 -21.28 -9.63
CA PHE A 477 35.78 -21.33 -10.99
C PHE A 477 36.91 -21.41 -12.00
N HIS A 478 36.84 -22.36 -12.92
CA HIS A 478 37.76 -22.48 -14.05
C HIS A 478 37.29 -21.60 -15.21
N VAL A 479 38.17 -20.74 -15.71
CA VAL A 479 37.79 -19.68 -16.68
C VAL A 479 37.49 -20.24 -18.06
N ASP A 480 38.30 -21.19 -18.55
CA ASP A 480 38.21 -21.66 -19.93
C ASP A 480 36.97 -22.55 -20.17
N THR A 481 36.78 -23.59 -19.34
CA THR A 481 35.67 -24.55 -19.49
C THR A 481 34.41 -24.18 -18.71
N SER A 482 34.45 -23.11 -17.91
CA SER A 482 33.31 -22.61 -17.12
C SER A 482 32.72 -23.61 -16.13
N VAL A 483 33.57 -24.41 -15.48
CA VAL A 483 33.19 -25.34 -14.39
C VAL A 483 33.62 -24.81 -13.02
N ALA A 484 32.99 -25.30 -11.95
CA ALA A 484 33.42 -25.02 -10.58
C ALA A 484 34.02 -26.27 -9.95
N LEU A 485 35.13 -26.12 -9.22
CA LEU A 485 35.70 -27.24 -8.47
C LEU A 485 34.74 -27.69 -7.38
N TRP A 486 34.58 -29.00 -7.27
CA TRP A 486 33.63 -29.67 -6.40
C TRP A 486 34.24 -30.94 -5.82
N THR A 487 33.75 -31.35 -4.65
CA THR A 487 34.11 -32.61 -4.00
C THR A 487 32.95 -33.17 -3.20
N HIS A 488 33.02 -34.47 -2.91
CA HIS A 488 31.99 -35.22 -2.23
C HIS A 488 32.63 -36.30 -1.33
N ASN A 489 31.85 -36.85 -0.40
CA ASN A 489 32.32 -37.82 0.59
C ASN A 489 31.41 -39.05 0.72
N ASP A 490 30.47 -39.23 -0.21
CA ASP A 490 29.62 -40.42 -0.32
C ASP A 490 30.37 -41.60 -0.95
N GLU A 491 31.30 -41.33 -1.85
CA GLU A 491 32.21 -42.32 -2.44
C GLU A 491 33.65 -41.80 -2.49
N LEU A 492 34.61 -42.63 -2.08
CA LEU A 492 36.04 -42.27 -2.05
C LEU A 492 36.78 -42.92 -3.22
N LEU A 493 37.85 -42.28 -3.70
CA LEU A 493 38.66 -42.82 -4.79
C LEU A 493 39.20 -44.23 -4.43
N PRO A 494 39.41 -45.13 -5.41
CA PRO A 494 39.99 -46.45 -5.14
C PRO A 494 41.43 -46.37 -4.60
N ASP A 495 42.05 -47.53 -4.39
CA ASP A 495 43.41 -47.62 -3.82
C ASP A 495 44.47 -46.76 -4.55
N TRP A 496 44.33 -46.56 -5.87
CA TRP A 496 45.23 -45.71 -6.66
C TRP A 496 45.11 -44.21 -6.31
N GLY A 497 43.99 -43.78 -5.72
CA GLY A 497 43.73 -42.44 -5.20
C GLY A 497 43.73 -42.37 -3.68
N PHE A 498 44.33 -43.37 -3.01
CA PHE A 498 44.53 -43.42 -1.55
C PHE A 498 43.27 -43.28 -0.71
N GLN A 499 42.08 -43.62 -1.24
CA GLN A 499 40.80 -43.43 -0.54
C GLN A 499 40.56 -41.97 -0.12
N GLN A 500 41.07 -41.02 -0.91
CA GLN A 500 40.80 -39.60 -0.75
C GLN A 500 39.54 -39.20 -1.52
N GLN A 501 39.00 -38.02 -1.22
CA GLN A 501 37.84 -37.49 -1.95
C GLN A 501 38.26 -37.10 -3.37
N GLU A 502 37.36 -37.30 -4.33
CA GLU A 502 37.56 -36.82 -5.70
C GLU A 502 37.40 -35.30 -5.75
N ILE A 503 38.28 -34.61 -6.48
CA ILE A 503 38.10 -33.21 -6.89
C ILE A 503 37.79 -33.20 -8.38
N ASN A 504 36.65 -32.65 -8.76
CA ASN A 504 36.23 -32.59 -10.16
C ASN A 504 35.65 -31.20 -10.52
N GLY A 505 35.57 -30.90 -11.82
CA GLY A 505 34.98 -29.70 -12.38
C GLY A 505 33.49 -29.89 -12.66
N ASN A 506 32.65 -29.45 -11.73
CA ASN A 506 31.20 -29.53 -11.83
C ASN A 506 30.65 -28.45 -12.79
N LYS A 507 29.92 -28.89 -13.82
CA LYS A 507 29.24 -28.00 -14.78
C LYS A 507 28.04 -27.26 -14.17
N LYS A 508 27.45 -27.77 -13.09
CA LYS A 508 26.42 -27.07 -12.33
C LYS A 508 27.06 -26.06 -11.39
N VAL A 509 27.67 -25.01 -11.95
CA VAL A 509 28.46 -24.00 -11.19
C VAL A 509 27.70 -23.45 -9.99
N ILE A 510 26.41 -23.16 -10.12
CA ILE A 510 25.61 -22.48 -9.08
C ILE A 510 25.33 -23.39 -7.88
N ASP A 511 25.58 -24.70 -7.98
CA ASP A 511 25.36 -25.68 -6.91
C ASP A 511 26.03 -25.21 -5.60
N PRO A 512 25.29 -25.11 -4.48
CA PRO A 512 25.82 -24.70 -3.19
C PRO A 512 26.89 -25.63 -2.64
N SER A 513 26.92 -26.89 -3.06
CA SER A 513 27.99 -27.82 -2.70
C SER A 513 29.32 -27.47 -3.37
N ASN A 514 29.40 -26.52 -4.31
CA ASN A 514 30.68 -26.08 -4.90
C ASN A 514 31.40 -24.99 -4.08
N ASN A 515 31.05 -24.83 -2.80
CA ASN A 515 31.54 -23.72 -2.00
C ASN A 515 32.83 -24.07 -1.25
N TRP A 516 33.80 -23.17 -1.34
CA TRP A 516 35.10 -23.25 -0.71
C TRP A 516 35.38 -21.99 0.12
N VAL A 517 36.32 -22.10 1.05
CA VAL A 517 36.85 -20.99 1.83
C VAL A 517 38.37 -21.11 1.92
N VAL A 518 39.07 -19.98 1.96
CA VAL A 518 40.49 -19.98 2.35
C VAL A 518 40.56 -20.18 3.86
N ASP A 519 41.13 -21.28 4.33
CA ASP A 519 41.17 -21.62 5.76
C ASP A 519 42.34 -20.89 6.47
N GLU A 520 43.56 -21.08 5.97
CA GLU A 520 44.77 -20.49 6.53
C GLU A 520 45.65 -19.82 5.44
N ILE A 521 46.37 -18.77 5.84
CA ILE A 521 47.48 -18.18 5.08
C ILE A 521 48.78 -18.58 5.79
N VAL A 522 49.53 -19.51 5.21
CA VAL A 522 50.69 -20.17 5.84
C VAL A 522 51.88 -19.20 5.97
N ASN A 523 52.12 -18.37 4.96
CA ASN A 523 53.25 -17.44 4.90
C ASN A 523 52.93 -16.01 5.38
N LEU A 524 52.02 -15.88 6.36
CA LEU A 524 51.56 -14.57 6.84
C LEU A 524 52.66 -13.80 7.59
N ASP A 525 52.97 -12.60 7.11
CA ASP A 525 53.99 -11.76 7.81
C ASP A 525 53.68 -11.74 9.30
N GLU A 526 54.70 -11.77 10.15
CA GLU A 526 54.49 -11.79 11.62
C GLU A 526 53.59 -10.62 12.00
N VAL A 527 53.79 -9.46 11.35
CA VAL A 527 52.89 -8.29 11.60
C VAL A 527 51.47 -8.66 11.17
N ARG A 528 51.32 -9.25 9.98
CA ARG A 528 49.98 -9.70 9.50
C ARG A 528 49.46 -10.75 10.48
N LYS A 529 50.33 -11.63 10.96
CA LYS A 529 49.92 -12.66 11.96
C LYS A 529 49.33 -11.95 13.17
N VAL A 530 49.98 -10.87 13.61
CA VAL A 530 49.45 -10.08 14.77
C VAL A 530 48.05 -9.60 14.41
N TYR A 531 47.04 -9.99 15.21
CA TYR A 531 45.65 -9.55 14.95
C TYR A 531 45.56 -8.03 15.14
N ILE A 532 44.83 -7.34 14.26
CA ILE A 532 44.63 -5.87 14.42
C ILE A 532 43.36 -5.65 15.24
N PRO A 533 43.46 -5.41 16.56
CA PRO A 533 42.27 -5.28 17.41
C PRO A 533 41.58 -3.91 17.23
N LYS A 534 40.58 -3.86 16.34
CA LYS A 534 39.81 -2.61 16.19
C LYS A 534 39.68 -1.92 17.54
N VAL A 535 39.99 -0.63 17.56
CA VAL A 535 39.77 0.22 18.72
C VAL A 535 38.29 0.61 18.76
N VAL A 536 37.56 0.07 19.73
CA VAL A 536 36.13 0.39 19.94
C VAL A 536 35.98 1.85 20.31
N LYS A 537 35.20 2.61 19.54
CA LYS A 537 34.88 4.01 19.83
C LYS A 537 33.51 4.12 20.48
N PRO A 538 33.36 4.85 21.59
CA PRO A 538 32.06 4.99 22.26
C PRO A 538 31.13 5.93 21.49
N LEU A 539 29.83 5.60 21.48
CA LEU A 539 28.76 6.46 20.98
C LEU A 539 27.76 6.75 22.10
N PRO A 540 27.27 8.00 22.28
CA PRO A 540 26.25 8.29 23.27
C PRO A 540 24.98 7.47 23.03
N PHE A 541 24.41 6.91 24.11
CA PHE A 541 23.25 6.03 24.05
C PHE A 541 22.08 6.61 23.24
N LEU A 542 21.71 7.88 23.47
CA LEU A 542 20.58 8.50 22.76
C LEU A 542 20.82 8.61 21.25
N LYS A 543 22.08 8.84 20.83
CA LYS A 543 22.41 8.87 19.40
C LYS A 543 22.28 7.48 18.79
N LYS A 544 22.82 6.46 19.48
CA LYS A 544 22.70 5.04 19.11
C LYS A 544 21.24 4.60 19.00
N TRP A 545 20.41 4.96 19.99
CA TRP A 545 18.98 4.65 20.01
C TRP A 545 18.21 5.38 18.90
N ILE A 546 18.44 6.68 18.66
CA ILE A 546 17.76 7.44 17.61
C ILE A 546 18.05 6.85 16.22
N GLU A 547 19.31 6.49 15.95
CA GLU A 547 19.70 5.85 14.70
C GLU A 547 18.98 4.52 14.50
N THR A 548 19.08 3.61 15.46
CA THR A 548 18.38 2.32 15.40
C THR A 548 16.87 2.51 15.23
N GLN A 549 16.27 3.48 15.94
CA GLN A 549 14.84 3.74 15.85
C GLN A 549 14.40 4.24 14.48
N LYS A 550 15.16 5.14 13.88
CA LYS A 550 14.89 5.60 12.50
C LYS A 550 14.98 4.43 11.53
N SER A 551 16.04 3.62 11.62
CA SER A 551 16.19 2.43 10.78
C SER A 551 15.02 1.47 10.97
N MET A 552 14.56 1.23 12.20
CA MET A 552 13.39 0.38 12.49
C MET A 552 12.13 0.86 11.76
N PHE A 553 11.79 2.15 11.87
CA PHE A 553 10.60 2.70 11.20
C PHE A 553 10.72 2.72 9.68
N GLU A 554 11.89 3.07 9.15
CA GLU A 554 12.13 3.09 7.70
C GLU A 554 12.00 1.69 7.08
N HIS A 555 12.60 0.66 7.70
CA HIS A 555 12.52 -0.70 7.19
C HIS A 555 11.12 -1.31 7.39
N ASN A 556 10.44 -1.01 8.50
CA ASN A 556 9.06 -1.46 8.71
C ASN A 556 8.11 -0.92 7.64
N ASN A 557 8.25 0.37 7.32
CA ASN A 557 7.42 0.98 6.25
C ASN A 557 7.96 0.52 4.89
N LYS A 558 9.28 0.51 4.74
CA LYS A 558 9.91 0.12 3.45
C LYS A 558 10.27 -1.38 3.49
N LEU A 559 9.35 -2.24 3.06
CA LEU A 559 9.63 -3.70 2.98
C LEU A 559 8.64 -4.30 1.99
N SER A 560 9.06 -5.32 1.22
CA SER A 560 8.16 -5.89 0.19
C SER A 560 7.73 -7.31 0.57
N SER A 561 8.53 -8.31 0.21
CA SER A 561 8.17 -9.72 0.50
C SER A 561 6.79 -10.02 -0.12
N GLU A 562 6.04 -10.94 0.49
CA GLU A 562 4.68 -11.27 -0.01
C GLU A 562 3.95 -12.12 1.04
N HIS A 563 4.44 -13.33 1.31
CA HIS A 563 3.78 -14.24 2.27
C HIS A 563 2.38 -14.60 1.75
N PRO A 564 2.15 -15.83 1.27
CA PRO A 564 0.86 -16.20 0.67
C PRO A 564 -0.22 -16.41 1.74
N PHE A 565 -0.31 -15.50 2.71
CA PHE A 565 -1.33 -15.61 3.78
C PHE A 565 -1.67 -14.20 4.30
N ALA A 566 -1.02 -13.18 3.76
CA ALA A 566 -1.32 -11.78 4.17
C ALA A 566 -2.85 -11.60 4.12
N SER A 567 -3.41 -10.88 5.09
CA SER A 567 -4.89 -10.75 5.16
C SER A 567 -5.31 -9.31 5.45
N GLU A 568 -6.32 -8.80 4.72
CA GLU A 568 -6.82 -7.46 4.97
C GLU A 568 -7.75 -7.41 6.19
N PRO A 569 -7.84 -6.25 6.88
CA PRO A 569 -8.59 -6.13 8.13
C PRO A 569 -10.05 -6.58 8.04
N TYR A 570 -10.72 -6.38 6.90
CA TYR A 570 -12.12 -6.78 6.73
C TYR A 570 -12.35 -8.29 6.87
N SER A 571 -11.34 -9.14 6.61
CA SER A 571 -11.48 -10.60 6.70
C SER A 571 -11.23 -11.14 8.10
N TRP A 572 -10.60 -10.35 8.98
CA TRP A 572 -10.16 -10.85 10.28
C TRP A 572 -11.31 -11.22 11.21
N PRO A 573 -12.33 -10.38 11.49
CA PRO A 573 -13.37 -10.76 12.46
C PRO A 573 -14.14 -12.03 12.07
N GLY A 574 -14.18 -12.37 10.78
CA GLY A 574 -14.77 -13.61 10.27
C GLY A 574 -13.82 -14.81 10.27
N SER A 575 -12.52 -14.61 10.52
CA SER A 575 -11.45 -15.60 10.36
C SER A 575 -11.53 -16.34 9.02
N LEU A 576 -11.72 -15.58 7.92
CA LEU A 576 -12.05 -16.12 6.59
C LEU A 576 -10.88 -16.82 5.89
N SER A 577 -9.65 -16.50 6.28
CA SER A 577 -8.41 -17.13 5.81
C SER A 577 -7.44 -17.31 6.98
N GLY A 578 -6.49 -18.24 6.84
CA GLY A 578 -5.45 -18.50 7.83
C GLY A 578 -4.06 -18.52 7.23
N VAL A 579 -3.09 -19.00 8.00
CA VAL A 579 -1.66 -19.02 7.62
C VAL A 579 -1.08 -20.40 7.86
N SER A 580 -0.40 -20.97 6.87
CA SER A 580 0.34 -22.23 7.05
C SER A 580 1.61 -21.97 7.85
N PHE A 581 1.78 -22.69 8.96
CA PHE A 581 2.92 -22.52 9.88
C PHE A 581 3.98 -23.60 9.66
N TRP A 582 3.55 -24.82 9.33
CA TRP A 582 4.43 -25.96 9.14
C TRP A 582 3.73 -27.07 8.37
N THR A 583 4.50 -27.83 7.59
CA THR A 583 4.04 -29.00 6.83
C THR A 583 5.12 -30.07 6.82
N ASN A 584 4.72 -31.32 7.01
CA ASN A 584 5.56 -32.49 6.77
C ASN A 584 4.96 -33.31 5.63
N GLY A 585 5.69 -33.39 4.51
CA GLY A 585 5.25 -34.04 3.29
C GLY A 585 5.10 -35.56 3.42
N ASP A 586 5.99 -36.20 4.15
CA ASP A 586 6.05 -37.66 4.30
C ASP A 586 4.89 -38.18 5.16
N GLU A 587 4.62 -37.51 6.28
CA GLU A 587 3.54 -37.88 7.20
C GLU A 587 2.20 -37.22 6.84
N LYS A 588 2.17 -36.32 5.86
CA LYS A 588 1.00 -35.48 5.49
C LYS A 588 0.40 -34.74 6.69
N LYS A 589 1.25 -34.14 7.50
CA LYS A 589 0.86 -33.38 8.70
C LYS A 589 1.10 -31.90 8.51
N GLN A 590 0.30 -31.05 9.15
CA GLN A 590 0.44 -29.60 9.02
C GLN A 590 -0.05 -28.84 10.26
N ILE A 591 0.57 -27.69 10.53
CA ILE A 591 0.07 -26.69 11.47
C ILE A 591 -0.51 -25.52 10.68
N TYR A 592 -1.75 -25.14 10.99
CA TYR A 592 -2.47 -24.07 10.33
C TYR A 592 -3.02 -23.08 11.37
N PHE A 593 -2.67 -21.82 11.21
CA PHE A 593 -3.10 -20.73 12.09
C PHE A 593 -4.44 -20.16 11.64
N ILE A 594 -5.47 -20.39 12.45
CA ILE A 594 -6.83 -19.89 12.23
C ILE A 594 -7.55 -19.69 13.56
N GLY A 595 -8.49 -18.74 13.62
CA GLY A 595 -9.34 -18.51 14.80
C GLY A 595 -10.43 -19.58 14.97
N ASN A 596 -10.97 -19.68 16.20
CA ASN A 596 -12.14 -20.52 16.44
C ASN A 596 -13.38 -19.84 15.84
N ILE A 597 -13.77 -20.24 14.63
CA ILE A 597 -14.78 -19.52 13.83
C ILE A 597 -16.10 -19.34 14.57
N ILE A 598 -16.56 -20.35 15.31
CA ILE A 598 -17.79 -20.23 16.13
C ILE A 598 -17.62 -19.13 17.20
N GLY A 599 -16.48 -19.12 17.89
CA GLY A 599 -16.16 -18.10 18.88
C GLY A 599 -16.06 -16.70 18.28
N TRP A 600 -15.42 -16.56 17.12
CA TRP A 600 -15.22 -15.27 16.45
C TRP A 600 -16.55 -14.72 15.92
N TRP A 601 -17.37 -15.56 15.28
CA TRP A 601 -18.70 -15.14 14.81
C TRP A 601 -19.64 -14.78 15.95
N PHE A 602 -19.59 -15.53 17.05
CA PHE A 602 -20.31 -15.16 18.27
C PHE A 602 -19.91 -13.77 18.78
N GLN A 603 -18.64 -13.39 18.68
CA GLN A 603 -18.17 -12.05 19.04
C GLN A 603 -18.62 -10.98 18.04
N VAL A 604 -18.60 -11.26 16.73
CA VAL A 604 -19.14 -10.33 15.71
C VAL A 604 -20.62 -10.05 15.96
N ILE A 605 -21.42 -11.10 16.23
CA ILE A 605 -22.84 -10.96 16.60
C ILE A 605 -22.97 -10.12 17.88
N SER A 606 -22.14 -10.37 18.88
CA SER A 606 -22.15 -9.62 20.13
C SER A 606 -21.89 -8.12 19.90
N LEU A 607 -20.88 -7.77 19.09
CA LEU A 607 -20.57 -6.38 18.74
C LEU A 607 -21.75 -5.71 18.01
N ALA A 608 -22.36 -6.40 17.05
CA ALA A 608 -23.52 -5.90 16.31
C ALA A 608 -24.75 -5.67 17.23
N VAL A 609 -25.04 -6.64 18.10
CA VAL A 609 -26.14 -6.54 19.08
C VAL A 609 -25.95 -5.35 20.02
N PHE A 610 -24.73 -5.14 20.52
CA PHE A 610 -24.44 -3.99 21.37
C PHE A 610 -24.65 -2.65 20.67
N VAL A 611 -24.17 -2.50 19.43
CA VAL A 611 -24.41 -1.28 18.63
C VAL A 611 -25.92 -1.05 18.47
N GLY A 612 -26.68 -2.12 18.18
CA GLY A 612 -28.15 -2.07 18.14
C GLY A 612 -28.78 -1.60 19.46
N ILE A 613 -28.31 -2.12 20.59
CA ILE A 613 -28.79 -1.71 21.94
C ILE A 613 -28.50 -0.24 22.21
N ILE A 614 -27.28 0.24 21.94
CA ILE A 614 -26.90 1.64 22.15
C ILE A 614 -27.72 2.56 21.26
N VAL A 615 -27.88 2.25 19.98
CA VAL A 615 -28.70 3.05 19.06
C VAL A 615 -30.16 3.08 19.52
N ALA A 616 -30.72 1.93 19.94
CA ALA A 616 -32.08 1.86 20.45
C ALA A 616 -32.28 2.68 21.74
N ASP A 617 -31.33 2.60 22.70
CA ASP A 617 -31.34 3.42 23.92
C ASP A 617 -31.31 4.92 23.61
N LEU A 618 -30.43 5.34 22.70
CA LEU A 618 -30.33 6.75 22.29
C LEU A 618 -31.62 7.25 21.62
N ILE A 619 -32.20 6.46 20.69
CA ILE A 619 -33.45 6.83 20.01
C ILE A 619 -34.61 6.92 21.00
N THR A 620 -34.78 5.90 21.86
CA THR A 620 -35.89 5.87 22.82
C THR A 620 -35.81 7.00 23.83
N ARG A 621 -34.62 7.29 24.38
CA ARG A 621 -34.41 8.46 25.24
C ARG A 621 -34.75 9.77 24.56
N HIS A 622 -34.34 9.95 23.32
CA HIS A 622 -34.66 11.16 22.56
C HIS A 622 -36.17 11.35 22.36
N ARG A 623 -36.95 10.26 22.48
CA ARG A 623 -38.42 10.26 22.44
C ARG A 623 -39.08 10.36 23.83
N GLY A 624 -38.29 10.55 24.89
CA GLY A 624 -38.79 10.60 26.27
C GLY A 624 -39.20 9.23 26.82
N TYR A 625 -38.75 8.13 26.19
CA TYR A 625 -39.02 6.77 26.62
C TYR A 625 -37.75 6.15 27.22
N TYR A 626 -37.76 5.88 28.52
CA TYR A 626 -36.60 5.43 29.27
C TYR A 626 -36.70 3.92 29.54
N ALA A 627 -36.36 3.12 28.52
CA ALA A 627 -36.54 1.67 28.58
C ALA A 627 -35.61 0.96 29.59
N LEU A 628 -34.36 1.43 29.67
CA LEU A 628 -33.29 0.78 30.41
C LEU A 628 -33.10 1.37 31.81
N ASN A 629 -33.00 0.50 32.82
CA ASN A 629 -32.60 0.85 34.18
C ASN A 629 -31.21 1.49 34.21
N LYS A 630 -31.01 2.47 35.10
CA LYS A 630 -29.71 3.08 35.42
C LYS A 630 -28.56 2.07 35.55
N MET A 631 -28.72 0.99 36.32
CA MET A 631 -27.63 0.00 36.50
C MET A 631 -27.26 -0.73 35.20
N THR A 632 -28.26 -1.04 34.36
CA THR A 632 -28.01 -1.60 33.03
C THR A 632 -27.21 -0.64 32.18
N ARG A 633 -27.55 0.66 32.23
CA ARG A 633 -26.80 1.68 31.50
C ARG A 633 -25.39 1.87 32.01
N GLU A 634 -25.16 1.82 33.32
CA GLU A 634 -23.82 1.86 33.87
C GLU A 634 -22.96 0.71 33.35
N LYS A 635 -23.52 -0.50 33.18
CA LYS A 635 -22.81 -1.62 32.54
C LYS A 635 -22.54 -1.36 31.05
N LEU A 636 -23.53 -0.84 30.31
CA LEU A 636 -23.43 -0.58 28.87
C LEU A 636 -22.43 0.54 28.55
N TYR A 637 -22.55 1.69 29.20
CA TYR A 637 -21.75 2.89 28.96
C TYR A 637 -20.44 2.93 29.76
N GLY A 638 -20.27 2.02 30.73
CA GLY A 638 -19.02 1.81 31.46
C GLY A 638 -18.17 0.69 30.88
N PRO A 639 -18.17 -0.52 31.49
CA PRO A 639 -17.30 -1.61 31.07
C PRO A 639 -17.48 -2.03 29.61
N LEU A 640 -18.72 -2.14 29.11
CA LEU A 640 -18.95 -2.56 27.73
C LEU A 640 -18.48 -1.53 26.72
N MET A 641 -18.76 -0.24 26.95
CA MET A 641 -18.23 0.84 26.11
C MET A 641 -16.70 0.92 26.18
N PHE A 642 -16.11 0.74 27.36
CA PHE A 642 -14.65 0.69 27.51
C PHE A 642 -14.04 -0.43 26.65
N PHE A 643 -14.59 -1.64 26.70
CA PHE A 643 -14.13 -2.73 25.85
C PHE A 643 -14.42 -2.50 24.37
N PHE A 644 -15.59 -1.96 24.02
CA PHE A 644 -15.95 -1.65 22.64
C PHE A 644 -14.97 -0.64 22.02
N VAL A 645 -14.71 0.48 22.70
CA VAL A 645 -13.73 1.48 22.26
C VAL A 645 -12.32 0.87 22.20
N SER A 646 -11.96 0.05 23.19
CA SER A 646 -10.66 -0.64 23.17
C SER A 646 -10.54 -1.58 21.98
N TRP A 647 -11.59 -2.33 21.62
CA TRP A 647 -11.65 -3.15 20.42
C TRP A 647 -11.51 -2.29 19.16
N CYS A 648 -12.24 -1.18 19.07
CA CYS A 648 -12.12 -0.21 17.96
C CYS A 648 -10.67 0.27 17.77
N CYS A 649 -9.98 0.62 18.86
CA CYS A 649 -8.57 1.03 18.83
C CYS A 649 -7.64 -0.08 18.32
N HIS A 650 -7.95 -1.36 18.55
CA HIS A 650 -7.14 -2.49 18.08
C HIS A 650 -7.58 -3.03 16.71
N TYR A 651 -8.64 -2.48 16.10
CA TYR A 651 -9.15 -2.97 14.81
C TYR A 651 -9.12 -1.91 13.71
N PHE A 652 -9.78 -0.76 13.90
CA PHE A 652 -9.96 0.23 12.83
C PHE A 652 -8.67 0.88 12.33
N PRO A 653 -7.63 1.16 13.16
CA PRO A 653 -6.40 1.76 12.66
C PRO A 653 -5.69 0.93 11.58
N PHE A 654 -5.92 -0.38 11.50
CA PHE A 654 -5.33 -1.23 10.47
C PHE A 654 -5.86 -0.95 9.05
N PHE A 655 -7.05 -0.36 8.91
CA PHE A 655 -7.57 0.08 7.61
C PHE A 655 -6.80 1.29 7.05
N LEU A 656 -6.08 2.01 7.91
CA LEU A 656 -5.25 3.16 7.52
C LEU A 656 -3.80 2.76 7.22
N MET A 657 -3.44 1.49 7.44
CA MET A 657 -2.07 1.00 7.23
C MET A 657 -1.94 0.35 5.84
N ALA A 658 -0.99 0.86 5.05
CA ALA A 658 -0.69 0.40 3.69
C ALA A 658 0.37 -0.72 3.62
N ARG A 659 1.02 -1.06 4.74
CA ARG A 659 1.99 -2.17 4.80
C ARG A 659 1.28 -3.54 4.79
N GLN A 660 2.05 -4.61 4.60
CA GLN A 660 1.54 -5.97 4.78
C GLN A 660 0.95 -6.20 6.17
N LYS A 661 -0.18 -6.89 6.23
CA LYS A 661 -0.90 -7.25 7.46
C LYS A 661 -1.32 -8.72 7.41
N PHE A 662 -1.56 -9.28 8.59
CA PHE A 662 -1.82 -10.70 8.79
C PHE A 662 -2.84 -10.90 9.90
N LEU A 663 -3.53 -12.04 9.92
CA LEU A 663 -4.59 -12.37 10.87
C LEU A 663 -4.15 -12.22 12.34
N HIS A 664 -2.89 -12.53 12.69
CA HIS A 664 -2.40 -12.42 14.07
C HIS A 664 -2.48 -10.99 14.63
N HIS A 665 -2.49 -9.97 13.76
CA HIS A 665 -2.67 -8.57 14.17
C HIS A 665 -4.03 -8.31 14.83
N TYR A 666 -5.03 -9.16 14.58
CA TYR A 666 -6.35 -9.06 15.20
C TYR A 666 -6.44 -9.73 16.58
N LEU A 667 -5.47 -10.56 16.99
CA LEU A 667 -5.53 -11.26 18.28
C LEU A 667 -5.68 -10.32 19.50
N PRO A 668 -5.03 -9.15 19.56
CA PRO A 668 -5.32 -8.13 20.56
C PRO A 668 -6.79 -7.67 20.60
N ALA A 669 -7.40 -7.46 19.42
CA ALA A 669 -8.80 -7.06 19.32
C ALA A 669 -9.71 -8.22 19.74
N HIS A 670 -9.45 -9.45 19.27
CA HIS A 670 -10.16 -10.66 19.68
C HIS A 670 -10.11 -10.86 21.20
N LEU A 671 -8.96 -10.66 21.83
CA LEU A 671 -8.79 -10.75 23.28
C LEU A 671 -9.79 -9.83 24.01
N ILE A 672 -9.91 -8.57 23.56
CA ILE A 672 -10.86 -7.60 24.12
C ILE A 672 -12.31 -7.99 23.78
N ALA A 673 -12.56 -8.50 22.58
CA ALA A 673 -13.87 -8.97 22.15
C ALA A 673 -14.37 -10.15 22.99
N CYS A 674 -13.49 -11.03 23.50
CA CYS A 674 -13.85 -12.09 24.45
C CYS A 674 -14.40 -11.51 25.77
N LEU A 675 -13.73 -10.51 26.36
CA LEU A 675 -14.20 -9.83 27.59
C LEU A 675 -15.55 -9.17 27.35
N PHE A 676 -15.64 -8.45 26.24
CA PHE A 676 -16.82 -7.73 25.81
C PHE A 676 -18.02 -8.66 25.65
N SER A 677 -17.88 -9.77 24.90
CA SER A 677 -18.98 -10.69 24.63
C SER A 677 -19.48 -11.36 25.90
N GLY A 678 -18.57 -11.82 26.78
CA GLY A 678 -18.99 -12.36 28.08
C GLY A 678 -19.84 -11.37 28.88
N ALA A 679 -19.32 -10.14 29.03
CA ALA A 679 -20.02 -9.05 29.72
C ALA A 679 -21.39 -8.73 29.09
N LEU A 680 -21.48 -8.65 27.76
CA LEU A 680 -22.69 -8.24 27.04
C LEU A 680 -23.84 -9.21 27.30
N TRP A 681 -23.57 -10.50 27.18
CA TRP A 681 -24.62 -11.50 27.36
C TRP A 681 -25.09 -11.60 28.81
N GLU A 682 -24.27 -11.30 29.82
CA GLU A 682 -24.79 -11.15 31.20
C GLU A 682 -25.81 -10.00 31.28
N VAL A 683 -25.52 -8.86 30.63
CA VAL A 683 -26.44 -7.71 30.59
C VAL A 683 -27.75 -8.10 29.91
N ILE A 684 -27.70 -8.76 28.74
CA ILE A 684 -28.90 -9.19 28.00
C ILE A 684 -29.78 -10.12 28.85
N PHE A 685 -29.18 -11.01 29.63
CA PHE A 685 -29.89 -11.92 30.53
C PHE A 685 -30.13 -11.32 31.93
N SER A 686 -30.04 -10.00 32.09
CA SER A 686 -30.41 -9.28 33.31
C SER A 686 -31.76 -8.58 33.17
N ASP A 687 -32.42 -8.31 34.30
CA ASP A 687 -33.62 -7.46 34.34
C ASP A 687 -33.26 -6.01 34.00
N CYS A 688 -33.35 -5.68 32.72
CA CYS A 688 -32.91 -4.39 32.20
C CYS A 688 -33.96 -3.29 32.30
N LYS A 689 -35.20 -3.60 32.70
CA LYS A 689 -36.32 -2.65 32.60
C LYS A 689 -36.20 -1.55 33.63
N SER A 690 -36.44 -0.31 33.21
CA SER A 690 -36.66 0.79 34.14
C SER A 690 -37.93 0.55 34.98
N LEU A 691 -37.95 1.11 36.19
CA LEU A 691 -39.12 1.13 37.07
C LEU A 691 -40.28 1.95 36.50
N ASP A 692 -39.97 3.02 35.79
CA ASP A 692 -40.94 3.96 35.21
C ASP A 692 -40.44 4.45 33.84
N LEU A 693 -41.09 3.99 32.78
CA LEU A 693 -40.68 4.24 31.40
C LEU A 693 -40.77 5.73 30.99
N GLU A 694 -41.48 6.55 31.75
CA GLU A 694 -41.65 7.98 31.48
C GLU A 694 -40.64 8.85 32.25
N LYS A 695 -39.85 8.26 33.15
CA LYS A 695 -38.88 8.99 33.99
C LYS A 695 -37.46 8.55 33.74
N ASP A 696 -36.58 9.52 33.54
CA ASP A 696 -35.15 9.24 33.43
C ASP A 696 -34.55 8.95 34.81
N GLU A 697 -34.17 7.70 35.04
CA GLU A 697 -33.51 7.25 36.27
C GLU A 697 -32.11 7.87 36.48
N ASP A 698 -31.53 8.50 35.46
CA ASP A 698 -30.26 9.26 35.59
C ASP A 698 -30.44 10.62 36.27
N ILE A 699 -31.67 11.12 36.39
CA ILE A 699 -31.93 12.38 37.08
C ILE A 699 -31.65 12.18 38.57
N SER A 700 -30.95 13.16 39.16
CA SER A 700 -30.60 13.12 40.58
C SER A 700 -31.86 13.03 41.45
N GLY A 701 -31.91 12.02 42.32
CA GLY A 701 -33.03 11.73 43.21
C GLY A 701 -34.07 10.76 42.66
N ALA A 702 -33.96 10.34 41.39
CA ALA A 702 -34.83 9.29 40.86
C ALA A 702 -34.55 7.94 41.54
N SER A 703 -35.63 7.18 41.81
CA SER A 703 -35.53 5.81 42.30
C SER A 703 -35.22 4.87 41.14
N TYR A 704 -34.31 3.92 41.36
CA TYR A 704 -33.94 2.90 40.38
C TYR A 704 -33.61 1.58 41.10
N GLU A 705 -33.74 0.45 40.41
CA GLU A 705 -33.37 -0.86 40.95
C GLU A 705 -31.84 -1.00 40.97
N ARG A 706 -31.27 -1.12 42.17
CA ARG A 706 -29.82 -1.16 42.39
C ARG A 706 -29.20 -2.53 42.13
N ASN A 707 -29.96 -3.60 42.26
CA ASN A 707 -29.47 -4.98 42.08
C ASN A 707 -30.33 -5.72 41.04
N PRO A 708 -30.25 -5.34 39.76
CA PRO A 708 -31.00 -6.03 38.70
C PRO A 708 -30.74 -7.54 38.73
N LYS A 709 -31.82 -8.32 38.73
CA LYS A 709 -31.73 -9.78 38.78
C LYS A 709 -31.16 -10.31 37.46
N VAL A 710 -30.12 -11.13 37.54
CA VAL A 710 -29.67 -11.94 36.41
C VAL A 710 -30.51 -13.22 36.34
N TYR A 711 -31.07 -13.53 35.17
CA TYR A 711 -31.80 -14.78 34.93
C TYR A 711 -30.80 -15.94 34.78
N VAL A 712 -30.19 -16.35 35.91
CA VAL A 712 -29.04 -17.26 35.94
C VAL A 712 -29.30 -18.59 35.22
N LYS A 713 -30.47 -19.22 35.40
CA LYS A 713 -30.76 -20.53 34.77
C LYS A 713 -30.68 -20.48 33.23
N PRO A 714 -31.49 -19.66 32.51
CA PRO A 714 -31.41 -19.57 31.06
C PRO A 714 -30.06 -19.02 30.60
N TYR A 715 -29.46 -18.08 31.35
CA TYR A 715 -28.13 -17.57 31.04
C TYR A 715 -27.05 -18.66 31.06
N THR A 716 -27.02 -19.49 32.11
CA THR A 716 -26.07 -20.60 32.21
C THR A 716 -26.29 -21.63 31.11
N VAL A 717 -27.54 -21.98 30.78
CA VAL A 717 -27.83 -22.89 29.66
C VAL A 717 -27.29 -22.32 28.35
N PHE A 718 -27.54 -21.03 28.09
CA PHE A 718 -27.02 -20.34 26.91
C PHE A 718 -25.49 -20.38 26.83
N LEU A 719 -24.80 -20.02 27.93
CA LEU A 719 -23.34 -20.05 27.97
C LEU A 719 -22.78 -21.45 27.78
N VAL A 720 -23.41 -22.48 28.36
CA VAL A 720 -23.00 -23.88 28.19
C VAL A 720 -23.15 -24.30 26.73
N CYS A 721 -24.27 -23.98 26.06
CA CYS A 721 -24.47 -24.28 24.64
C CYS A 721 -23.38 -23.65 23.77
N VAL A 722 -23.07 -22.36 23.97
CA VAL A 722 -22.01 -21.67 23.21
C VAL A 722 -20.64 -22.27 23.52
N SER A 723 -20.35 -22.55 24.80
CA SER A 723 -19.08 -23.16 25.22
C SER A 723 -18.88 -24.54 24.59
N CYS A 724 -19.93 -25.38 24.55
CA CYS A 724 -19.89 -26.68 23.91
C CYS A 724 -19.64 -26.57 22.41
N ALA A 725 -20.24 -25.59 21.72
CA ALA A 725 -20.00 -25.36 20.30
C ALA A 725 -18.55 -24.91 20.02
N VAL A 726 -18.03 -23.97 20.81
CA VAL A 726 -16.62 -23.52 20.71
C VAL A 726 -15.65 -24.67 21.00
N ALA A 727 -15.92 -25.47 22.03
CA ALA A 727 -15.10 -26.64 22.35
C ALA A 727 -15.15 -27.73 21.26
N TRP A 728 -16.33 -27.98 20.69
CA TRP A 728 -16.47 -28.90 19.55
C TRP A 728 -15.62 -28.45 18.36
N PHE A 729 -15.67 -27.15 18.02
CA PHE A 729 -14.85 -26.61 16.94
C PHE A 729 -13.35 -26.76 17.22
N PHE A 730 -12.92 -26.43 18.44
CA PHE A 730 -11.53 -26.57 18.86
C PHE A 730 -11.04 -28.01 18.70
N VAL A 731 -11.84 -29.00 19.13
CA VAL A 731 -11.52 -30.43 18.95
C VAL A 731 -11.47 -30.79 17.46
N TYR A 732 -12.43 -30.34 16.66
CA TYR A 732 -12.49 -30.62 15.23
C TYR A 732 -11.26 -30.08 14.45
N PHE A 733 -10.75 -28.90 14.83
CA PHE A 733 -9.54 -28.28 14.26
C PHE A 733 -8.25 -28.64 14.99
N SER A 734 -8.31 -29.39 16.09
CA SER A 734 -7.11 -29.72 16.89
C SER A 734 -5.97 -30.37 16.08
N PRO A 735 -6.21 -31.25 15.07
CA PRO A 735 -5.14 -31.76 14.22
C PRO A 735 -4.33 -30.66 13.51
N LEU A 736 -4.97 -29.55 13.15
CA LEU A 736 -4.33 -28.40 12.50
C LEU A 736 -3.68 -27.43 13.49
N VAL A 737 -4.11 -27.43 14.76
CA VAL A 737 -3.49 -26.64 15.84
C VAL A 737 -2.19 -27.27 16.31
N TYR A 738 -2.19 -28.61 16.42
CA TYR A 738 -1.06 -29.38 16.97
C TYR A 738 -0.16 -29.99 15.89
N GLY A 739 -0.68 -30.18 14.67
CA GLY A 739 0.02 -30.83 13.57
C GLY A 739 0.33 -32.31 13.82
N ASP A 740 -0.25 -32.93 14.85
CA ASP A 740 0.17 -34.22 15.38
C ASP A 740 -0.57 -35.43 14.78
N VAL A 741 -1.63 -35.17 14.02
CA VAL A 741 -2.49 -36.18 13.38
C VAL A 741 -2.49 -35.95 11.88
N SER A 742 -2.23 -37.01 11.12
CA SER A 742 -2.38 -37.00 9.66
C SER A 742 -3.85 -37.08 9.32
N LEU A 743 -4.31 -36.20 8.42
CA LEU A 743 -5.71 -36.17 7.96
C LEU A 743 -5.78 -36.76 6.55
N SER A 744 -6.81 -37.57 6.29
CA SER A 744 -7.08 -38.01 4.92
C SER A 744 -7.47 -36.82 4.02
N PRO A 745 -7.26 -36.87 2.69
CA PRO A 745 -7.61 -35.76 1.81
C PRO A 745 -9.07 -35.30 1.93
N SER A 746 -10.02 -36.23 2.15
CA SER A 746 -11.43 -35.89 2.38
C SER A 746 -11.66 -35.15 3.71
N GLU A 747 -10.91 -35.50 4.75
CA GLU A 747 -10.95 -34.80 6.04
C GLU A 747 -10.30 -33.41 5.96
N VAL A 748 -9.24 -33.24 5.16
CA VAL A 748 -8.65 -31.95 4.86
C VAL A 748 -9.67 -31.07 4.13
N VAL A 749 -10.23 -31.55 3.02
CA VAL A 749 -11.26 -30.82 2.24
C VAL A 749 -12.48 -30.46 3.10
N SER A 750 -12.87 -31.32 4.06
CA SER A 750 -13.99 -30.99 4.96
C SER A 750 -13.74 -29.79 5.89
N ARG A 751 -12.47 -29.40 6.07
CA ARG A 751 -12.02 -28.25 6.86
C ARG A 751 -11.67 -27.03 5.98
N GLU A 752 -11.68 -27.20 4.66
CA GLU A 752 -11.57 -26.11 3.70
C GLU A 752 -12.95 -25.48 3.49
N TRP A 753 -13.11 -24.25 3.95
CA TRP A 753 -14.24 -23.39 3.63
C TRP A 753 -13.75 -21.95 3.46
N PHE A 754 -14.53 -21.09 2.80
CA PHE A 754 -14.11 -19.72 2.44
C PHE A 754 -12.75 -19.74 1.70
N ASP A 755 -11.77 -18.96 2.16
CA ASP A 755 -10.43 -18.85 1.56
C ASP A 755 -9.39 -19.66 2.37
N ILE A 756 -9.83 -20.70 3.10
CA ILE A 756 -8.94 -21.62 3.80
C ILE A 756 -8.41 -22.65 2.79
N GLU A 757 -7.16 -22.48 2.40
CA GLU A 757 -6.42 -23.47 1.61
C GLU A 757 -5.50 -24.28 2.52
N LEU A 758 -5.69 -25.61 2.55
CA LEU A 758 -4.89 -26.52 3.35
C LEU A 758 -4.01 -27.38 2.45
N ASN A 759 -2.85 -27.78 2.99
CA ASN A 759 -2.00 -28.75 2.31
C ASN A 759 -2.62 -30.15 2.38
N PHE A 760 -2.26 -31.03 1.44
CA PHE A 760 -2.72 -32.42 1.39
C PHE A 760 -4.23 -32.63 1.15
N SER A 761 -4.90 -31.65 0.52
CA SER A 761 -6.29 -31.78 0.05
C SER A 761 -6.45 -32.66 -1.20
N LYS A 762 -5.34 -33.02 -1.85
CA LYS A 762 -5.29 -33.85 -3.06
C LYS A 762 -4.74 -35.25 -2.81
N GLN B 35 -32.85 25.53 16.50
CA GLN B 35 -32.03 24.95 15.42
C GLN B 35 -30.67 25.66 15.32
N VAL B 36 -29.69 25.00 14.67
CA VAL B 36 -28.33 25.56 14.59
C VAL B 36 -28.37 26.94 13.92
N ALA B 37 -27.85 27.95 14.64
CA ALA B 37 -27.77 29.35 14.21
C ALA B 37 -29.11 29.98 13.78
N GLU B 38 -30.22 29.52 14.37
CA GLU B 38 -31.56 30.00 14.03
C GLU B 38 -31.70 31.52 14.22
N HIS B 39 -31.26 32.08 15.35
CA HIS B 39 -31.42 33.51 15.59
C HIS B 39 -30.53 34.36 14.69
N TRP B 40 -29.29 33.93 14.43
CA TRP B 40 -28.35 34.61 13.53
C TRP B 40 -28.85 34.63 12.09
N LEU B 41 -29.27 33.48 11.54
CA LEU B 41 -29.63 33.35 10.13
C LEU B 41 -31.00 33.96 9.78
N LEU B 42 -31.85 34.20 10.79
CA LEU B 42 -33.14 34.86 10.62
C LEU B 42 -33.06 36.40 10.76
N GLN B 43 -31.90 36.96 11.10
CA GLN B 43 -31.70 38.41 11.09
C GLN B 43 -31.85 39.02 9.68
N PRO B 44 -32.26 40.30 9.58
CA PRO B 44 -32.12 41.05 8.34
C PRO B 44 -30.63 41.19 7.95
N LEU B 45 -30.37 41.48 6.68
CA LEU B 45 -29.00 41.72 6.21
C LEU B 45 -28.36 42.87 7.01
N PRO B 46 -27.07 42.76 7.40
CA PRO B 46 -26.38 43.77 8.19
C PRO B 46 -26.13 45.09 7.44
N GLU B 47 -26.32 45.10 6.12
CA GLU B 47 -26.10 46.26 5.26
C GLU B 47 -27.18 46.35 4.16
N PRO B 48 -27.41 47.53 3.56
CA PRO B 48 -28.31 47.69 2.43
C PRO B 48 -27.88 46.86 1.21
N GLU B 49 -28.85 46.37 0.43
CA GLU B 49 -28.59 45.54 -0.76
C GLU B 49 -27.66 46.21 -1.78
N SER B 50 -27.71 47.54 -1.91
CA SER B 50 -26.83 48.29 -2.83
C SER B 50 -25.34 48.08 -2.53
N ARG B 51 -24.96 47.91 -1.26
CA ARG B 51 -23.57 47.60 -0.90
C ARG B 51 -23.15 46.21 -1.35
N TYR B 52 -24.04 45.23 -1.20
CA TYR B 52 -23.79 43.87 -1.71
C TYR B 52 -23.68 43.87 -3.23
N SER B 53 -24.59 44.55 -3.93
CA SER B 53 -24.58 44.68 -5.39
C SER B 53 -23.30 45.36 -5.90
N PHE B 54 -22.81 46.39 -5.21
CA PHE B 54 -21.54 47.04 -5.53
C PHE B 54 -20.37 46.05 -5.44
N TRP B 55 -20.19 45.40 -4.29
CA TRP B 55 -19.05 44.53 -4.06
C TRP B 55 -19.06 43.25 -4.91
N VAL B 56 -20.24 42.63 -5.12
CA VAL B 56 -20.35 41.45 -5.99
C VAL B 56 -19.99 41.80 -7.44
N THR B 57 -20.37 42.99 -7.92
CA THR B 57 -20.01 43.45 -9.26
C THR B 57 -18.50 43.62 -9.39
N ILE B 58 -17.86 44.31 -8.44
CA ILE B 58 -16.41 44.53 -8.46
C ILE B 58 -15.64 43.21 -8.47
N VAL B 59 -15.94 42.28 -7.56
CA VAL B 59 -15.19 41.02 -7.48
C VAL B 59 -15.45 40.10 -8.68
N THR B 60 -16.65 40.15 -9.26
CA THR B 60 -16.98 39.41 -10.49
C THR B 60 -16.22 39.98 -11.70
N LEU B 61 -16.09 41.31 -11.80
CA LEU B 61 -15.30 41.95 -12.86
C LEU B 61 -13.80 41.61 -12.74
N LEU B 62 -13.26 41.56 -11.52
CA LEU B 62 -11.88 41.11 -11.29
C LEU B 62 -11.69 39.65 -11.69
N ALA B 63 -12.63 38.77 -11.33
CA ALA B 63 -12.60 37.36 -11.70
C ALA B 63 -12.67 37.15 -13.22
N PHE B 64 -13.51 37.93 -13.90
CA PHE B 64 -13.64 37.95 -15.35
C PHE B 64 -12.33 38.37 -16.00
N ALA B 65 -11.74 39.49 -15.56
CA ALA B 65 -10.48 39.99 -16.07
C ALA B 65 -9.34 38.97 -15.91
N ALA B 66 -9.23 38.34 -14.73
CA ALA B 66 -8.19 37.33 -14.47
C ALA B 66 -8.32 36.07 -15.34
N ARG B 67 -9.53 35.64 -15.69
CA ARG B 67 -9.72 34.40 -16.48
C ARG B 67 -9.65 34.64 -17.98
N PHE B 68 -10.19 35.77 -18.44
CA PHE B 68 -10.22 36.11 -19.87
C PHE B 68 -8.95 36.79 -20.39
N TYR B 69 -8.04 37.21 -19.50
CA TYR B 69 -6.76 37.74 -19.92
C TYR B 69 -6.01 36.73 -20.80
N LYS B 70 -5.72 37.15 -22.04
CA LYS B 70 -5.03 36.37 -23.08
C LYS B 70 -5.54 34.93 -23.22
N ILE B 71 -6.86 34.73 -23.22
CA ILE B 71 -7.47 33.39 -23.26
C ILE B 71 -7.12 32.58 -24.53
N TRP B 72 -6.74 33.27 -25.62
CA TRP B 72 -6.27 32.66 -26.87
C TRP B 72 -4.85 32.09 -26.78
N TYR B 73 -4.10 32.40 -25.71
CA TYR B 73 -2.71 31.99 -25.53
C TYR B 73 -2.59 30.93 -24.42
N PRO B 74 -1.72 29.90 -24.58
CA PRO B 74 -0.96 29.56 -25.80
C PRO B 74 -1.88 29.00 -26.89
N LYS B 75 -1.48 29.11 -28.16
CA LYS B 75 -2.21 28.53 -29.29
C LYS B 75 -1.89 27.05 -29.50
N GLU B 76 -1.67 26.35 -28.39
CA GLU B 76 -1.24 24.96 -28.36
C GLU B 76 -2.01 24.21 -27.29
N VAL B 77 -2.06 22.89 -27.43
CA VAL B 77 -2.63 21.98 -26.44
C VAL B 77 -1.80 22.02 -25.15
N VAL B 78 -2.46 22.22 -24.02
CA VAL B 78 -1.84 22.35 -22.68
C VAL B 78 -2.28 21.22 -21.77
N PHE B 79 -1.36 20.58 -21.05
CA PHE B 79 -1.67 19.61 -19.99
C PHE B 79 -2.78 18.60 -20.39
N ASP B 80 -3.78 18.39 -19.54
CA ASP B 80 -4.92 17.49 -19.74
C ASP B 80 -5.92 17.94 -20.82
N GLU B 81 -5.68 19.05 -21.55
CA GLU B 81 -6.42 19.33 -22.80
C GLU B 81 -6.25 18.17 -23.80
N VAL B 82 -5.13 17.42 -23.71
CA VAL B 82 -4.88 16.18 -24.49
C VAL B 82 -5.95 15.10 -24.26
N HIS B 83 -6.57 15.08 -23.08
CA HIS B 83 -7.60 14.12 -22.73
C HIS B 83 -8.98 14.68 -23.00
N PHE B 84 -9.29 15.87 -22.47
CA PHE B 84 -10.66 16.39 -22.52
C PHE B 84 -11.02 16.98 -23.88
N GLY B 85 -10.05 17.55 -24.61
CA GLY B 85 -10.23 17.93 -26.01
C GLY B 85 -10.47 16.69 -26.88
N LYS B 86 -9.67 15.63 -26.69
CA LYS B 86 -9.84 14.35 -27.38
C LYS B 86 -11.21 13.71 -27.13
N PHE B 87 -11.67 13.71 -25.88
CA PHE B 87 -13.01 13.21 -25.55
C PHE B 87 -14.12 14.05 -26.19
N ALA B 88 -13.95 15.38 -26.28
CA ALA B 88 -14.89 16.23 -27.00
C ALA B 88 -14.99 15.84 -28.48
N SER B 89 -13.85 15.61 -29.13
CA SER B 89 -13.78 15.11 -30.50
C SER B 89 -14.50 13.77 -30.68
N TYR B 90 -14.28 12.79 -29.79
CA TYR B 90 -14.96 11.50 -29.88
C TYR B 90 -16.48 11.58 -29.71
N TYR B 91 -16.98 12.51 -28.89
CA TYR B 91 -18.44 12.74 -28.80
C TYR B 91 -19.03 13.25 -30.12
N LEU B 92 -18.32 14.16 -30.80
CA LEU B 92 -18.77 14.75 -32.06
C LEU B 92 -18.75 13.72 -33.20
N GLU B 93 -17.75 12.84 -33.21
CA GLU B 93 -17.66 11.70 -34.13
C GLU B 93 -18.56 10.51 -33.77
N ARG B 94 -19.14 10.53 -32.56
CA ARG B 94 -19.96 9.44 -32.01
C ARG B 94 -19.17 8.15 -31.75
N SER B 95 -17.85 8.25 -31.63
CA SER B 95 -16.92 7.15 -31.41
C SER B 95 -16.85 6.78 -29.92
N TYR B 96 -17.07 5.50 -29.60
CA TYR B 96 -17.06 5.05 -28.21
C TYR B 96 -15.66 5.15 -27.60
N PHE B 97 -15.58 5.79 -26.44
CA PHE B 97 -14.35 5.89 -25.65
C PHE B 97 -14.65 5.54 -24.19
N PHE B 98 -13.62 5.05 -23.49
CA PHE B 98 -13.67 4.76 -22.07
C PHE B 98 -12.92 5.83 -21.29
N ASP B 99 -13.44 6.19 -20.12
CA ASP B 99 -12.78 7.07 -19.16
C ASP B 99 -13.18 6.67 -17.74
N VAL B 100 -12.31 6.95 -16.77
CA VAL B 100 -12.49 6.63 -15.36
C VAL B 100 -13.45 7.59 -14.64
N HIS B 101 -13.83 8.70 -15.27
CA HIS B 101 -14.76 9.68 -14.73
C HIS B 101 -16.13 9.68 -15.43
N PRO B 102 -17.21 10.05 -14.72
CA PRO B 102 -18.54 10.09 -15.32
C PRO B 102 -18.66 11.13 -16.45
N PRO B 103 -19.68 11.01 -17.32
CA PRO B 103 -19.65 11.64 -18.63
C PRO B 103 -20.04 13.13 -18.68
N PHE B 104 -20.70 13.67 -17.65
CA PHE B 104 -21.40 14.97 -17.74
C PHE B 104 -20.48 16.12 -18.16
N ALA B 105 -19.35 16.31 -17.47
CA ALA B 105 -18.46 17.43 -17.76
C ALA B 105 -17.83 17.34 -19.16
N LYS B 106 -17.44 16.14 -19.60
CA LYS B 106 -16.94 15.91 -20.96
C LYS B 106 -18.01 16.19 -22.02
N MET B 107 -19.27 15.81 -21.76
CA MET B 107 -20.39 16.16 -22.65
C MET B 107 -20.65 17.65 -22.70
N MET B 108 -20.48 18.39 -21.60
CA MET B 108 -20.58 19.86 -21.63
C MET B 108 -19.51 20.48 -22.51
N ILE B 109 -18.25 20.01 -22.41
CA ILE B 109 -17.18 20.47 -23.30
C ILE B 109 -17.55 20.14 -24.75
N ALA B 110 -17.88 18.88 -25.06
CA ALA B 110 -18.31 18.47 -26.40
C ALA B 110 -19.49 19.30 -26.95
N PHE B 111 -20.44 19.66 -26.09
CA PHE B 111 -21.58 20.49 -26.46
C PHE B 111 -21.17 21.88 -26.95
N ILE B 112 -20.12 22.49 -26.38
CA ILE B 112 -19.57 23.75 -26.90
C ILE B 112 -18.99 23.58 -28.30
N GLY B 113 -18.29 22.46 -28.54
CA GLY B 113 -17.76 22.12 -29.86
C GLY B 113 -18.87 21.95 -30.88
N TRP B 114 -19.93 21.26 -30.49
CA TRP B 114 -21.13 21.08 -31.29
C TRP B 114 -21.80 22.41 -31.65
N LEU B 115 -21.91 23.35 -30.69
CA LEU B 115 -22.43 24.70 -30.95
C LEU B 115 -21.55 25.51 -31.92
N CYS B 116 -20.25 25.26 -31.94
CA CYS B 116 -19.30 25.87 -32.87
C CYS B 116 -19.28 25.19 -34.26
N GLY B 117 -20.04 24.11 -34.47
CA GLY B 117 -20.00 23.33 -35.71
C GLY B 117 -18.72 22.54 -35.91
N TYR B 118 -17.98 22.26 -34.84
CA TYR B 118 -16.76 21.45 -34.88
C TYR B 118 -17.11 19.97 -35.09
N ASP B 119 -16.36 19.30 -35.95
CA ASP B 119 -16.60 17.92 -36.40
C ASP B 119 -15.85 16.85 -35.58
N GLY B 120 -14.86 17.25 -34.78
CA GLY B 120 -14.02 16.33 -34.00
C GLY B 120 -12.77 15.84 -34.72
N SER B 121 -12.39 16.43 -35.86
CA SER B 121 -11.20 16.06 -36.64
C SER B 121 -9.89 16.12 -35.85
N PHE B 122 -9.68 17.18 -35.05
CA PHE B 122 -8.47 17.34 -34.24
C PHE B 122 -8.49 16.48 -32.95
N LYS B 123 -7.42 15.72 -32.69
CA LYS B 123 -7.36 14.73 -31.61
C LYS B 123 -6.67 15.15 -30.34
N PHE B 124 -6.00 16.31 -30.29
CA PHE B 124 -5.28 16.76 -29.08
C PHE B 124 -4.28 15.69 -28.60
N ASP B 125 -3.49 15.09 -29.49
CA ASP B 125 -2.71 13.90 -29.12
C ASP B 125 -1.58 14.17 -28.12
N GLU B 126 -0.91 15.31 -28.24
CA GLU B 126 0.22 15.67 -27.39
C GLU B 126 0.16 17.14 -26.94
N ILE B 127 0.85 17.42 -25.83
CA ILE B 127 1.08 18.80 -25.35
C ILE B 127 1.98 19.51 -26.35
N GLY B 128 1.66 20.77 -26.68
CA GLY B 128 2.41 21.58 -27.64
C GLY B 128 1.89 21.51 -29.07
N TYR B 129 0.90 20.65 -29.37
CA TYR B 129 0.27 20.64 -30.69
C TYR B 129 -0.40 21.96 -31.00
N SER B 130 -0.10 22.54 -32.16
CA SER B 130 -0.64 23.81 -32.61
C SER B 130 -2.13 23.69 -32.97
N TYR B 131 -2.93 24.65 -32.49
CA TYR B 131 -4.32 24.82 -32.92
C TYR B 131 -4.45 25.51 -34.29
N GLU B 132 -3.34 25.93 -34.92
CA GLU B 132 -3.37 26.62 -36.22
C GLU B 132 -3.42 25.65 -37.41
N THR B 133 -2.77 24.49 -37.29
CA THR B 133 -2.72 23.48 -38.37
C THR B 133 -4.03 22.72 -38.51
N HIS B 134 -4.73 22.47 -37.39
CA HIS B 134 -6.02 21.79 -37.34
C HIS B 134 -6.97 22.53 -36.39
N PRO B 135 -7.83 23.42 -36.89
CA PRO B 135 -8.56 24.37 -36.05
C PRO B 135 -9.67 23.68 -35.23
N ALA B 136 -9.34 23.28 -34.00
CA ALA B 136 -10.33 23.04 -32.95
C ALA B 136 -10.83 24.37 -32.37
N PRO B 137 -12.09 24.48 -31.90
CA PRO B 137 -12.64 25.71 -31.31
C PRO B 137 -12.13 25.93 -29.86
N TYR B 138 -10.81 25.88 -29.67
CA TYR B 138 -10.15 25.92 -28.35
C TYR B 138 -10.46 27.21 -27.57
N ILE B 139 -10.58 28.35 -28.26
CA ILE B 139 -10.98 29.63 -27.62
C ILE B 139 -12.39 29.51 -27.04
N ALA B 140 -13.31 28.85 -27.74
CA ALA B 140 -14.69 28.65 -27.26
C ALA B 140 -14.71 27.72 -26.04
N TYR B 141 -13.95 26.62 -26.07
CA TYR B 141 -13.81 25.71 -24.93
C TYR B 141 -13.21 26.40 -23.70
N ARG B 142 -12.09 27.11 -23.88
CA ARG B 142 -11.44 27.88 -22.81
C ARG B 142 -12.36 28.97 -22.28
N SER B 143 -13.07 29.68 -23.16
CA SER B 143 -14.06 30.71 -22.76
C SER B 143 -15.21 30.13 -21.95
N PHE B 144 -15.71 28.94 -22.32
CA PHE B 144 -16.74 28.27 -21.53
C PHE B 144 -16.27 28.01 -20.09
N ASN B 145 -15.07 27.47 -19.92
CA ASN B 145 -14.49 27.26 -18.59
C ASN B 145 -14.25 28.58 -17.85
N ALA B 146 -13.77 29.62 -18.54
CA ALA B 146 -13.55 30.94 -17.96
C ALA B 146 -14.86 31.57 -17.46
N ILE B 147 -15.98 31.37 -18.18
CA ILE B 147 -17.31 31.78 -17.74
C ILE B 147 -17.70 31.05 -16.45
N LEU B 148 -17.55 29.73 -16.39
CA LEU B 148 -17.89 28.96 -15.19
C LEU B 148 -17.03 29.33 -13.98
N GLY B 149 -15.73 29.50 -14.18
CA GLY B 149 -14.80 29.98 -13.16
C GLY B 149 -15.18 31.38 -12.66
N THR B 150 -15.58 32.27 -13.57
CA THR B 150 -16.05 33.63 -13.21
C THR B 150 -17.36 33.58 -12.43
N LEU B 151 -18.32 32.75 -12.85
CA LEU B 151 -19.64 32.62 -12.18
C LEU B 151 -19.57 31.93 -10.82
N THR B 152 -18.50 31.18 -10.54
CA THR B 152 -18.24 30.62 -9.21
C THR B 152 -18.13 31.74 -8.16
N VAL B 153 -17.44 32.84 -8.49
CA VAL B 153 -17.17 33.96 -7.57
C VAL B 153 -18.45 34.62 -7.01
N PRO B 154 -19.45 35.04 -7.81
CA PRO B 154 -20.69 35.58 -7.27
C PRO B 154 -21.53 34.54 -6.51
N ILE B 155 -21.43 33.25 -6.80
CA ILE B 155 -22.11 32.21 -6.02
C ILE B 155 -21.50 32.12 -4.61
N MET B 156 -20.17 32.17 -4.51
CA MET B 156 -19.45 32.21 -3.24
C MET B 156 -19.82 33.45 -2.43
N PHE B 157 -19.84 34.61 -3.07
CA PHE B 157 -20.27 35.88 -2.46
C PHE B 157 -21.68 35.76 -1.89
N ASN B 158 -22.63 35.28 -2.70
CA ASN B 158 -24.02 35.16 -2.28
C ASN B 158 -24.23 34.09 -1.20
N THR B 159 -23.37 33.07 -1.13
CA THR B 159 -23.40 32.08 -0.04
C THR B 159 -23.17 32.76 1.31
N LEU B 160 -22.14 33.61 1.44
CA LEU B 160 -21.89 34.35 2.67
C LEU B 160 -22.93 35.44 2.94
N LYS B 161 -23.43 36.11 1.90
CA LYS B 161 -24.56 37.06 2.03
C LYS B 161 -25.76 36.39 2.67
N GLU B 162 -26.10 35.18 2.21
CA GLU B 162 -27.22 34.43 2.77
C GLU B 162 -26.96 33.91 4.18
N LEU B 163 -25.70 33.70 4.55
CA LEU B 163 -25.29 33.42 5.93
C LEU B 163 -25.18 34.68 6.81
N ASN B 164 -25.75 35.81 6.35
CA ASN B 164 -25.85 37.10 7.04
C ASN B 164 -24.51 37.81 7.34
N PHE B 165 -23.43 37.48 6.62
CA PHE B 165 -22.17 38.22 6.71
C PHE B 165 -22.21 39.55 5.95
N ARG B 166 -21.33 40.49 6.33
CA ARG B 166 -21.24 41.83 5.72
C ARG B 166 -20.78 41.76 4.27
N ALA B 167 -21.09 42.79 3.48
CA ALA B 167 -20.77 42.83 2.06
C ALA B 167 -19.25 42.77 1.80
N ILE B 168 -18.44 43.44 2.65
CA ILE B 168 -16.97 43.41 2.55
C ILE B 168 -16.40 42.00 2.82
N THR B 169 -17.01 41.26 3.74
CA THR B 169 -16.64 39.88 4.08
C THR B 169 -16.92 38.94 2.92
N CYS B 170 -18.10 39.10 2.31
CA CYS B 170 -18.49 38.37 1.10
C CYS B 170 -17.53 38.67 -0.05
N ALA B 171 -17.15 39.95 -0.23
CA ALA B 171 -16.21 40.39 -1.26
C ALA B 171 -14.83 39.76 -1.06
N PHE B 172 -14.31 39.81 0.16
CA PHE B 172 -12.99 39.29 0.50
C PHE B 172 -12.89 37.77 0.28
N ALA B 173 -13.82 36.99 0.82
CA ALA B 173 -13.82 35.54 0.61
C ALA B 173 -13.90 35.16 -0.87
N SER B 174 -14.68 35.91 -1.65
CA SER B 174 -14.81 35.68 -3.10
C SER B 174 -13.57 36.13 -3.85
N LEU B 175 -12.90 37.19 -3.39
CA LEU B 175 -11.64 37.68 -3.95
C LEU B 175 -10.53 36.63 -3.81
N LEU B 176 -10.46 35.94 -2.67
CA LEU B 176 -9.50 34.84 -2.45
C LEU B 176 -9.63 33.73 -3.50
N VAL B 177 -10.80 33.56 -4.13
CA VAL B 177 -11.00 32.61 -5.26
C VAL B 177 -10.84 33.30 -6.62
N ALA B 178 -11.24 34.58 -6.71
CA ALA B 178 -11.18 35.35 -7.95
C ALA B 178 -9.76 35.50 -8.49
N ILE B 179 -8.79 35.70 -7.59
CA ILE B 179 -7.36 35.93 -7.87
C ILE B 179 -6.44 34.88 -7.23
N ASP B 180 -6.95 33.66 -7.02
CA ASP B 180 -6.07 32.52 -6.70
C ASP B 180 -5.45 31.97 -7.98
N THR B 181 -4.14 31.77 -7.97
CA THR B 181 -3.38 31.35 -9.15
C THR B 181 -3.80 29.97 -9.65
N ALA B 182 -4.10 29.02 -8.75
CA ALA B 182 -4.52 27.66 -9.13
C ALA B 182 -5.93 27.66 -9.72
N HIS B 183 -6.89 28.31 -9.04
CA HIS B 183 -8.27 28.46 -9.56
C HIS B 183 -8.29 29.20 -10.89
N VAL B 184 -7.46 30.23 -11.07
CA VAL B 184 -7.36 30.92 -12.35
C VAL B 184 -6.79 29.97 -13.39
N THR B 185 -5.59 29.40 -13.24
CA THR B 185 -4.97 28.50 -14.23
C THR B 185 -5.91 27.38 -14.70
N GLU B 186 -6.54 26.65 -13.77
CA GLU B 186 -7.45 25.54 -14.10
C GLU B 186 -8.70 25.99 -14.87
N THR B 187 -9.29 27.12 -14.48
CA THR B 187 -10.58 27.55 -15.05
C THR B 187 -10.46 28.32 -16.36
N ARG B 188 -9.27 28.46 -16.96
CA ARG B 188 -9.06 29.05 -18.30
C ARG B 188 -8.63 28.03 -19.35
N LEU B 189 -8.30 26.80 -18.95
CA LEU B 189 -7.88 25.71 -19.83
C LEU B 189 -9.03 24.72 -20.01
N ILE B 190 -8.95 23.82 -21.00
CA ILE B 190 -10.03 22.85 -21.30
C ILE B 190 -9.98 21.66 -20.31
N LEU B 191 -10.39 21.93 -19.07
CA LEU B 191 -10.34 20.99 -17.94
C LEU B 191 -11.75 20.77 -17.34
N LEU B 192 -11.94 19.67 -16.60
CA LEU B 192 -13.24 19.37 -15.97
C LEU B 192 -13.51 20.21 -14.70
N ASP B 193 -12.46 20.79 -14.13
CA ASP B 193 -12.47 21.36 -12.79
C ASP B 193 -13.31 22.65 -12.70
N ALA B 194 -13.42 23.42 -13.79
CA ALA B 194 -14.34 24.56 -13.85
C ALA B 194 -15.81 24.14 -13.61
N ILE B 195 -16.23 23.02 -14.21
CA ILE B 195 -17.58 22.47 -14.07
C ILE B 195 -17.76 21.86 -12.67
N LEU B 196 -16.72 21.22 -12.13
CA LEU B 196 -16.75 20.67 -10.77
C LEU B 196 -16.91 21.77 -9.71
N ILE B 197 -16.04 22.78 -9.75
CA ILE B 197 -15.94 23.84 -8.75
C ILE B 197 -17.22 24.70 -8.73
N ILE B 198 -17.76 25.09 -9.89
CA ILE B 198 -19.03 25.82 -9.92
C ILE B 198 -20.19 24.98 -9.37
N SER B 199 -20.21 23.67 -9.63
CA SER B 199 -21.25 22.76 -9.13
C SER B 199 -21.16 22.60 -7.60
N ILE B 200 -19.94 22.59 -7.03
CA ILE B 200 -19.72 22.58 -5.58
C ILE B 200 -20.17 23.90 -4.96
N ALA B 201 -19.78 25.04 -5.54
CA ALA B 201 -20.23 26.36 -5.09
C ALA B 201 -21.76 26.47 -5.12
N ALA B 202 -22.39 26.04 -6.21
CA ALA B 202 -23.84 26.03 -6.37
C ALA B 202 -24.51 25.11 -5.33
N THR B 203 -23.91 23.96 -5.03
CA THR B 203 -24.39 23.04 -3.99
C THR B 203 -24.42 23.70 -2.61
N MET B 204 -23.31 24.35 -2.22
CA MET B 204 -23.21 25.07 -0.93
C MET B 204 -24.24 26.19 -0.84
N TYR B 205 -24.34 27.02 -1.89
CA TYR B 205 -25.32 28.10 -1.96
C TYR B 205 -26.76 27.57 -1.86
N CYS B 206 -27.15 26.60 -2.70
CA CYS B 206 -28.49 26.04 -2.71
C CYS B 206 -28.85 25.42 -1.35
N TYR B 207 -27.91 24.73 -0.70
CA TYR B 207 -28.14 24.16 0.63
C TYR B 207 -28.35 25.24 1.70
N VAL B 208 -27.56 26.31 1.69
CA VAL B 208 -27.77 27.46 2.60
C VAL B 208 -29.17 28.08 2.38
N ARG B 209 -29.58 28.26 1.13
CA ARG B 209 -30.92 28.77 0.79
C ARG B 209 -32.02 27.84 1.28
N PHE B 210 -31.86 26.54 1.06
CA PHE B 210 -32.76 25.51 1.57
C PHE B 210 -32.87 25.57 3.09
N TYR B 211 -31.73 25.65 3.79
CA TYR B 211 -31.69 25.70 5.25
C TYR B 211 -32.39 26.95 5.81
N LYS B 212 -32.20 28.14 5.20
CA LYS B 212 -32.97 29.34 5.59
C LYS B 212 -34.47 29.17 5.38
N CYS B 213 -34.89 28.55 4.28
CA CYS B 213 -36.31 28.23 4.07
C CYS B 213 -36.83 27.23 5.11
N GLN B 214 -36.01 26.24 5.50
CA GLN B 214 -36.32 25.29 6.57
C GLN B 214 -36.52 25.98 7.92
N LEU B 215 -35.67 26.95 8.27
CA LEU B 215 -35.78 27.72 9.51
C LEU B 215 -37.03 28.61 9.54
N ARG B 216 -37.36 29.26 8.41
CA ARG B 216 -38.54 30.15 8.33
C ARG B 216 -39.85 29.39 8.30
N GLN B 217 -40.02 28.53 7.30
CA GLN B 217 -41.25 27.79 7.08
C GLN B 217 -40.99 26.56 6.19
N PRO B 218 -40.96 25.35 6.77
CA PRO B 218 -40.77 24.13 6.00
C PRO B 218 -41.96 23.82 5.09
N PHE B 219 -41.72 23.04 4.04
CA PHE B 219 -42.75 22.60 3.06
C PHE B 219 -43.43 23.73 2.26
N THR B 220 -42.83 24.92 2.22
CA THR B 220 -43.21 25.96 1.26
C THR B 220 -42.73 25.61 -0.15
N TRP B 221 -43.28 26.28 -1.17
CA TRP B 221 -42.81 26.11 -2.54
C TRP B 221 -41.32 26.42 -2.68
N SER B 222 -40.84 27.50 -2.06
CA SER B 222 -39.43 27.85 -2.02
C SER B 222 -38.58 26.76 -1.34
N TRP B 223 -39.07 26.13 -0.28
CA TRP B 223 -38.38 25.01 0.37
C TRP B 223 -38.16 23.84 -0.60
N TYR B 224 -39.17 23.49 -1.41
CA TYR B 224 -39.03 22.44 -2.43
C TYR B 224 -38.07 22.84 -3.54
N ILE B 225 -38.16 24.07 -4.05
CA ILE B 225 -37.24 24.57 -5.09
C ILE B 225 -35.79 24.43 -4.62
N TRP B 226 -35.46 24.93 -3.43
CA TRP B 226 -34.08 24.91 -2.96
C TRP B 226 -33.60 23.50 -2.62
N LEU B 227 -34.46 22.63 -2.10
CA LEU B 227 -34.13 21.22 -1.87
C LEU B 227 -33.74 20.51 -3.17
N HIS B 228 -34.56 20.65 -4.21
CA HIS B 228 -34.30 20.03 -5.50
C HIS B 228 -33.15 20.69 -6.24
N ALA B 229 -32.93 22.01 -6.07
CA ALA B 229 -31.76 22.69 -6.59
C ALA B 229 -30.46 22.20 -5.92
N THR B 230 -30.46 21.95 -4.61
CA THR B 230 -29.32 21.29 -3.93
C THR B 230 -29.07 19.91 -4.51
N GLY B 231 -30.11 19.10 -4.68
CA GLY B 231 -29.99 17.78 -5.30
C GLY B 231 -29.44 17.82 -6.73
N LEU B 232 -29.95 18.72 -7.56
CA LEU B 232 -29.49 18.91 -8.93
C LEU B 232 -28.00 19.27 -8.97
N SER B 233 -27.58 20.24 -8.16
CA SER B 233 -26.17 20.64 -8.06
C SER B 233 -25.28 19.49 -7.56
N LEU B 234 -25.73 18.73 -6.53
CA LEU B 234 -25.05 17.52 -6.07
C LEU B 234 -24.90 16.48 -7.19
N SER B 235 -25.92 16.30 -8.01
CA SER B 235 -25.85 15.41 -9.17
C SER B 235 -24.77 15.85 -10.16
N PHE B 236 -24.64 17.14 -10.45
CA PHE B 236 -23.60 17.65 -11.35
C PHE B 236 -22.19 17.47 -10.79
N VAL B 237 -22.03 17.58 -9.47
CA VAL B 237 -20.76 17.33 -8.79
C VAL B 237 -20.30 15.88 -9.00
N ILE B 238 -21.13 14.89 -8.64
CA ILE B 238 -20.76 13.47 -8.80
C ILE B 238 -20.72 13.01 -10.26
N SER B 239 -21.50 13.65 -11.16
CA SER B 239 -21.46 13.36 -12.59
C SER B 239 -20.24 13.97 -13.30
N THR B 240 -19.48 14.85 -12.62
CA THR B 240 -18.22 15.40 -13.13
C THR B 240 -17.03 14.55 -12.71
N LYS B 241 -16.85 14.32 -11.40
CA LYS B 241 -15.77 13.49 -10.84
C LYS B 241 -16.26 12.75 -9.58
N TYR B 242 -15.76 11.54 -9.33
CA TYR B 242 -16.15 10.76 -8.14
C TYR B 242 -15.72 11.38 -6.80
N VAL B 243 -14.72 12.26 -6.80
CA VAL B 243 -14.39 13.11 -5.64
C VAL B 243 -15.59 13.92 -5.14
N GLY B 244 -16.61 14.12 -6.00
CA GLY B 244 -17.89 14.70 -5.63
C GLY B 244 -18.63 14.01 -4.49
N VAL B 245 -18.29 12.76 -4.15
CA VAL B 245 -18.78 12.07 -2.95
C VAL B 245 -18.46 12.84 -1.66
N MET B 246 -17.37 13.62 -1.64
CA MET B 246 -17.00 14.47 -0.51
C MET B 246 -18.01 15.60 -0.30
N THR B 247 -18.56 16.15 -1.38
CA THR B 247 -19.62 17.15 -1.33
C THR B 247 -20.94 16.55 -0.86
N TYR B 248 -21.27 15.34 -1.31
CA TYR B 248 -22.41 14.57 -0.74
C TYR B 248 -22.23 14.32 0.75
N SER B 249 -21.02 14.00 1.20
CA SER B 249 -20.73 13.76 2.62
C SER B 249 -20.90 15.03 3.45
N ALA B 250 -20.39 16.17 2.96
CA ALA B 250 -20.52 17.47 3.62
C ALA B 250 -21.99 17.90 3.78
N ILE B 251 -22.77 17.87 2.68
CA ILE B 251 -24.20 18.21 2.72
C ILE B 251 -25.01 17.17 3.48
N GLY B 252 -24.68 15.89 3.33
CA GLY B 252 -25.31 14.78 4.02
C GLY B 252 -25.15 14.90 5.53
N PHE B 253 -23.95 15.21 6.02
CA PHE B 253 -23.69 15.48 7.43
C PHE B 253 -24.58 16.61 7.95
N ALA B 254 -24.57 17.76 7.27
CA ALA B 254 -25.40 18.91 7.67
C ALA B 254 -26.91 18.58 7.65
N ALA B 255 -27.37 17.81 6.66
CA ALA B 255 -28.76 17.39 6.55
C ALA B 255 -29.16 16.41 7.67
N VAL B 256 -28.26 15.50 8.06
CA VAL B 256 -28.44 14.56 9.17
C VAL B 256 -28.47 15.30 10.50
N VAL B 257 -27.56 16.24 10.75
CA VAL B 257 -27.56 17.10 11.94
C VAL B 257 -28.90 17.82 12.07
N ASN B 258 -29.40 18.40 10.97
CA ASN B 258 -30.69 19.07 11.03
C ASN B 258 -31.86 18.10 11.22
N LEU B 259 -31.84 16.91 10.59
CA LEU B 259 -32.85 15.88 10.85
C LEU B 259 -32.82 15.41 12.32
N TRP B 260 -31.64 15.33 12.93
CA TRP B 260 -31.48 15.01 14.35
C TRP B 260 -32.15 16.05 15.25
N GLN B 261 -32.00 17.34 14.95
CA GLN B 261 -32.71 18.41 15.66
C GLN B 261 -34.24 18.31 15.50
N LEU B 262 -34.72 17.95 14.31
CA LEU B 262 -36.16 17.78 14.04
C LEU B 262 -36.76 16.51 14.68
N LEU B 263 -35.92 15.52 15.02
CA LEU B 263 -36.34 14.31 15.73
C LEU B 263 -36.52 14.54 17.23
N ASP B 264 -35.99 15.67 17.71
CA ASP B 264 -36.10 16.04 19.14
C ASP B 264 -37.55 16.28 19.54
N ILE B 265 -37.96 15.70 20.66
CA ILE B 265 -39.30 15.97 21.20
C ILE B 265 -39.50 17.48 21.42
N LYS B 266 -38.44 18.21 21.76
CA LYS B 266 -38.47 19.67 21.93
C LYS B 266 -38.73 20.43 20.62
N ALA B 267 -38.54 19.82 19.46
CA ALA B 267 -38.90 20.43 18.16
C ALA B 267 -40.42 20.53 17.98
N GLY B 268 -41.21 19.78 18.77
CA GLY B 268 -42.67 19.82 18.73
C GLY B 268 -43.29 19.15 17.51
N LEU B 269 -42.53 18.30 16.80
CA LEU B 269 -43.00 17.56 15.64
C LEU B 269 -43.53 16.19 16.04
N SER B 270 -44.66 15.80 15.45
CA SER B 270 -45.12 14.41 15.48
C SER B 270 -44.22 13.52 14.62
N LEU B 271 -44.20 12.20 14.90
CA LEU B 271 -43.40 11.26 14.11
C LEU B 271 -43.81 11.27 12.62
N ARG B 272 -45.09 11.50 12.31
CA ARG B 272 -45.58 11.64 10.93
C ARG B 272 -44.98 12.87 10.22
N GLN B 273 -44.88 14.00 10.91
CA GLN B 273 -44.27 15.22 10.36
C GLN B 273 -42.76 15.04 10.16
N PHE B 274 -42.07 14.40 11.10
CA PHE B 274 -40.67 14.03 10.95
C PHE B 274 -40.46 13.11 9.73
N MET B 275 -41.26 12.04 9.59
CA MET B 275 -41.17 11.14 8.45
C MET B 275 -41.42 11.86 7.11
N ARG B 276 -42.31 12.86 7.10
CA ARG B 276 -42.50 13.73 5.92
C ARG B 276 -41.21 14.50 5.58
N HIS B 277 -40.51 15.07 6.58
CA HIS B 277 -39.21 15.71 6.34
C HIS B 277 -38.20 14.71 5.78
N PHE B 278 -38.07 13.55 6.42
CA PHE B 278 -37.14 12.50 6.01
C PHE B 278 -37.36 12.05 4.57
N SER B 279 -38.60 11.63 4.22
CA SER B 279 -38.91 11.13 2.88
C SER B 279 -38.72 12.18 1.79
N LYS B 280 -39.04 13.45 2.05
CA LYS B 280 -38.85 14.52 1.06
C LYS B 280 -37.37 14.84 0.86
N ARG B 281 -36.55 14.86 1.92
CA ARG B 281 -35.10 15.06 1.80
C ARG B 281 -34.41 13.88 1.13
N LEU B 282 -34.79 12.64 1.45
CA LEU B 282 -34.30 11.45 0.76
C LEU B 282 -34.58 11.51 -0.75
N ASN B 283 -35.79 11.93 -1.12
CA ASN B 283 -36.14 12.10 -2.53
C ASN B 283 -35.33 13.21 -3.22
N GLY B 284 -35.24 14.39 -2.60
CA GLY B 284 -34.55 15.55 -3.18
C GLY B 284 -33.03 15.47 -3.19
N LEU B 285 -32.41 14.82 -2.21
CA LEU B 285 -30.95 14.75 -2.04
C LEU B 285 -30.32 13.43 -2.48
N VAL B 286 -31.10 12.37 -2.71
CA VAL B 286 -30.57 11.04 -3.10
C VAL B 286 -31.24 10.50 -4.35
N LEU B 287 -32.56 10.32 -4.35
CA LEU B 287 -33.25 9.61 -5.44
C LEU B 287 -33.23 10.40 -6.77
N ILE B 288 -33.64 11.67 -6.75
CA ILE B 288 -33.64 12.51 -7.95
C ILE B 288 -32.22 12.73 -8.50
N PRO B 289 -31.22 13.09 -7.66
CA PRO B 289 -29.85 13.22 -8.13
C PRO B 289 -29.31 11.93 -8.76
N PHE B 290 -29.66 10.75 -8.20
CA PHE B 290 -29.27 9.48 -8.79
C PHE B 290 -29.90 9.24 -10.18
N VAL B 291 -31.17 9.63 -10.37
CA VAL B 291 -31.82 9.55 -11.70
C VAL B 291 -31.13 10.47 -12.71
N ILE B 292 -30.75 11.69 -12.30
CA ILE B 292 -30.03 12.63 -13.17
C ILE B 292 -28.63 12.13 -13.50
N TYR B 293 -27.94 11.50 -12.54
CA TYR B 293 -26.68 10.82 -12.78
C TYR B 293 -26.81 9.71 -13.83
N LEU B 294 -27.83 8.85 -13.73
CA LEU B 294 -28.10 7.82 -14.74
C LEU B 294 -28.48 8.41 -16.10
N PHE B 295 -29.19 9.53 -16.12
CA PHE B 295 -29.55 10.23 -17.36
C PHE B 295 -28.31 10.61 -18.18
N TRP B 296 -27.24 11.10 -17.55
CA TRP B 296 -26.01 11.43 -18.26
C TRP B 296 -25.32 10.22 -18.91
N PHE B 297 -25.39 9.04 -18.28
CA PHE B 297 -24.93 7.80 -18.90
C PHE B 297 -25.82 7.35 -20.05
N TRP B 298 -27.13 7.55 -19.92
CA TRP B 298 -28.05 7.26 -21.01
C TRP B 298 -27.76 8.13 -22.24
N VAL B 299 -27.52 9.44 -22.05
CA VAL B 299 -27.09 10.34 -23.13
C VAL B 299 -25.75 9.87 -23.70
N HIS B 300 -24.76 9.59 -22.85
CA HIS B 300 -23.43 9.12 -23.25
C HIS B 300 -23.50 7.90 -24.18
N PHE B 301 -24.25 6.85 -23.82
CA PHE B 301 -24.41 5.66 -24.66
C PHE B 301 -25.26 5.90 -25.92
N THR B 302 -26.14 6.90 -25.92
CA THR B 302 -26.97 7.24 -27.09
C THR B 302 -26.18 8.05 -28.11
N VAL B 303 -25.30 8.93 -27.64
CA VAL B 303 -24.40 9.71 -28.49
C VAL B 303 -23.30 8.81 -29.07
N LEU B 304 -22.61 8.05 -28.22
CA LEU B 304 -21.52 7.14 -28.60
C LEU B 304 -22.06 5.77 -29.04
N ASN B 305 -22.45 5.69 -30.31
CA ASN B 305 -23.07 4.50 -30.89
C ASN B 305 -22.20 3.80 -31.94
N THR B 306 -20.96 4.24 -32.11
CA THR B 306 -19.99 3.72 -33.06
C THR B 306 -18.78 3.16 -32.32
N SER B 307 -18.19 2.08 -32.84
CA SER B 307 -16.97 1.45 -32.32
C SER B 307 -15.82 2.45 -32.27
N GLY B 308 -14.99 2.38 -31.23
CA GLY B 308 -13.93 3.36 -30.99
C GLY B 308 -12.86 2.88 -30.00
N PRO B 309 -11.95 3.77 -29.54
CA PRO B 309 -10.83 3.38 -28.68
C PRO B 309 -11.26 2.82 -27.31
N GLY B 310 -12.51 3.03 -26.90
CA GLY B 310 -13.06 2.50 -25.66
C GLY B 310 -13.42 1.01 -25.71
N ASP B 311 -13.47 0.41 -26.90
CA ASP B 311 -13.96 -0.96 -27.09
C ASP B 311 -13.14 -1.98 -26.29
N ALA B 312 -11.82 -1.79 -26.23
CA ALA B 312 -10.88 -2.67 -25.52
C ALA B 312 -11.16 -2.82 -24.00
N PHE B 313 -11.94 -1.90 -23.42
CA PHE B 313 -12.28 -1.89 -21.99
C PHE B 313 -13.61 -2.59 -21.68
N MET B 314 -14.37 -2.96 -22.72
CA MET B 314 -15.72 -3.49 -22.60
C MET B 314 -15.80 -4.92 -23.12
N SER B 315 -16.85 -5.64 -22.69
CA SER B 315 -17.13 -6.99 -23.16
C SER B 315 -17.54 -7.02 -24.63
N ALA B 316 -17.39 -8.18 -25.26
CA ALA B 316 -17.88 -8.40 -26.61
C ALA B 316 -19.40 -8.13 -26.73
N GLU B 317 -20.19 -8.46 -25.71
CA GLU B 317 -21.64 -8.19 -25.70
C GLU B 317 -21.95 -6.68 -25.73
N PHE B 318 -21.16 -5.87 -25.00
CA PHE B 318 -21.26 -4.41 -25.09
C PHE B 318 -20.87 -3.91 -26.47
N GLN B 319 -19.75 -4.40 -27.02
CA GLN B 319 -19.26 -4.03 -28.34
C GLN B 319 -20.27 -4.37 -29.45
N GLU B 320 -21.06 -5.43 -29.32
CA GLU B 320 -22.15 -5.77 -30.25
C GLU B 320 -23.26 -4.71 -30.31
N THR B 321 -23.36 -3.82 -29.31
CA THR B 321 -24.29 -2.68 -29.32
C THR B 321 -23.80 -1.49 -30.15
N LEU B 322 -22.52 -1.51 -30.54
CA LEU B 322 -21.87 -0.44 -31.30
C LEU B 322 -21.90 -0.79 -32.79
N LYS B 323 -22.22 0.22 -33.60
CA LYS B 323 -22.06 0.17 -35.06
C LYS B 323 -20.58 0.08 -35.40
N ASP B 324 -20.26 -0.51 -36.55
CA ASP B 324 -18.85 -0.61 -37.01
C ASP B 324 -18.30 0.80 -37.26
N SER B 325 -16.96 0.92 -37.34
CA SER B 325 -16.33 2.18 -37.83
C SER B 325 -16.25 2.15 -39.36
N PRO B 326 -16.79 3.15 -40.08
CA PRO B 326 -16.80 3.13 -41.55
C PRO B 326 -15.47 2.62 -42.13
N LEU B 327 -14.37 3.32 -41.83
CA LEU B 327 -13.06 2.93 -42.34
C LEU B 327 -12.82 1.41 -42.28
N SER B 328 -13.19 0.81 -41.14
CA SER B 328 -12.94 -0.66 -40.95
C SER B 328 -13.94 -1.47 -41.77
N VAL B 329 -14.56 -0.84 -42.77
CA VAL B 329 -15.49 -1.59 -43.68
C VAL B 329 -14.70 -2.76 -44.29
N ASP B 330 -13.39 -2.60 -44.45
CA ASP B 330 -12.55 -3.66 -45.09
C ASP B 330 -11.87 -4.50 -44.01
N SER B 331 -11.97 -4.12 -42.74
CA SER B 331 -11.46 -4.98 -41.64
C SER B 331 -12.23 -6.30 -41.64
N LYS B 332 -11.54 -7.44 -41.70
CA LYS B 332 -12.26 -8.73 -41.82
C LYS B 332 -11.52 -9.88 -41.14
N THR B 333 -12.21 -10.99 -40.88
CA THR B 333 -11.60 -12.19 -40.31
C THR B 333 -10.43 -12.63 -41.17
N VAL B 334 -9.28 -12.91 -40.57
CA VAL B 334 -8.10 -13.47 -41.23
C VAL B 334 -8.25 -14.98 -41.24
N ASN B 335 -8.17 -15.58 -42.41
CA ASN B 335 -8.22 -17.02 -42.61
C ASN B 335 -6.83 -17.57 -42.97
N TYR B 336 -6.63 -18.87 -42.76
CA TYR B 336 -5.47 -19.54 -43.34
C TYR B 336 -5.50 -19.43 -44.87
N PHE B 337 -4.31 -19.28 -45.45
CA PHE B 337 -4.04 -18.99 -46.87
C PHE B 337 -4.48 -17.58 -47.33
N ASP B 338 -4.86 -16.70 -46.41
CA ASP B 338 -4.97 -15.27 -46.72
C ASP B 338 -3.57 -14.65 -46.85
N ILE B 339 -3.41 -13.75 -47.82
CA ILE B 339 -2.23 -12.91 -48.01
C ILE B 339 -2.49 -11.60 -47.29
N ILE B 340 -1.66 -11.28 -46.31
CA ILE B 340 -1.85 -10.16 -45.40
C ILE B 340 -0.65 -9.22 -45.42
N THR B 341 -0.89 -7.97 -45.06
CA THR B 341 0.15 -7.01 -44.65
C THR B 341 0.10 -6.84 -43.14
N ILE B 342 1.26 -6.85 -42.49
CA ILE B 342 1.38 -6.75 -41.02
C ILE B 342 2.06 -5.43 -40.72
N LYS B 343 1.40 -4.57 -39.95
CA LYS B 343 1.82 -3.19 -39.68
C LYS B 343 2.13 -3.00 -38.19
N HIS B 344 3.24 -2.34 -37.91
CA HIS B 344 3.67 -1.99 -36.56
C HIS B 344 2.85 -0.82 -36.03
N GLN B 345 2.41 -0.87 -34.76
CA GLN B 345 1.51 0.15 -34.22
C GLN B 345 2.20 1.48 -33.94
N ASP B 346 3.45 1.45 -33.47
CA ASP B 346 4.14 2.67 -33.02
C ASP B 346 4.88 3.40 -34.15
N THR B 347 5.39 2.67 -35.14
CA THR B 347 6.21 3.24 -36.23
C THR B 347 5.51 3.29 -37.58
N ASP B 348 4.28 2.75 -37.65
CA ASP B 348 3.51 2.56 -38.88
C ASP B 348 4.22 1.74 -39.99
N ALA B 349 5.34 1.08 -39.70
CA ALA B 349 6.10 0.30 -40.65
C ALA B 349 5.48 -1.07 -40.91
N PHE B 350 5.50 -1.53 -42.15
CA PHE B 350 5.08 -2.87 -42.54
C PHE B 350 6.24 -3.86 -42.41
N LEU B 351 5.92 -5.09 -41.96
CA LEU B 351 6.83 -6.21 -42.04
C LEU B 351 7.15 -6.48 -43.51
N HIS B 352 8.43 -6.34 -43.87
CA HIS B 352 8.89 -6.30 -45.24
C HIS B 352 10.09 -7.21 -45.44
N SER B 353 10.24 -7.82 -46.62
CA SER B 353 11.44 -8.58 -46.97
C SER B 353 11.77 -8.47 -48.45
N HIS B 354 13.04 -8.63 -48.81
CA HIS B 354 13.49 -8.57 -50.20
C HIS B 354 14.73 -9.44 -50.39
N LEU B 355 15.17 -9.63 -51.63
CA LEU B 355 16.30 -10.52 -51.97
C LEU B 355 17.67 -10.09 -51.41
N ALA B 356 17.82 -8.89 -50.86
CA ALA B 356 19.07 -8.48 -50.22
C ALA B 356 19.31 -9.28 -48.93
N ARG B 357 20.60 -9.46 -48.60
CA ARG B 357 21.04 -10.32 -47.48
C ARG B 357 21.76 -9.50 -46.42
N TYR B 358 21.70 -9.95 -45.17
CA TYR B 358 22.50 -9.36 -44.10
C TYR B 358 24.01 -9.48 -44.45
N PRO B 359 24.83 -8.48 -44.10
CA PRO B 359 26.27 -8.56 -44.31
C PRO B 359 26.85 -9.64 -43.41
N GLN B 360 27.84 -10.41 -43.88
CA GLN B 360 28.42 -11.52 -43.11
C GLN B 360 28.91 -11.12 -41.71
N ARG B 361 29.34 -9.86 -41.55
CA ARG B 361 29.66 -9.24 -40.27
C ARG B 361 29.01 -7.88 -40.17
N TYR B 362 28.43 -7.57 -39.01
CA TYR B 362 27.99 -6.22 -38.68
C TYR B 362 29.19 -5.33 -38.34
N GLU B 363 28.96 -4.03 -38.19
CA GLU B 363 30.02 -3.03 -37.95
C GLU B 363 30.79 -3.24 -36.64
N ASP B 364 30.14 -3.84 -35.64
CA ASP B 364 30.76 -4.20 -34.37
C ASP B 364 31.52 -5.54 -34.40
N GLY B 365 31.56 -6.21 -35.55
CA GLY B 365 32.28 -7.44 -35.78
C GLY B 365 31.52 -8.73 -35.44
N ARG B 366 30.28 -8.65 -34.92
CA ARG B 366 29.41 -9.82 -34.76
C ARG B 366 29.08 -10.44 -36.12
N ILE B 367 28.92 -11.76 -36.12
CA ILE B 367 28.65 -12.55 -37.33
C ILE B 367 27.13 -12.68 -37.47
N SER B 368 26.61 -12.29 -38.63
CA SER B 368 25.20 -12.50 -39.00
C SER B 368 25.01 -13.88 -39.63
N SER B 369 23.77 -14.25 -39.90
CA SER B 369 23.48 -15.47 -40.67
C SER B 369 23.84 -15.36 -42.16
N ALA B 370 24.11 -14.14 -42.66
CA ALA B 370 24.10 -13.82 -44.09
C ALA B 370 22.79 -14.25 -44.82
N GLY B 371 21.71 -14.37 -44.05
CA GLY B 371 20.37 -14.69 -44.51
C GLY B 371 19.69 -13.51 -45.22
N GLN B 372 18.49 -13.75 -45.72
CA GLN B 372 17.67 -12.71 -46.36
C GLN B 372 17.23 -11.66 -45.34
N GLN B 373 17.25 -10.39 -45.71
CA GLN B 373 16.86 -9.31 -44.79
C GLN B 373 15.35 -9.28 -44.58
N VAL B 374 14.94 -9.09 -43.32
CA VAL B 374 13.58 -8.71 -42.94
C VAL B 374 13.66 -7.35 -42.26
N THR B 375 12.90 -6.39 -42.77
CA THR B 375 13.00 -4.97 -42.42
C THR B 375 11.60 -4.37 -42.21
N GLY B 376 11.56 -3.17 -41.63
CA GLY B 376 10.35 -2.38 -41.50
C GLY B 376 10.31 -1.30 -42.60
N TYR B 377 9.28 -1.35 -43.45
CA TYR B 377 9.12 -0.40 -44.55
C TYR B 377 7.81 0.37 -44.43
N THR B 378 7.86 1.69 -44.51
CA THR B 378 6.69 2.57 -44.23
C THR B 378 5.75 2.75 -45.42
N HIS B 379 6.12 2.26 -46.61
CA HIS B 379 5.29 2.37 -47.80
C HIS B 379 4.73 1.01 -48.21
N PRO B 380 3.45 0.94 -48.63
CA PRO B 380 2.84 -0.29 -49.09
C PRO B 380 3.43 -0.74 -50.43
N ASP B 381 3.94 -1.97 -50.49
CA ASP B 381 4.45 -2.60 -51.70
C ASP B 381 4.19 -4.12 -51.73
N PHE B 382 4.67 -4.80 -52.78
CA PHE B 382 4.51 -6.25 -52.93
C PHE B 382 5.36 -7.05 -51.94
N ASN B 383 6.45 -6.47 -51.44
CA ASN B 383 7.36 -7.07 -50.46
C ASN B 383 6.83 -6.98 -49.01
N ASN B 384 5.66 -6.36 -48.80
CA ASN B 384 4.95 -6.38 -47.52
C ASN B 384 3.98 -7.57 -47.38
N GLN B 385 3.87 -8.41 -48.41
CA GLN B 385 2.84 -9.43 -48.49
C GLN B 385 3.32 -10.76 -47.91
N TRP B 386 2.61 -11.23 -46.89
CA TRP B 386 2.86 -12.49 -46.21
C TRP B 386 1.62 -13.38 -46.28
N GLU B 387 1.79 -14.63 -46.71
CA GLU B 387 0.73 -15.61 -46.65
C GLU B 387 0.73 -16.33 -45.29
N VAL B 388 -0.44 -16.38 -44.64
CA VAL B 388 -0.59 -17.10 -43.37
C VAL B 388 -0.84 -18.58 -43.64
N LEU B 389 0.11 -19.40 -43.25
CA LEU B 389 0.04 -20.84 -43.45
C LEU B 389 -0.12 -21.56 -42.11
N PRO B 390 -0.86 -22.69 -42.09
CA PRO B 390 -0.96 -23.47 -40.89
C PRO B 390 0.31 -24.30 -40.67
N PRO B 391 0.55 -24.82 -39.45
CA PRO B 391 1.68 -25.71 -39.18
C PRO B 391 1.60 -26.97 -40.06
N HIS B 392 2.75 -27.55 -40.38
CA HIS B 392 2.83 -28.76 -41.17
C HIS B 392 2.04 -29.91 -40.52
N GLY B 393 1.25 -30.62 -41.32
CA GLY B 393 0.42 -31.75 -40.86
C GLY B 393 -0.89 -31.38 -40.15
N SER B 394 -1.29 -30.10 -40.14
CA SER B 394 -2.59 -29.68 -39.63
C SER B 394 -3.72 -29.94 -40.65
N ASP B 395 -4.89 -30.37 -40.18
CA ASP B 395 -6.08 -30.60 -41.02
C ASP B 395 -6.81 -29.29 -41.40
N VAL B 396 -6.18 -28.14 -41.20
CA VAL B 396 -6.79 -26.83 -41.33
C VAL B 396 -6.75 -26.38 -42.80
N GLY B 397 -7.94 -26.21 -43.39
CA GLY B 397 -8.11 -25.87 -44.80
C GLY B 397 -8.36 -24.39 -45.09
N LYS B 398 -8.36 -24.05 -46.39
CA LYS B 398 -8.68 -22.72 -46.90
C LYS B 398 -10.07 -22.24 -46.43
N GLY B 399 -10.12 -21.03 -45.87
CA GLY B 399 -11.35 -20.40 -45.38
C GLY B 399 -11.63 -20.58 -43.88
N GLN B 400 -10.83 -21.38 -43.17
CA GLN B 400 -10.89 -21.45 -41.71
C GLN B 400 -10.20 -20.23 -41.08
N ALA B 401 -10.83 -19.64 -40.07
CA ALA B 401 -10.30 -18.49 -39.35
C ALA B 401 -9.05 -18.85 -38.54
N VAL B 402 -8.06 -17.97 -38.56
CA VAL B 402 -6.89 -18.03 -37.69
C VAL B 402 -7.30 -17.60 -36.29
N LEU B 403 -6.96 -18.38 -35.27
CA LEU B 403 -7.20 -18.00 -33.88
C LEU B 403 -5.93 -17.46 -33.23
N LEU B 404 -6.10 -16.51 -32.31
CA LEU B 404 -4.99 -15.95 -31.53
C LEU B 404 -4.30 -17.04 -30.70
N ASN B 405 -2.98 -16.93 -30.61
CA ASN B 405 -2.08 -17.86 -29.93
C ASN B 405 -1.96 -19.26 -30.57
N GLN B 406 -2.51 -19.49 -31.77
CA GLN B 406 -2.23 -20.70 -32.54
C GLN B 406 -0.93 -20.57 -33.31
N HIS B 407 -0.22 -21.68 -33.44
CA HIS B 407 0.99 -21.74 -34.25
C HIS B 407 0.63 -21.55 -35.72
N ILE B 408 1.43 -20.75 -36.41
CA ILE B 408 1.32 -20.41 -37.81
C ILE B 408 2.72 -20.36 -38.42
N ARG B 409 2.77 -20.28 -39.74
CA ARG B 409 3.98 -19.94 -40.50
C ARG B 409 3.63 -18.77 -41.41
N LEU B 410 4.60 -17.90 -41.66
CA LEU B 410 4.43 -16.78 -42.59
C LEU B 410 5.34 -17.02 -43.78
N ARG B 411 4.76 -17.07 -44.98
CA ARG B 411 5.52 -17.18 -46.23
C ARG B 411 5.55 -15.82 -46.91
N HIS B 412 6.74 -15.32 -47.18
CA HIS B 412 6.90 -14.09 -47.95
C HIS B 412 6.54 -14.35 -49.41
N VAL B 413 5.54 -13.65 -49.93
CA VAL B 413 4.97 -13.95 -51.26
C VAL B 413 5.97 -13.65 -52.38
N ALA B 414 6.78 -12.60 -52.25
CA ALA B 414 7.67 -12.17 -53.33
C ALA B 414 8.92 -13.03 -53.49
N THR B 415 9.45 -13.59 -52.40
CA THR B 415 10.66 -14.43 -52.42
C THR B 415 10.40 -15.90 -52.21
N ASP B 416 9.16 -16.29 -51.91
CA ASP B 416 8.75 -17.67 -51.66
C ASP B 416 9.57 -18.36 -50.56
N THR B 417 9.77 -17.63 -49.45
CA THR B 417 10.55 -18.07 -48.28
C THR B 417 9.73 -17.98 -47.01
N TYR B 418 9.99 -18.83 -46.02
CA TYR B 418 9.35 -18.77 -44.71
C TYR B 418 10.07 -17.78 -43.81
N LEU B 419 9.31 -16.98 -43.05
CA LEU B 419 9.85 -16.18 -41.95
C LEU B 419 10.53 -17.10 -40.93
N LEU B 420 11.68 -16.68 -40.41
CA LEU B 420 12.48 -17.45 -39.47
C LEU B 420 13.12 -16.52 -38.43
N ALA B 421 13.19 -16.99 -37.18
CA ALA B 421 13.99 -16.38 -36.14
C ALA B 421 14.89 -17.45 -35.51
N HIS B 422 16.11 -17.06 -35.12
CA HIS B 422 17.15 -17.97 -34.65
C HIS B 422 18.06 -17.30 -33.62
N ASP B 423 18.91 -18.10 -32.96
CA ASP B 423 19.92 -17.60 -31.99
C ASP B 423 21.11 -16.93 -32.68
N VAL B 424 20.83 -15.90 -33.49
CA VAL B 424 21.81 -14.97 -34.09
C VAL B 424 21.41 -13.58 -33.65
N ALA B 425 22.36 -12.78 -33.18
CA ALA B 425 22.05 -11.45 -32.67
C ALA B 425 21.70 -10.46 -33.79
N SER B 426 20.75 -9.55 -33.54
CA SER B 426 20.32 -8.52 -34.49
C SER B 426 21.37 -7.42 -34.74
N PRO B 427 21.36 -6.72 -35.89
CA PRO B 427 22.32 -5.68 -36.22
C PRO B 427 22.61 -4.66 -35.11
N PHE B 428 21.58 -4.03 -34.53
CA PHE B 428 21.76 -2.95 -33.53
C PHE B 428 21.69 -3.44 -32.08
N TYR B 429 20.94 -4.52 -31.79
CA TYR B 429 20.71 -5.00 -30.43
C TYR B 429 21.34 -6.39 -30.21
N PRO B 430 22.52 -6.48 -29.54
CA PRO B 430 23.20 -7.76 -29.30
C PRO B 430 22.40 -8.80 -28.51
N THR B 431 21.41 -8.36 -27.74
CA THR B 431 20.55 -9.24 -26.94
C THR B 431 19.32 -9.75 -27.70
N ASN B 432 18.96 -9.11 -28.81
CA ASN B 432 17.78 -9.43 -29.61
C ASN B 432 18.19 -10.28 -30.79
N GLU B 433 17.25 -11.05 -31.33
CA GLU B 433 17.51 -11.99 -32.40
C GLU B 433 17.36 -11.34 -33.78
N GLU B 434 18.19 -11.73 -34.73
CA GLU B 434 18.03 -11.42 -36.15
C GLU B 434 16.82 -12.16 -36.68
N ILE B 435 15.99 -11.44 -37.43
CA ILE B 435 14.84 -12.02 -38.14
C ILE B 435 15.20 -12.15 -39.60
N THR B 436 15.04 -13.34 -40.16
CA THR B 436 15.40 -13.64 -41.55
C THR B 436 14.31 -14.47 -42.23
N THR B 437 14.62 -15.02 -43.41
CA THR B 437 13.76 -16.00 -44.07
C THR B 437 14.57 -17.17 -44.59
N VAL B 438 13.93 -18.32 -44.70
CA VAL B 438 14.51 -19.59 -45.15
C VAL B 438 13.77 -20.16 -46.36
N THR B 439 14.44 -20.96 -47.18
CA THR B 439 13.79 -21.63 -48.31
C THR B 439 12.71 -22.61 -47.85
N LEU B 440 11.76 -22.94 -48.73
CA LEU B 440 10.68 -23.88 -48.38
C LEU B 440 11.21 -25.26 -47.99
N GLU B 441 12.24 -25.74 -48.70
CA GLU B 441 12.84 -27.07 -48.48
C GLU B 441 13.51 -27.16 -47.10
N GLU B 442 14.30 -26.15 -46.72
CA GLU B 442 14.98 -26.10 -45.43
C GLU B 442 13.99 -25.86 -44.28
N GLY B 443 13.00 -24.99 -44.49
CA GLY B 443 11.95 -24.70 -43.50
C GLY B 443 10.98 -25.87 -43.29
N ASP B 444 10.79 -26.75 -44.28
CA ASP B 444 10.03 -28.00 -44.12
C ASP B 444 10.90 -29.16 -43.60
N GLY B 445 12.21 -28.94 -43.49
CA GLY B 445 13.20 -29.87 -42.97
C GLY B 445 13.58 -29.59 -41.52
N GLU B 446 14.90 -29.46 -41.26
CA GLU B 446 15.45 -29.33 -39.91
C GLU B 446 15.08 -28.01 -39.22
N LEU B 447 14.90 -26.93 -40.00
CA LEU B 447 14.60 -25.59 -39.47
C LEU B 447 13.10 -25.36 -39.24
N TYR B 448 12.27 -26.40 -39.34
CA TYR B 448 10.83 -26.29 -39.13
C TYR B 448 10.43 -25.61 -37.82
N PRO B 449 11.01 -25.94 -36.64
CA PRO B 449 10.67 -25.29 -35.38
C PRO B 449 10.91 -23.77 -35.40
N GLU B 450 11.96 -23.31 -36.07
CA GLU B 450 12.37 -21.90 -36.19
C GLU B 450 11.48 -21.08 -37.14
N THR B 451 10.56 -21.74 -37.86
CA THR B 451 9.57 -21.07 -38.72
C THR B 451 8.20 -20.91 -38.05
N LEU B 452 8.05 -21.38 -36.80
CA LEU B 452 6.79 -21.34 -36.08
C LEU B 452 6.61 -20.02 -35.34
N PHE B 453 5.56 -19.30 -35.70
CA PHE B 453 5.13 -18.08 -35.05
C PHE B 453 3.73 -18.22 -34.47
N ALA B 454 3.33 -17.29 -33.63
CA ALA B 454 1.96 -17.15 -33.17
C ALA B 454 1.57 -15.67 -33.14
N PHE B 455 0.32 -15.38 -33.51
CA PHE B 455 -0.29 -14.09 -33.22
C PHE B 455 -0.70 -14.08 -31.75
N GLN B 456 0.24 -13.73 -30.87
CA GLN B 456 0.03 -13.75 -29.43
C GLN B 456 -0.84 -12.55 -29.03
N PRO B 457 -1.96 -12.77 -28.32
CA PRO B 457 -2.83 -11.69 -27.91
C PRO B 457 -2.16 -10.79 -26.86
N LEU B 458 -2.52 -9.51 -26.83
CA LEU B 458 -2.02 -8.59 -25.82
C LEU B 458 -2.51 -8.96 -24.40
N LYS B 459 -3.73 -9.52 -24.31
CA LYS B 459 -4.35 -10.00 -23.09
C LYS B 459 -4.56 -11.51 -23.16
N LYS B 460 -4.25 -12.22 -22.08
CA LYS B 460 -4.50 -13.67 -21.96
C LYS B 460 -5.98 -14.05 -22.11
N SER B 461 -6.90 -13.13 -21.79
CA SER B 461 -8.35 -13.35 -21.98
C SER B 461 -8.73 -13.52 -23.44
N ASP B 462 -7.88 -13.08 -24.36
CA ASP B 462 -8.21 -13.03 -25.78
C ASP B 462 -7.67 -14.24 -26.55
N GLU B 463 -6.97 -15.16 -25.88
CA GLU B 463 -6.48 -16.42 -26.45
C GLU B 463 -7.63 -17.23 -27.04
N GLY B 464 -7.45 -17.75 -28.26
CA GLY B 464 -8.48 -18.51 -28.97
C GLY B 464 -9.55 -17.69 -29.67
N HIS B 465 -9.57 -16.35 -29.55
CA HIS B 465 -10.44 -15.52 -30.38
C HIS B 465 -9.98 -15.49 -31.83
N VAL B 466 -10.92 -15.25 -32.73
CA VAL B 466 -10.68 -15.09 -34.17
C VAL B 466 -9.87 -13.82 -34.44
N LEU B 467 -8.75 -13.97 -35.15
CA LEU B 467 -7.96 -12.85 -35.65
C LEU B 467 -8.76 -12.06 -36.70
N LYS B 468 -8.77 -10.73 -36.57
CA LYS B 468 -9.39 -9.81 -37.53
C LYS B 468 -8.44 -8.69 -37.89
N SER B 469 -8.43 -8.29 -39.16
CA SER B 469 -7.69 -7.11 -39.61
C SER B 469 -8.14 -5.84 -38.89
N LYS B 470 -7.21 -4.88 -38.75
CA LYS B 470 -7.36 -3.52 -38.20
C LYS B 470 -7.77 -3.39 -36.73
N THR B 471 -8.49 -4.37 -36.18
CA THR B 471 -9.09 -4.31 -34.83
C THR B 471 -8.34 -5.09 -33.78
N VAL B 472 -7.64 -6.16 -34.16
CA VAL B 472 -6.97 -7.05 -33.22
C VAL B 472 -5.47 -6.77 -33.27
N SER B 473 -4.97 -6.12 -32.22
CA SER B 473 -3.53 -6.02 -31.98
C SER B 473 -2.98 -7.33 -31.42
N PHE B 474 -1.76 -7.69 -31.80
CA PHE B 474 -1.07 -8.87 -31.31
C PHE B 474 0.44 -8.63 -31.28
N ARG B 475 1.16 -9.50 -30.58
CA ARG B 475 2.62 -9.63 -30.71
C ARG B 475 2.89 -10.77 -31.67
N LEU B 476 3.78 -10.56 -32.64
CA LEU B 476 4.21 -11.64 -33.53
C LEU B 476 5.30 -12.43 -32.81
N PHE B 477 4.89 -13.50 -32.13
CA PHE B 477 5.70 -14.26 -31.19
C PHE B 477 6.36 -15.45 -31.88
N HIS B 478 7.67 -15.60 -31.72
CA HIS B 478 8.40 -16.76 -32.20
C HIS B 478 8.36 -17.89 -31.17
N VAL B 479 7.93 -19.09 -31.59
CA VAL B 479 7.62 -20.19 -30.68
C VAL B 479 8.87 -20.81 -30.05
N ASP B 480 9.93 -21.01 -30.84
CA ASP B 480 11.11 -21.75 -30.39
C ASP B 480 11.97 -20.95 -29.39
N THR B 481 12.35 -19.72 -29.75
CA THR B 481 13.21 -18.86 -28.92
C THR B 481 12.45 -17.95 -27.96
N SER B 482 11.12 -17.92 -28.02
CA SER B 482 10.25 -17.13 -27.14
C SER B 482 10.52 -15.61 -27.17
N VAL B 483 10.78 -15.07 -28.37
CA VAL B 483 10.93 -13.62 -28.62
C VAL B 483 9.72 -13.05 -29.35
N ALA B 484 9.50 -11.75 -29.25
CA ALA B 484 8.49 -11.05 -30.05
C ALA B 484 9.15 -10.18 -31.11
N LEU B 485 8.62 -10.18 -32.33
CA LEU B 485 9.10 -9.27 -33.38
C LEU B 485 8.85 -7.82 -32.98
N TRP B 486 9.86 -6.99 -33.19
CA TRP B 486 9.90 -5.60 -32.79
C TRP B 486 10.62 -4.75 -33.84
N THR B 487 10.28 -3.47 -33.89
CA THR B 487 10.94 -2.48 -34.74
C THR B 487 10.94 -1.10 -34.10
N HIS B 488 11.84 -0.24 -34.56
CA HIS B 488 12.06 1.09 -34.04
C HIS B 488 12.43 2.05 -35.18
N ASN B 489 12.35 3.35 -34.93
CA ASN B 489 12.58 4.40 -35.92
C ASN B 489 13.51 5.52 -35.42
N ASP B 490 14.19 5.31 -34.30
CA ASP B 490 15.23 6.21 -33.77
C ASP B 490 16.56 6.04 -34.51
N GLU B 491 16.85 4.84 -34.98
CA GLU B 491 18.01 4.55 -35.82
C GLU B 491 17.62 3.63 -37.00
N LEU B 492 18.06 3.96 -38.22
CA LEU B 492 17.76 3.21 -39.43
C LEU B 492 18.96 2.37 -39.85
N LEU B 493 18.73 1.23 -40.50
CA LEU B 493 19.80 0.37 -41.01
C LEU B 493 20.74 1.13 -41.95
N PRO B 494 22.04 0.80 -42.02
CA PRO B 494 22.97 1.45 -42.94
C PRO B 494 22.61 1.21 -44.41
N ASP B 495 23.44 1.70 -45.34
CA ASP B 495 23.20 1.60 -46.79
C ASP B 495 22.91 0.17 -47.29
N TRP B 496 23.51 -0.84 -46.66
CA TRP B 496 23.25 -2.26 -47.00
C TRP B 496 21.82 -2.73 -46.67
N GLY B 497 21.14 -2.05 -45.76
CA GLY B 497 19.73 -2.26 -45.39
C GLY B 497 18.80 -1.16 -45.90
N PHE B 498 19.24 -0.39 -46.90
CA PHE B 498 18.46 0.63 -47.60
C PHE B 498 17.85 1.73 -46.70
N GLN B 499 18.43 2.01 -45.53
CA GLN B 499 17.87 2.95 -44.56
C GLN B 499 16.43 2.60 -44.13
N GLN B 500 16.11 1.30 -44.11
CA GLN B 500 14.85 0.79 -43.59
C GLN B 500 14.95 0.54 -42.08
N GLN B 501 13.81 0.37 -41.41
CA GLN B 501 13.79 0.04 -39.99
C GLN B 501 14.28 -1.39 -39.78
N GLU B 502 14.99 -1.64 -38.68
CA GLU B 502 15.38 -2.98 -38.28
C GLU B 502 14.16 -3.75 -37.76
N ILE B 503 14.03 -5.03 -38.15
CA ILE B 503 13.11 -5.98 -37.51
C ILE B 503 13.95 -6.96 -36.71
N ASN B 504 13.72 -7.06 -35.41
CA ASN B 504 14.46 -7.96 -34.54
C ASN B 504 13.54 -8.71 -33.56
N GLY B 505 14.03 -9.79 -32.97
CA GLY B 505 13.36 -10.59 -31.96
C GLY B 505 13.66 -10.08 -30.56
N ASN B 506 12.77 -9.27 -30.00
CA ASN B 506 12.89 -8.70 -28.67
C ASN B 506 12.56 -9.74 -27.59
N LYS B 507 13.50 -9.97 -26.66
CA LYS B 507 13.33 -10.87 -25.51
C LYS B 507 12.36 -10.32 -24.46
N LYS B 508 12.16 -8.99 -24.41
CA LYS B 508 11.14 -8.36 -23.57
C LYS B 508 9.77 -8.46 -24.24
N VAL B 509 9.23 -9.67 -24.35
CA VAL B 509 7.99 -9.97 -25.09
C VAL B 509 6.83 -9.04 -24.69
N ILE B 510 6.67 -8.76 -23.40
CA ILE B 510 5.52 -8.00 -22.87
C ILE B 510 5.56 -6.51 -23.25
N ASP B 511 6.71 -6.01 -23.75
CA ASP B 511 6.89 -4.62 -24.15
C ASP B 511 5.76 -4.16 -25.10
N PRO B 512 5.03 -3.07 -24.78
CA PRO B 512 3.96 -2.55 -25.62
C PRO B 512 4.41 -2.10 -27.00
N SER B 513 5.69 -1.77 -27.17
CA SER B 513 6.23 -1.46 -28.49
C SER B 513 6.36 -2.69 -29.39
N ASN B 514 6.11 -3.92 -28.92
CA ASN B 514 6.10 -5.13 -29.76
C ASN B 514 4.74 -5.38 -30.45
N ASN B 515 3.87 -4.38 -30.53
CA ASN B 515 2.50 -4.55 -30.99
C ASN B 515 2.36 -4.35 -32.51
N TRP B 516 1.68 -5.29 -33.14
CA TRP B 516 1.39 -5.33 -34.57
C TRP B 516 -0.11 -5.48 -34.81
N VAL B 517 -0.54 -5.13 -36.01
CA VAL B 517 -1.91 -5.35 -36.50
C VAL B 517 -1.86 -5.85 -37.94
N VAL B 518 -2.79 -6.71 -38.33
CA VAL B 518 -3.01 -7.00 -39.75
C VAL B 518 -3.71 -5.80 -40.38
N ASP B 519 -3.08 -5.12 -41.32
CA ASP B 519 -3.63 -3.90 -41.93
C ASP B 519 -4.62 -4.23 -43.06
N GLU B 520 -4.18 -5.02 -44.03
CA GLU B 520 -4.97 -5.42 -45.20
C GLU B 520 -4.89 -6.94 -45.46
N ILE B 521 -5.99 -7.49 -46.02
CA ILE B 521 -6.03 -8.83 -46.62
C ILE B 521 -6.10 -8.64 -48.13
N VAL B 522 -5.00 -8.89 -48.84
CA VAL B 522 -4.82 -8.57 -50.26
C VAL B 522 -5.67 -9.47 -51.15
N ASN B 523 -5.78 -10.76 -50.83
CA ASN B 523 -6.50 -11.76 -51.63
C ASN B 523 -7.95 -12.00 -51.15
N LEU B 524 -8.62 -10.98 -50.64
CA LEU B 524 -9.97 -11.11 -50.08
C LEU B 524 -11.03 -11.41 -51.16
N ASP B 525 -11.82 -12.46 -50.96
CA ASP B 525 -12.93 -12.82 -51.86
C ASP B 525 -14.03 -11.75 -51.89
N GLU B 526 -14.69 -11.55 -53.05
CA GLU B 526 -15.76 -10.55 -53.24
C GLU B 526 -16.91 -10.67 -52.23
N VAL B 527 -17.25 -11.91 -51.82
CA VAL B 527 -18.29 -12.16 -50.81
C VAL B 527 -17.87 -11.62 -49.43
N ARG B 528 -16.59 -11.75 -49.10
CA ARG B 528 -16.06 -11.19 -47.82
C ARG B 528 -15.77 -9.71 -48.04
N LYS B 529 -15.30 -9.35 -49.23
CA LYS B 529 -14.99 -7.93 -49.55
C LYS B 529 -16.22 -7.07 -49.27
N VAL B 530 -17.39 -7.52 -49.75
CA VAL B 530 -18.65 -6.78 -49.48
C VAL B 530 -18.71 -6.46 -47.99
N TYR B 531 -18.64 -5.17 -47.63
CA TYR B 531 -18.74 -4.77 -46.20
C TYR B 531 -19.87 -5.58 -45.57
N ILE B 532 -19.58 -6.30 -44.48
CA ILE B 532 -20.64 -7.05 -43.77
C ILE B 532 -21.22 -6.12 -42.69
N PRO B 533 -22.41 -5.52 -42.90
CA PRO B 533 -22.97 -4.57 -41.94
C PRO B 533 -23.31 -5.26 -40.61
N LYS B 534 -22.36 -5.28 -39.67
CA LYS B 534 -22.64 -5.87 -38.37
C LYS B 534 -24.07 -5.58 -37.96
N VAL B 535 -24.78 -6.62 -37.54
CA VAL B 535 -26.12 -6.48 -36.97
C VAL B 535 -25.97 -6.02 -35.52
N VAL B 536 -26.37 -4.78 -35.24
CA VAL B 536 -26.34 -4.21 -33.89
C VAL B 536 -27.33 -4.97 -32.99
N LYS B 537 -26.84 -5.53 -31.88
CA LYS B 537 -27.67 -6.20 -30.89
C LYS B 537 -27.95 -5.27 -29.70
N PRO B 538 -29.20 -5.12 -29.25
CA PRO B 538 -29.51 -4.23 -28.14
C PRO B 538 -29.08 -4.85 -26.79
N LEU B 539 -28.61 -4.00 -25.87
CA LEU B 539 -28.33 -4.36 -24.48
C LEU B 539 -29.18 -3.49 -23.55
N PRO B 540 -29.81 -4.03 -22.48
CA PRO B 540 -30.53 -3.22 -21.51
C PRO B 540 -29.63 -2.15 -20.87
N PHE B 541 -30.14 -0.92 -20.76
CA PHE B 541 -29.38 0.22 -20.24
C PHE B 541 -28.70 -0.06 -18.89
N LEU B 542 -29.40 -0.64 -17.93
CA LEU B 542 -28.83 -0.92 -16.60
C LEU B 542 -27.67 -1.91 -16.66
N LYS B 543 -27.72 -2.90 -17.56
CA LYS B 543 -26.61 -3.84 -17.75
C LYS B 543 -25.40 -3.14 -18.34
N LYS B 544 -25.63 -2.31 -19.37
CA LYS B 544 -24.61 -1.47 -20.01
C LYS B 544 -23.95 -0.51 -19.01
N TRP B 545 -24.75 0.16 -18.19
CA TRP B 545 -24.28 1.07 -17.14
C TRP B 545 -23.50 0.34 -16.03
N ILE B 546 -23.98 -0.79 -15.52
CA ILE B 546 -23.29 -1.56 -14.47
C ILE B 546 -21.91 -2.03 -14.96
N GLU B 547 -21.82 -2.52 -16.20
CA GLU B 547 -20.54 -2.94 -16.79
C GLU B 547 -19.57 -1.77 -16.88
N THR B 548 -19.97 -0.66 -17.52
CA THR B 548 -19.13 0.54 -17.61
C THR B 548 -18.72 1.04 -16.22
N GLN B 549 -19.63 1.03 -15.24
CA GLN B 549 -19.32 1.48 -13.88
C GLN B 549 -18.30 0.62 -13.16
N LYS B 550 -18.41 -0.70 -13.29
CA LYS B 550 -17.41 -1.62 -12.74
C LYS B 550 -16.05 -1.37 -13.38
N SER B 551 -15.99 -1.27 -14.71
CA SER B 551 -14.76 -0.95 -15.42
C SER B 551 -14.16 0.39 -14.96
N MET B 552 -14.98 1.43 -14.77
CA MET B 552 -14.54 2.73 -14.25
C MET B 552 -13.85 2.61 -12.90
N PHE B 553 -14.47 1.94 -11.93
CA PHE B 553 -13.87 1.78 -10.59
C PHE B 553 -12.63 0.89 -10.59
N GLU B 554 -12.63 -0.20 -11.36
CA GLU B 554 -11.48 -1.10 -11.46
C GLU B 554 -10.26 -0.40 -12.07
N HIS B 555 -10.43 0.37 -13.15
CA HIS B 555 -9.33 1.10 -13.78
C HIS B 555 -8.87 2.28 -12.94
N ASN B 556 -9.79 3.00 -12.27
CA ASN B 556 -9.42 4.08 -11.36
C ASN B 556 -8.54 3.59 -10.20
N ASN B 557 -8.90 2.42 -9.65
CA ASN B 557 -8.07 1.83 -8.57
C ASN B 557 -7.28 0.66 -9.18
N LYS B 558 -6.99 0.74 -10.49
CA LYS B 558 -6.27 -0.37 -11.17
C LYS B 558 -4.89 -0.56 -10.53
N LEU B 559 -4.11 0.52 -10.40
CA LEU B 559 -2.74 0.41 -9.84
C LEU B 559 -2.04 1.77 -9.96
N SER B 560 -2.42 2.58 -10.96
CA SER B 560 -1.78 3.90 -11.20
C SER B 560 -0.27 3.72 -11.27
N SER B 561 0.50 4.59 -10.58
CA SER B 561 1.98 4.50 -10.59
C SER B 561 2.58 5.72 -9.87
N GLU B 562 3.78 6.14 -10.27
CA GLU B 562 4.39 7.35 -9.68
C GLU B 562 4.37 8.48 -10.73
N HIS B 563 4.33 9.73 -10.30
CA HIS B 563 4.21 10.86 -11.26
C HIS B 563 5.23 11.95 -10.92
N PRO B 564 5.99 12.48 -11.90
CA PRO B 564 6.91 13.58 -11.66
C PRO B 564 6.19 14.75 -10.98
N PHE B 565 4.88 14.63 -10.80
CA PHE B 565 4.08 15.71 -10.19
C PHE B 565 3.01 15.23 -9.19
N ALA B 566 2.98 13.94 -8.85
CA ALA B 566 2.08 13.45 -7.81
C ALA B 566 2.43 14.10 -6.46
N SER B 567 1.41 14.44 -5.66
CA SER B 567 1.61 15.07 -4.36
C SER B 567 0.68 14.52 -3.30
N GLU B 568 1.18 14.46 -2.07
CA GLU B 568 0.47 13.89 -0.95
C GLU B 568 -0.38 14.95 -0.20
N PRO B 569 -1.48 14.55 0.45
CA PRO B 569 -2.41 15.49 1.08
C PRO B 569 -1.77 16.46 2.06
N TYR B 570 -0.74 16.04 2.80
CA TYR B 570 -0.07 16.88 3.78
C TYR B 570 0.59 18.13 3.16
N SER B 571 0.97 18.10 1.87
CA SER B 571 1.63 19.23 1.21
C SER B 571 0.64 20.24 0.63
N TRP B 572 -0.63 19.86 0.47
CA TRP B 572 -1.60 20.69 -0.26
C TRP B 572 -1.93 21.98 0.46
N PRO B 573 -2.32 22.04 1.75
CA PRO B 573 -2.70 23.31 2.37
C PRO B 573 -1.59 24.37 2.37
N GLY B 574 -0.32 23.93 2.30
CA GLY B 574 0.84 24.81 2.16
C GLY B 574 1.18 25.21 0.72
N SER B 575 0.57 24.57 -0.28
CA SER B 575 0.91 24.66 -1.71
C SER B 575 2.42 24.50 -1.96
N LEU B 576 3.02 23.48 -1.32
CA LEU B 576 4.49 23.31 -1.25
C LEU B 576 5.13 22.86 -2.58
N SER B 577 4.35 22.26 -3.46
CA SER B 577 4.75 21.86 -4.82
C SER B 577 3.62 22.14 -5.80
N GLY B 578 3.95 22.25 -7.09
CA GLY B 578 2.98 22.47 -8.16
C GLY B 578 3.16 21.48 -9.32
N VAL B 579 2.50 21.78 -10.44
CA VAL B 579 2.47 20.90 -11.63
C VAL B 579 2.81 21.72 -12.87
N SER B 580 3.75 21.24 -13.69
CA SER B 580 4.01 21.87 -14.99
C SER B 580 2.90 21.51 -15.98
N PHE B 581 2.27 22.53 -16.57
CA PHE B 581 1.15 22.35 -17.49
C PHE B 581 1.58 22.49 -18.95
N TRP B 582 2.55 23.35 -19.22
CA TRP B 582 3.04 23.63 -20.57
C TRP B 582 4.40 24.33 -20.51
N THR B 583 5.22 24.08 -21.53
CA THR B 583 6.53 24.71 -21.71
C THR B 583 6.80 24.94 -23.19
N ASN B 584 7.33 26.10 -23.54
CA ASN B 584 7.88 26.38 -24.86
C ASN B 584 9.39 26.64 -24.72
N GLY B 585 10.19 25.75 -25.32
CA GLY B 585 11.65 25.76 -25.21
C GLY B 585 12.29 26.96 -25.90
N ASP B 586 11.76 27.38 -27.05
CA ASP B 586 12.33 28.44 -27.88
C ASP B 586 12.12 29.82 -27.23
N GLU B 587 10.93 30.08 -26.71
CA GLU B 587 10.59 31.34 -26.06
C GLU B 587 10.90 31.35 -24.55
N LYS B 588 11.31 30.20 -23.98
CA LYS B 588 11.50 29.98 -22.53
C LYS B 588 10.28 30.39 -21.70
N LYS B 589 9.09 29.98 -22.14
CA LYS B 589 7.81 30.29 -21.49
C LYS B 589 7.21 29.03 -20.88
N GLN B 590 6.46 29.16 -19.79
CA GLN B 590 5.84 28.02 -19.12
C GLN B 590 4.56 28.38 -18.39
N ILE B 591 3.63 27.43 -18.30
CA ILE B 591 2.48 27.47 -17.41
C ILE B 591 2.73 26.51 -16.25
N TYR B 592 2.59 27.00 -15.02
CA TYR B 592 2.79 26.25 -13.80
C TYR B 592 1.59 26.38 -12.87
N PHE B 593 1.03 25.24 -12.48
CA PHE B 593 -0.12 25.16 -11.60
C PHE B 593 0.31 25.16 -10.13
N ILE B 594 -0.02 26.24 -9.43
CA ILE B 594 0.26 26.43 -8.00
C ILE B 594 -0.78 27.34 -7.36
N GLY B 595 -1.06 27.17 -6.07
CA GLY B 595 -1.95 28.04 -5.30
C GLY B 595 -1.33 29.40 -4.97
N ASN B 596 -2.18 30.39 -4.64
CA ASN B 596 -1.71 31.66 -4.12
C ASN B 596 -1.23 31.47 -2.67
N ILE B 597 0.08 31.29 -2.48
CA ILE B 597 0.66 30.84 -1.20
C ILE B 597 0.27 31.74 -0.02
N ILE B 598 0.24 33.06 -0.22
CA ILE B 598 -0.22 34.00 0.82
C ILE B 598 -1.67 33.72 1.21
N GLY B 599 -2.55 33.53 0.21
CA GLY B 599 -3.95 33.20 0.42
C GLY B 599 -4.14 31.85 1.13
N TRP B 600 -3.38 30.83 0.73
CA TRP B 600 -3.47 29.48 1.29
C TRP B 600 -2.97 29.45 2.73
N TRP B 601 -1.83 30.09 3.02
CA TRP B 601 -1.30 30.18 4.38
C TRP B 601 -2.20 30.99 5.31
N PHE B 602 -2.80 32.07 4.80
CA PHE B 602 -3.83 32.81 5.52
C PHE B 602 -5.02 31.91 5.90
N GLN B 603 -5.42 30.98 5.03
CA GLN B 603 -6.49 30.02 5.34
C GLN B 603 -6.04 28.96 6.36
N VAL B 604 -4.81 28.44 6.27
CA VAL B 604 -4.26 27.51 7.27
C VAL B 604 -4.24 28.17 8.66
N ILE B 605 -3.78 29.42 8.76
CA ILE B 605 -3.81 30.21 10.00
C ILE B 605 -5.26 30.36 10.48
N SER B 606 -6.19 30.66 9.59
CA SER B 606 -7.61 30.81 9.93
C SER B 606 -8.18 29.52 10.52
N LEU B 607 -7.91 28.36 9.91
CA LEU B 607 -8.35 27.06 10.41
C LEU B 607 -7.77 26.76 11.81
N ALA B 608 -6.48 27.03 12.01
CA ALA B 608 -5.82 26.83 13.31
C ALA B 608 -6.39 27.75 14.40
N VAL B 609 -6.61 29.04 14.09
CA VAL B 609 -7.21 30.01 15.00
C VAL B 609 -8.62 29.59 15.41
N PHE B 610 -9.44 29.13 14.48
CA PHE B 610 -10.78 28.64 14.79
C PHE B 610 -10.77 27.43 15.73
N VAL B 611 -9.92 26.44 15.47
CA VAL B 611 -9.77 25.28 16.38
C VAL B 611 -9.38 25.76 17.78
N GLY B 612 -8.44 26.71 17.88
CA GLY B 612 -8.07 27.35 19.15
C GLY B 612 -9.25 28.03 19.84
N ILE B 613 -10.08 28.78 19.11
CA ILE B 613 -11.29 29.44 19.64
C ILE B 613 -12.30 28.42 20.17
N ILE B 614 -12.59 27.36 19.40
CA ILE B 614 -13.53 26.31 19.81
C ILE B 614 -13.03 25.59 21.06
N VAL B 615 -11.75 25.19 21.10
CA VAL B 615 -11.16 24.54 22.28
C VAL B 615 -11.20 25.46 23.50
N ALA B 616 -10.87 26.75 23.34
CA ALA B 616 -10.95 27.73 24.42
C ALA B 616 -12.38 27.93 24.94
N ASP B 617 -13.37 28.06 24.05
CA ASP B 617 -14.80 28.14 24.41
C ASP B 617 -15.26 26.91 25.20
N LEU B 618 -14.90 25.70 24.75
CA LEU B 618 -15.25 24.46 25.43
C LEU B 618 -14.61 24.36 26.83
N ILE B 619 -13.33 24.70 26.96
CA ILE B 619 -12.61 24.68 28.25
C ILE B 619 -13.21 25.71 29.21
N THR B 620 -13.41 26.95 28.76
CA THR B 620 -13.94 28.03 29.62
C THR B 620 -15.35 27.73 30.11
N ARG B 621 -16.24 27.25 29.22
CA ARG B 621 -17.58 26.79 29.62
C ARG B 621 -17.55 25.68 30.64
N HIS B 622 -16.69 24.67 30.46
CA HIS B 622 -16.58 23.59 31.48
C HIS B 622 -16.27 24.20 32.85
N ARG B 623 -15.48 25.28 32.89
CA ARG B 623 -15.10 25.96 34.13
C ARG B 623 -16.16 26.94 34.65
N GLY B 624 -17.34 27.00 34.03
CA GLY B 624 -18.41 27.94 34.39
C GLY B 624 -18.11 29.39 33.98
N TYR B 625 -17.17 29.60 33.06
CA TYR B 625 -16.82 30.91 32.52
C TYR B 625 -17.33 31.06 31.09
N TYR B 626 -18.29 31.94 30.87
CA TYR B 626 -19.00 32.11 29.59
C TYR B 626 -18.48 33.34 28.86
N ALA B 627 -17.33 33.21 28.21
CA ALA B 627 -16.64 34.33 27.59
C ALA B 627 -17.38 34.91 26.37
N LEU B 628 -17.98 34.04 25.56
CA LEU B 628 -18.55 34.37 24.26
C LEU B 628 -20.05 34.60 24.34
N ASN B 629 -20.52 35.70 23.73
CA ASN B 629 -21.93 36.00 23.50
C ASN B 629 -22.60 34.89 22.67
N LYS B 630 -23.87 34.59 22.96
CA LYS B 630 -24.74 33.71 22.18
C LYS B 630 -24.65 33.93 20.66
N MET B 631 -24.75 35.17 20.16
CA MET B 631 -24.69 35.43 18.71
C MET B 631 -23.34 35.08 18.09
N THR B 632 -22.24 35.32 18.81
CA THR B 632 -20.90 34.89 18.37
C THR B 632 -20.83 33.38 18.28
N ARG B 633 -21.41 32.67 19.24
CA ARG B 633 -21.47 31.20 19.20
C ARG B 633 -22.33 30.67 18.08
N GLU B 634 -23.47 31.29 17.79
CA GLU B 634 -24.28 30.90 16.64
C GLU B 634 -23.50 31.02 15.33
N LYS B 635 -22.65 32.05 15.17
CA LYS B 635 -21.74 32.15 14.02
C LYS B 635 -20.68 31.04 14.02
N LEU B 636 -20.06 30.76 15.17
CA LEU B 636 -18.99 29.77 15.31
C LEU B 636 -19.49 28.32 15.09
N TYR B 637 -20.57 27.94 15.77
CA TYR B 637 -21.12 26.59 15.75
C TYR B 637 -22.14 26.36 14.61
N GLY B 638 -22.56 27.43 13.91
CA GLY B 638 -23.39 27.36 12.71
C GLY B 638 -22.57 27.43 11.43
N PRO B 639 -22.50 28.59 10.75
CA PRO B 639 -21.84 28.71 9.45
C PRO B 639 -20.37 28.31 9.47
N LEU B 640 -19.59 28.72 10.49
CA LEU B 640 -18.16 28.40 10.55
C LEU B 640 -17.92 26.91 10.76
N MET B 641 -18.66 26.27 11.67
CA MET B 641 -18.59 24.82 11.86
C MET B 641 -19.06 24.07 10.60
N PHE B 642 -20.12 24.54 9.93
CA PHE B 642 -20.58 23.95 8.66
C PHE B 642 -19.47 23.98 7.60
N PHE B 643 -18.79 25.12 7.43
CA PHE B 643 -17.67 25.21 6.50
C PHE B 643 -16.45 24.40 6.96
N PHE B 644 -16.13 24.39 8.25
CA PHE B 644 -15.03 23.61 8.80
C PHE B 644 -15.22 22.11 8.56
N VAL B 645 -16.40 21.57 8.89
CA VAL B 645 -16.73 20.16 8.62
C VAL B 645 -16.74 19.88 7.12
N SER B 646 -17.27 20.81 6.31
CA SER B 646 -17.25 20.66 4.85
C SER B 646 -15.81 20.62 4.31
N TRP B 647 -14.90 21.45 4.83
CA TRP B 647 -13.48 21.41 4.50
C TRP B 647 -12.85 20.07 4.92
N CYS B 648 -13.13 19.60 6.14
CA CYS B 648 -12.69 18.28 6.62
C CYS B 648 -13.12 17.15 5.67
N CYS B 649 -14.37 17.16 5.19
CA CYS B 649 -14.88 16.18 4.23
C CYS B 649 -14.14 16.23 2.89
N HIS B 650 -13.65 17.39 2.46
CA HIS B 650 -12.91 17.55 1.19
C HIS B 650 -11.39 17.41 1.36
N TYR B 651 -10.88 17.21 2.58
CA TYR B 651 -9.44 17.11 2.83
C TYR B 651 -9.03 15.76 3.44
N PHE B 652 -9.57 15.39 4.60
CA PHE B 652 -9.09 14.22 5.33
C PHE B 652 -9.29 12.86 4.62
N PRO B 653 -10.38 12.62 3.86
CA PRO B 653 -10.54 11.35 3.16
C PRO B 653 -9.40 11.01 2.20
N PHE B 654 -8.66 11.99 1.69
CA PHE B 654 -7.52 11.76 0.80
C PHE B 654 -6.33 11.07 1.47
N PHE B 655 -6.20 11.15 2.81
CA PHE B 655 -5.20 10.40 3.56
C PHE B 655 -5.48 8.89 3.58
N LEU B 656 -6.72 8.49 3.31
CA LEU B 656 -7.15 7.08 3.25
C LEU B 656 -7.05 6.51 1.82
N MET B 657 -6.73 7.33 0.83
CA MET B 657 -6.63 6.92 -0.57
C MET B 657 -5.19 6.56 -0.94
N ALA B 658 -5.00 5.33 -1.43
CA ALA B 658 -3.70 4.79 -1.84
C ALA B 658 -3.36 5.03 -3.33
N ARG B 659 -4.31 5.54 -4.14
CA ARG B 659 -4.05 5.89 -5.54
C ARG B 659 -3.23 7.17 -5.67
N GLN B 660 -2.74 7.46 -6.88
CA GLN B 660 -2.12 8.75 -7.20
C GLN B 660 -3.05 9.92 -6.89
N LYS B 661 -2.49 10.98 -6.32
CA LYS B 661 -3.19 12.23 -5.97
C LYS B 661 -2.34 13.42 -6.41
N PHE B 662 -3.00 14.57 -6.56
CA PHE B 662 -2.43 15.80 -7.13
C PHE B 662 -3.03 17.00 -6.43
N LEU B 663 -2.32 18.14 -6.47
CA LEU B 663 -2.73 19.38 -5.79
C LEU B 663 -4.15 19.86 -6.18
N HIS B 664 -4.59 19.65 -7.43
CA HIS B 664 -5.93 20.08 -7.87
C HIS B 664 -7.07 19.41 -7.06
N HIS B 665 -6.82 18.24 -6.46
CA HIS B 665 -7.79 17.57 -5.58
C HIS B 665 -8.14 18.39 -4.33
N TYR B 666 -7.28 19.34 -3.93
CA TYR B 666 -7.53 20.23 -2.81
C TYR B 666 -8.36 21.47 -3.17
N LEU B 667 -8.54 21.80 -4.46
CA LEU B 667 -9.29 23.01 -4.86
C LEU B 667 -10.72 23.08 -4.30
N PRO B 668 -11.50 21.97 -4.22
CA PRO B 668 -12.76 21.94 -3.49
C PRO B 668 -12.65 22.33 -2.01
N ALA B 669 -11.61 21.86 -1.32
CA ALA B 669 -11.38 22.20 0.08
C ALA B 669 -10.96 23.67 0.21
N HIS B 670 -10.03 24.14 -0.63
CA HIS B 670 -9.63 25.56 -0.71
C HIS B 670 -10.82 26.48 -0.95
N LEU B 671 -11.74 26.12 -1.87
CA LEU B 671 -12.96 26.88 -2.13
C LEU B 671 -13.78 27.10 -0.84
N ILE B 672 -13.96 26.05 -0.04
CA ILE B 672 -14.66 26.11 1.24
C ILE B 672 -13.85 26.90 2.28
N ALA B 673 -12.53 26.73 2.30
CA ALA B 673 -11.63 27.47 3.18
C ALA B 673 -11.65 28.99 2.91
N CYS B 674 -11.87 29.44 1.68
CA CYS B 674 -12.09 30.86 1.36
C CYS B 674 -13.34 31.42 2.04
N LEU B 675 -14.48 30.71 1.97
CA LEU B 675 -15.72 31.11 2.67
C LEU B 675 -15.51 31.18 4.17
N PHE B 676 -14.89 30.12 4.69
CA PHE B 676 -14.59 29.96 6.10
C PHE B 676 -13.72 31.12 6.63
N SER B 677 -12.60 31.40 5.96
CA SER B 677 -11.66 32.43 6.42
C SER B 677 -12.29 33.82 6.39
N GLY B 678 -13.04 34.18 5.34
CA GLY B 678 -13.77 35.44 5.32
C GLY B 678 -14.71 35.57 6.52
N ALA B 679 -15.55 34.55 6.75
CA ALA B 679 -16.48 34.50 7.87
C ALA B 679 -15.77 34.60 9.23
N LEU B 680 -14.67 33.87 9.43
CA LEU B 680 -13.96 33.79 10.71
C LEU B 680 -13.45 35.15 11.15
N TRP B 681 -12.80 35.87 10.24
CA TRP B 681 -12.21 37.15 10.58
C TRP B 681 -13.28 38.22 10.84
N GLU B 682 -14.47 38.15 10.24
CA GLU B 682 -15.58 39.03 10.67
C GLU B 682 -15.95 38.76 12.14
N VAL B 683 -16.01 37.49 12.55
CA VAL B 683 -16.31 37.11 13.94
C VAL B 683 -15.23 37.63 14.88
N ILE B 684 -13.95 37.45 14.56
CA ILE B 684 -12.82 37.93 15.38
C ILE B 684 -12.88 39.45 15.58
N PHE B 685 -13.25 40.21 14.53
CA PHE B 685 -13.41 41.67 14.60
C PHE B 685 -14.82 42.11 15.06
N SER B 686 -15.61 41.22 15.66
CA SER B 686 -16.89 41.55 16.29
C SER B 686 -16.78 41.63 17.82
N ASP B 687 -17.70 42.36 18.44
CA ASP B 687 -17.85 42.37 19.90
C ASP B 687 -18.35 41.00 20.40
N CYS B 688 -17.40 40.13 20.73
CA CYS B 688 -17.69 38.74 21.08
C CYS B 688 -18.03 38.52 22.55
N LYS B 689 -17.92 39.54 23.40
CA LYS B 689 -18.02 39.38 24.85
C LYS B 689 -19.46 39.09 25.28
N SER B 690 -19.63 38.12 26.16
CA SER B 690 -20.89 37.96 26.89
C SER B 690 -21.17 39.17 27.78
N LEU B 691 -22.46 39.44 28.03
CA LEU B 691 -22.92 40.46 28.96
C LEU B 691 -22.56 40.14 30.42
N ASP B 692 -22.54 38.85 30.78
CA ASP B 692 -22.26 38.36 32.12
C ASP B 692 -21.47 37.06 32.05
N LEU B 693 -20.19 37.12 32.41
CA LEU B 693 -19.24 36.01 32.29
C LEU B 693 -19.58 34.81 33.18
N GLU B 694 -20.45 34.97 34.18
CA GLU B 694 -20.86 33.92 35.09
C GLU B 694 -22.16 33.23 34.66
N LYS B 695 -22.85 33.74 33.63
CA LYS B 695 -24.13 33.22 33.15
C LYS B 695 -24.05 32.72 31.72
N ASP B 696 -24.57 31.51 31.52
CA ASP B 696 -24.69 30.95 30.17
C ASP B 696 -25.86 31.60 29.42
N GLU B 697 -25.55 32.41 28.42
CA GLU B 697 -26.54 33.07 27.55
C GLU B 697 -27.35 32.08 26.69
N ASP B 698 -26.93 30.81 26.60
CA ASP B 698 -27.71 29.76 25.93
C ASP B 698 -28.88 29.25 26.76
N ILE B 699 -28.92 29.55 28.07
CA ILE B 699 -30.05 29.17 28.92
C ILE B 699 -31.29 29.95 28.48
N SER B 700 -32.42 29.25 28.37
CA SER B 700 -33.68 29.87 27.98
C SER B 700 -34.06 31.00 28.94
N GLY B 701 -34.30 32.19 28.38
CA GLY B 701 -34.66 33.40 29.13
C GLY B 701 -33.47 34.29 29.51
N ALA B 702 -32.22 33.87 29.28
CA ALA B 702 -31.06 34.72 29.48
C ALA B 702 -31.06 35.90 28.48
N SER B 703 -30.67 37.08 28.97
CA SER B 703 -30.45 38.26 28.14
C SER B 703 -29.10 38.14 27.43
N TYR B 704 -29.05 38.48 26.15
CA TYR B 704 -27.82 38.51 25.34
C TYR B 704 -27.89 39.64 24.32
N GLU B 705 -26.72 40.13 23.87
CA GLU B 705 -26.64 41.16 22.82
C GLU B 705 -26.96 40.53 21.46
N ARG B 706 -28.06 40.99 20.84
CA ARG B 706 -28.59 40.43 19.58
C ARG B 706 -27.86 40.94 18.35
N ASN B 707 -27.27 42.14 18.40
CA ASN B 707 -26.58 42.75 17.28
C ASN B 707 -25.15 43.13 17.66
N PRO B 708 -24.24 42.15 17.87
CA PRO B 708 -22.86 42.43 18.20
C PRO B 708 -22.23 43.37 17.18
N LYS B 709 -21.58 44.43 17.67
CA LYS B 709 -20.96 45.43 16.81
C LYS B 709 -19.73 44.84 16.12
N VAL B 710 -19.65 44.95 14.81
CA VAL B 710 -18.42 44.70 14.06
C VAL B 710 -17.55 45.96 14.10
N TYR B 711 -16.27 45.83 14.47
CA TYR B 711 -15.29 46.91 14.43
C TYR B 711 -14.86 47.16 12.98
N VAL B 712 -15.76 47.77 12.19
CA VAL B 712 -15.63 47.86 10.72
C VAL B 712 -14.33 48.53 10.27
N LYS B 713 -13.89 49.63 10.91
CA LYS B 713 -12.67 50.33 10.49
C LYS B 713 -11.40 49.45 10.55
N PRO B 714 -11.00 48.90 11.71
CA PRO B 714 -9.84 48.02 11.77
C PRO B 714 -10.04 46.73 10.96
N TYR B 715 -11.26 46.19 10.90
CA TYR B 715 -11.57 45.03 10.07
C TYR B 715 -11.33 45.29 8.58
N THR B 716 -11.82 46.41 8.05
CA THR B 716 -11.61 46.79 6.65
C THR B 716 -10.13 47.02 6.35
N VAL B 717 -9.39 47.69 7.24
CA VAL B 717 -7.93 47.87 7.06
C VAL B 717 -7.24 46.51 6.99
N PHE B 718 -7.56 45.60 7.91
CA PHE B 718 -7.02 44.24 7.91
C PHE B 718 -7.31 43.50 6.60
N LEU B 719 -8.57 43.49 6.15
CA LEU B 719 -8.96 42.83 4.90
C LEU B 719 -8.26 43.45 3.68
N VAL B 720 -8.11 44.77 3.64
CA VAL B 720 -7.39 45.46 2.56
C VAL B 720 -5.92 45.05 2.54
N CYS B 721 -5.25 45.01 3.70
CA CYS B 721 -3.86 44.55 3.78
C CYS B 721 -3.67 43.13 3.25
N VAL B 722 -4.53 42.18 3.67
CA VAL B 722 -4.47 40.79 3.20
C VAL B 722 -4.79 40.72 1.69
N SER B 723 -5.81 41.45 1.23
CA SER B 723 -6.17 41.50 -0.19
C SER B 723 -5.04 42.04 -1.07
N CYS B 724 -4.35 43.10 -0.62
CA CYS B 724 -3.19 43.65 -1.31
C CYS B 724 -2.03 42.64 -1.38
N ALA B 725 -1.78 41.89 -0.31
CA ALA B 725 -0.75 40.86 -0.30
C ALA B 725 -1.07 39.70 -1.27
N VAL B 726 -2.32 39.21 -1.26
CA VAL B 726 -2.79 38.17 -2.19
C VAL B 726 -2.73 38.65 -3.64
N ALA B 727 -3.14 39.91 -3.91
CA ALA B 727 -3.06 40.51 -5.23
C ALA B 727 -1.61 40.70 -5.71
N TRP B 728 -0.72 41.13 -4.82
CA TRP B 728 0.71 41.24 -5.11
C TRP B 728 1.30 39.88 -5.52
N PHE B 729 0.99 38.82 -4.77
CA PHE B 729 1.44 37.46 -5.11
C PHE B 729 0.90 37.01 -6.47
N PHE B 730 -0.39 37.22 -6.73
CA PHE B 730 -1.01 36.87 -8.01
C PHE B 730 -0.31 37.56 -9.18
N VAL B 731 0.00 38.87 -9.05
CA VAL B 731 0.75 39.62 -10.07
C VAL B 731 2.17 39.06 -10.23
N TYR B 732 2.86 38.77 -9.12
CA TYR B 732 4.22 38.23 -9.14
C TYR B 732 4.32 36.85 -9.84
N PHE B 733 3.32 35.98 -9.66
CA PHE B 733 3.21 34.67 -10.31
C PHE B 733 2.45 34.69 -11.65
N SER B 734 1.89 35.83 -12.06
CA SER B 734 1.09 35.91 -13.30
C SER B 734 1.81 35.39 -14.56
N PRO B 735 3.13 35.58 -14.76
CA PRO B 735 3.85 34.96 -15.88
C PRO B 735 3.71 33.43 -15.94
N LEU B 736 3.64 32.77 -14.78
CA LEU B 736 3.50 31.31 -14.68
C LEU B 736 2.03 30.86 -14.76
N VAL B 737 1.07 31.74 -14.47
CA VAL B 737 -0.37 31.47 -14.64
C VAL B 737 -0.78 31.54 -16.11
N TYR B 738 -0.24 32.52 -16.83
CA TYR B 738 -0.61 32.81 -18.22
C TYR B 738 0.38 32.22 -19.24
N GLY B 739 1.62 31.97 -18.83
CA GLY B 739 2.70 31.50 -19.71
C GLY B 739 3.12 32.51 -20.77
N ASP B 740 2.68 33.77 -20.68
CA ASP B 740 2.75 34.75 -21.76
C ASP B 740 4.00 35.64 -21.73
N VAL B 741 4.79 35.55 -20.65
CA VAL B 741 6.01 36.34 -20.43
C VAL B 741 7.18 35.37 -20.21
N SER B 742 8.26 35.58 -20.96
CA SER B 742 9.52 34.88 -20.75
C SER B 742 10.21 35.46 -19.51
N LEU B 743 10.65 34.59 -18.60
CA LEU B 743 11.37 34.98 -17.39
C LEU B 743 12.86 34.68 -17.56
N SER B 744 13.71 35.59 -17.11
CA SER B 744 15.15 35.31 -17.02
C SER B 744 15.42 34.18 -16.00
N PRO B 745 16.52 33.42 -16.14
CA PRO B 745 16.83 32.34 -15.20
C PRO B 745 16.86 32.79 -13.72
N SER B 746 17.35 34.00 -13.43
CA SER B 746 17.33 34.57 -12.07
C SER B 746 15.92 34.86 -11.58
N GLU B 747 15.01 35.31 -12.45
CA GLU B 747 13.60 35.51 -12.12
C GLU B 747 12.85 34.20 -11.92
N VAL B 748 13.20 33.15 -12.68
CA VAL B 748 12.69 31.80 -12.47
C VAL B 748 13.12 31.29 -11.09
N VAL B 749 14.43 31.30 -10.81
CA VAL B 749 14.98 30.87 -9.52
C VAL B 749 14.39 31.67 -8.34
N SER B 750 14.08 32.96 -8.52
CA SER B 750 13.43 33.75 -7.46
C SER B 750 12.01 33.28 -7.08
N ARG B 751 11.37 32.50 -7.96
CA ARG B 751 10.04 31.89 -7.77
C ARG B 751 10.12 30.42 -7.37
N GLU B 752 11.32 29.84 -7.37
CA GLU B 752 11.58 28.50 -6.82
C GLU B 752 11.79 28.62 -5.31
N TRP B 753 10.86 28.08 -4.54
CA TRP B 753 11.00 27.86 -3.11
C TRP B 753 10.33 26.52 -2.74
N PHE B 754 10.67 25.95 -1.59
CA PHE B 754 10.21 24.60 -1.20
C PHE B 754 10.52 23.57 -2.30
N ASP B 755 9.52 22.79 -2.74
CA ASP B 755 9.64 21.77 -3.78
C ASP B 755 9.10 22.26 -5.14
N ILE B 756 9.09 23.57 -5.37
CA ILE B 756 8.72 24.16 -6.65
C ILE B 756 9.93 24.10 -7.58
N GLU B 757 9.88 23.17 -8.53
CA GLU B 757 10.84 23.08 -9.63
C GLU B 757 10.23 23.70 -10.89
N LEU B 758 10.88 24.73 -11.44
CA LEU B 758 10.46 25.41 -12.65
C LEU B 758 11.41 25.11 -13.80
N ASN B 759 10.87 25.12 -15.02
CA ASN B 759 11.70 25.03 -16.21
C ASN B 759 12.45 26.34 -16.45
N PHE B 760 13.58 26.28 -17.16
CA PHE B 760 14.40 27.45 -17.52
C PHE B 760 15.07 28.18 -16.34
N SER B 761 15.30 27.49 -15.21
CA SER B 761 16.09 27.99 -14.08
C SER B 761 17.60 28.03 -14.34
N LYS B 762 18.06 27.40 -15.43
CA LYS B 762 19.47 27.30 -15.85
C LYS B 762 19.80 28.15 -17.06
#